data_7FVE
# 
_entry.id   7FVE 
# 
_audit_conform.dict_name       mmcif_pdbx.dic 
_audit_conform.dict_version    5.392 
_audit_conform.dict_location   http://mmcif.pdb.org/dictionaries/ascii/mmcif_pdbx.dic 
# 
loop_
_database_2.database_id 
_database_2.database_code 
_database_2.pdbx_database_accession 
_database_2.pdbx_DOI 
PDB   7FVE         pdb_00007fve 10.2210/pdb7fve/pdb 
WWPDB D_1001405395 ?            ?                   
# 
loop_
_pdbx_audit_revision_history.ordinal 
_pdbx_audit_revision_history.data_content_type 
_pdbx_audit_revision_history.major_revision 
_pdbx_audit_revision_history.minor_revision 
_pdbx_audit_revision_history.revision_date 
1 'Structure model' 1 0 2023-03-29 
2 'Structure model' 1 1 2024-05-22 
# 
_pdbx_audit_revision_details.ordinal             1 
_pdbx_audit_revision_details.revision_ordinal    1 
_pdbx_audit_revision_details.data_content_type   'Structure model' 
_pdbx_audit_revision_details.provider            repository 
_pdbx_audit_revision_details.type                'Initial release' 
_pdbx_audit_revision_details.description         ? 
_pdbx_audit_revision_details.details             ? 
# 
_pdbx_audit_revision_group.ordinal             1 
_pdbx_audit_revision_group.revision_ordinal    2 
_pdbx_audit_revision_group.data_content_type   'Structure model' 
_pdbx_audit_revision_group.group               'Data collection' 
# 
loop_
_pdbx_audit_revision_category.ordinal 
_pdbx_audit_revision_category.revision_ordinal 
_pdbx_audit_revision_category.data_content_type 
_pdbx_audit_revision_category.category 
1 2 'Structure model' chem_comp_atom 
2 2 'Structure model' chem_comp_bond 
# 
_pdbx_database_status.entry_id                        7FVE 
_pdbx_database_status.status_code                     REL 
_pdbx_database_status.status_code_sf                  REL 
_pdbx_database_status.status_code_mr                  ? 
_pdbx_database_status.status_code_cs                  ? 
_pdbx_database_status.recvd_initial_deposition_date   2023-03-09 
_pdbx_database_status.status_code_nmr_data            ? 
_pdbx_database_status.deposit_site                    RCSB 
_pdbx_database_status.process_site                    RCSB 
_pdbx_database_status.SG_entry                        ? 
_pdbx_database_status.pdb_format_compatible           Y 
_pdbx_database_status.methods_development_category    ? 
# 
_pdbx_contact_author.id                 1 
_pdbx_contact_author.email              frank.von-delft@diamond.ac.uk 
_pdbx_contact_author.name_first         Frank 
_pdbx_contact_author.name_last          'von Delft' 
_pdbx_contact_author.role               'principal investigator/group leader' 
_pdbx_contact_author.identifier_ORCID   0000-0003-0378-0017 
_pdbx_contact_author.name_mi            ? 
# 
loop_
_audit_author.name 
_audit_author.pdbx_ordinal 
'Grosjean, H.'   1 
'Tomlinson, C.'  2 
'Bradshaw, W.J.' 3 
'Koekemoer, L.'  4 
'Krojer, T.'     5 
'Fearon, D.'     6 
'Biggin, P.C.'   7 
'von Delft, F.'  8 
# 
_citation.id                        primary 
_citation.title                     'PanDDA analysis group deposition' 
_citation.journal_abbrev            'To Be Published' 
_citation.journal_volume            ? 
_citation.page_first                ? 
_citation.page_last                 ? 
_citation.year                      ? 
_citation.journal_id_ASTM           ? 
_citation.country                   ? 
_citation.journal_id_ISSN           ? 
_citation.journal_id_CSD            0353 
_citation.book_publisher            ? 
_citation.pdbx_database_id_PubMed   ? 
_citation.pdbx_database_id_DOI      ? 
# 
loop_
_citation_author.citation_id 
_citation_author.name 
_citation_author.identifier_ORCID 
_citation_author.ordinal 
primary 'Grosjean, H.'   ? 1 
primary 'Tomlinson, C.'  ? 2 
primary 'Bradshaw, W.J.' ? 3 
primary 'Koekemoer, L.'  ? 4 
primary 'Krojer, T.'     ? 5 
primary 'Fearon, D.'     ? 6 
primary 'Biggin, P.C.'   ? 7 
primary 'von Delft, F.'  ? 8 
# 
loop_
_entity.id 
_entity.type 
_entity.src_method 
_entity.pdbx_description 
_entity.formula_weight 
_entity.pdbx_number_of_molecules 
_entity.pdbx_ec 
_entity.pdbx_mutation 
_entity.pdbx_fragment 
_entity.details 
1 polymer     man 'PH-interacting protein'                                                            17627.859 1   ? ? ? ? 
2 non-polymer syn '4-(5-bromofuran-2-carbonyl)-N-[3-(3-methylphenoxy)propyl]piperazine-1-carboxamide' 450.326   1   ? ? ? ? 
3 water       nat water                                                                               18.015    211 ? ? ? ? 
# 
_entity_name_com.entity_id   1 
_entity_name_com.name        
'PHIP,DDB1- and CUL4-associated factor 14,IRS-1 PH domain-binding protein,WD repeat-containing protein 11' 
# 
_entity_poly.entity_id                      1 
_entity_poly.type                           'polypeptide(L)' 
_entity_poly.nstd_linkage                   no 
_entity_poly.nstd_monomer                   no 
_entity_poly.pdbx_seq_one_letter_code       
;MHHHHHHSSGVDLGTENLYFQSMSYDIQAWKKQCEELLNLIFQCEDSEPFRQPVDLLEYPDYRDIIDTPMDFATVRETLE
AGNYESPMELCKDVRLIFSNSKAYTPSKRSRIYSMSLRLSAFFEEHISSVLSDYKSALRFHKRNTITKR
;
_entity_poly.pdbx_seq_one_letter_code_can   
;MHHHHHHSSGVDLGTENLYFQSMSYDIQAWKKQCEELLNLIFQCEDSEPFRQPVDLLEYPDYRDIIDTPMDFATVRETLE
AGNYESPMELCKDVRLIFSNSKAYTPSKRSRIYSMSLRLSAFFEEHISSVLSDYKSALRFHKRNTITKR
;
_entity_poly.pdbx_strand_id                 A 
_entity_poly.pdbx_target_identifier         ? 
# 
loop_
_pdbx_entity_nonpoly.entity_id 
_pdbx_entity_nonpoly.name 
_pdbx_entity_nonpoly.comp_id 
2 '4-(5-bromofuran-2-carbonyl)-N-[3-(3-methylphenoxy)propyl]piperazine-1-carboxamide' ZMN 
3 water                                                                               HOH 
# 
loop_
_entity_poly_seq.entity_id 
_entity_poly_seq.num 
_entity_poly_seq.mon_id 
_entity_poly_seq.hetero 
1 1   MET n 
1 2   HIS n 
1 3   HIS n 
1 4   HIS n 
1 5   HIS n 
1 6   HIS n 
1 7   HIS n 
1 8   SER n 
1 9   SER n 
1 10  GLY n 
1 11  VAL n 
1 12  ASP n 
1 13  LEU n 
1 14  GLY n 
1 15  THR n 
1 16  GLU n 
1 17  ASN n 
1 18  LEU n 
1 19  TYR n 
1 20  PHE n 
1 21  GLN n 
1 22  SER n 
1 23  MET n 
1 24  SER n 
1 25  TYR n 
1 26  ASP n 
1 27  ILE n 
1 28  GLN n 
1 29  ALA n 
1 30  TRP n 
1 31  LYS n 
1 32  LYS n 
1 33  GLN n 
1 34  CYS n 
1 35  GLU n 
1 36  GLU n 
1 37  LEU n 
1 38  LEU n 
1 39  ASN n 
1 40  LEU n 
1 41  ILE n 
1 42  PHE n 
1 43  GLN n 
1 44  CYS n 
1 45  GLU n 
1 46  ASP n 
1 47  SER n 
1 48  GLU n 
1 49  PRO n 
1 50  PHE n 
1 51  ARG n 
1 52  GLN n 
1 53  PRO n 
1 54  VAL n 
1 55  ASP n 
1 56  LEU n 
1 57  LEU n 
1 58  GLU n 
1 59  TYR n 
1 60  PRO n 
1 61  ASP n 
1 62  TYR n 
1 63  ARG n 
1 64  ASP n 
1 65  ILE n 
1 66  ILE n 
1 67  ASP n 
1 68  THR n 
1 69  PRO n 
1 70  MET n 
1 71  ASP n 
1 72  PHE n 
1 73  ALA n 
1 74  THR n 
1 75  VAL n 
1 76  ARG n 
1 77  GLU n 
1 78  THR n 
1 79  LEU n 
1 80  GLU n 
1 81  ALA n 
1 82  GLY n 
1 83  ASN n 
1 84  TYR n 
1 85  GLU n 
1 86  SER n 
1 87  PRO n 
1 88  MET n 
1 89  GLU n 
1 90  LEU n 
1 91  CYS n 
1 92  LYS n 
1 93  ASP n 
1 94  VAL n 
1 95  ARG n 
1 96  LEU n 
1 97  ILE n 
1 98  PHE n 
1 99  SER n 
1 100 ASN n 
1 101 SER n 
1 102 LYS n 
1 103 ALA n 
1 104 TYR n 
1 105 THR n 
1 106 PRO n 
1 107 SER n 
1 108 LYS n 
1 109 ARG n 
1 110 SER n 
1 111 ARG n 
1 112 ILE n 
1 113 TYR n 
1 114 SER n 
1 115 MET n 
1 116 SER n 
1 117 LEU n 
1 118 ARG n 
1 119 LEU n 
1 120 SER n 
1 121 ALA n 
1 122 PHE n 
1 123 PHE n 
1 124 GLU n 
1 125 GLU n 
1 126 HIS n 
1 127 ILE n 
1 128 SER n 
1 129 SER n 
1 130 VAL n 
1 131 LEU n 
1 132 SER n 
1 133 ASP n 
1 134 TYR n 
1 135 LYS n 
1 136 SER n 
1 137 ALA n 
1 138 LEU n 
1 139 ARG n 
1 140 PHE n 
1 141 HIS n 
1 142 LYS n 
1 143 ARG n 
1 144 ASN n 
1 145 THR n 
1 146 ILE n 
1 147 THR n 
1 148 LYS n 
1 149 ARG n 
# 
_entity_src_gen.entity_id                          1 
_entity_src_gen.pdbx_src_id                        1 
_entity_src_gen.pdbx_alt_source_flag               sample 
_entity_src_gen.pdbx_seq_type                      'Biological sequence' 
_entity_src_gen.pdbx_beg_seq_num                   1 
_entity_src_gen.pdbx_end_seq_num                   149 
_entity_src_gen.gene_src_common_name               human 
_entity_src_gen.gene_src_genus                     ? 
_entity_src_gen.pdbx_gene_src_gene                 'PHIP, DCAF14, WDR11' 
_entity_src_gen.gene_src_species                   ? 
_entity_src_gen.gene_src_strain                    ? 
_entity_src_gen.gene_src_tissue                    ? 
_entity_src_gen.gene_src_tissue_fraction           ? 
_entity_src_gen.gene_src_details                   ? 
_entity_src_gen.pdbx_gene_src_fragment             ? 
_entity_src_gen.pdbx_gene_src_scientific_name      'Homo sapiens' 
_entity_src_gen.pdbx_gene_src_ncbi_taxonomy_id     9606 
_entity_src_gen.pdbx_gene_src_variant              ? 
_entity_src_gen.pdbx_gene_src_cell_line            ? 
_entity_src_gen.pdbx_gene_src_atcc                 ? 
_entity_src_gen.pdbx_gene_src_organ                ? 
_entity_src_gen.pdbx_gene_src_organelle            ? 
_entity_src_gen.pdbx_gene_src_cell                 ? 
_entity_src_gen.pdbx_gene_src_cellular_location    ? 
_entity_src_gen.host_org_common_name               ? 
_entity_src_gen.pdbx_host_org_scientific_name      'Escherichia coli' 
_entity_src_gen.pdbx_host_org_ncbi_taxonomy_id     562 
_entity_src_gen.host_org_genus                     ? 
_entity_src_gen.pdbx_host_org_gene                 ? 
_entity_src_gen.pdbx_host_org_organ                ? 
_entity_src_gen.host_org_species                   ? 
_entity_src_gen.pdbx_host_org_tissue               ? 
_entity_src_gen.pdbx_host_org_tissue_fraction      ? 
_entity_src_gen.pdbx_host_org_strain               ? 
_entity_src_gen.pdbx_host_org_variant              ? 
_entity_src_gen.pdbx_host_org_cell_line            ? 
_entity_src_gen.pdbx_host_org_atcc                 ? 
_entity_src_gen.pdbx_host_org_culture_collection   ? 
_entity_src_gen.pdbx_host_org_cell                 ? 
_entity_src_gen.pdbx_host_org_organelle            ? 
_entity_src_gen.pdbx_host_org_cellular_location    ? 
_entity_src_gen.pdbx_host_org_vector_type          ? 
_entity_src_gen.pdbx_host_org_vector               ? 
_entity_src_gen.host_org_details                   ? 
_entity_src_gen.expression_system_id               ? 
_entity_src_gen.plasmid_name                       ? 
_entity_src_gen.plasmid_details                    ? 
_entity_src_gen.pdbx_description                   ? 
# 
loop_
_chem_comp.id 
_chem_comp.type 
_chem_comp.mon_nstd_flag 
_chem_comp.name 
_chem_comp.pdbx_synonyms 
_chem_comp.formula 
_chem_comp.formula_weight 
ALA 'L-peptide linking' y ALANINE                                                                             ? 'C3 H7 N O2'       
89.093  
ARG 'L-peptide linking' y ARGININE                                                                            ? 'C6 H15 N4 O2 1'   
175.209 
ASN 'L-peptide linking' y ASPARAGINE                                                                          ? 'C4 H8 N2 O3'      
132.118 
ASP 'L-peptide linking' y 'ASPARTIC ACID'                                                                     ? 'C4 H7 N O4'       
133.103 
CYS 'L-peptide linking' y CYSTEINE                                                                            ? 'C3 H7 N O2 S'     
121.158 
GLN 'L-peptide linking' y GLUTAMINE                                                                           ? 'C5 H10 N2 O3'     
146.144 
GLU 'L-peptide linking' y 'GLUTAMIC ACID'                                                                     ? 'C5 H9 N O4'       
147.129 
GLY 'peptide linking'   y GLYCINE                                                                             ? 'C2 H5 N O2'       
75.067  
HIS 'L-peptide linking' y HISTIDINE                                                                           ? 'C6 H10 N3 O2 1'   
156.162 
HOH non-polymer         . WATER                                                                               ? 'H2 O'             
18.015  
ILE 'L-peptide linking' y ISOLEUCINE                                                                          ? 'C6 H13 N O2'      
131.173 
LEU 'L-peptide linking' y LEUCINE                                                                             ? 'C6 H13 N O2'      
131.173 
LYS 'L-peptide linking' y LYSINE                                                                              ? 'C6 H15 N2 O2 1'   
147.195 
MET 'L-peptide linking' y METHIONINE                                                                          ? 'C5 H11 N O2 S'    
149.211 
PHE 'L-peptide linking' y PHENYLALANINE                                                                       ? 'C9 H11 N O2'      
165.189 
PRO 'L-peptide linking' y PROLINE                                                                             ? 'C5 H9 N O2'       
115.130 
SER 'L-peptide linking' y SERINE                                                                              ? 'C3 H7 N O3'       
105.093 
THR 'L-peptide linking' y THREONINE                                                                           ? 'C4 H9 N O3'       
119.119 
TRP 'L-peptide linking' y TRYPTOPHAN                                                                          ? 'C11 H12 N2 O2'    
204.225 
TYR 'L-peptide linking' y TYROSINE                                                                            ? 'C9 H11 N O3'      
181.189 
VAL 'L-peptide linking' y VALINE                                                                              ? 'C5 H11 N O2'      
117.146 
ZMN non-polymer         . '4-(5-bromofuran-2-carbonyl)-N-[3-(3-methylphenoxy)propyl]piperazine-1-carboxamide' ? 'C20 H24 Br N3 O4' 
450.326 
# 
loop_
_pdbx_poly_seq_scheme.asym_id 
_pdbx_poly_seq_scheme.entity_id 
_pdbx_poly_seq_scheme.seq_id 
_pdbx_poly_seq_scheme.mon_id 
_pdbx_poly_seq_scheme.ndb_seq_num 
_pdbx_poly_seq_scheme.pdb_seq_num 
_pdbx_poly_seq_scheme.auth_seq_num 
_pdbx_poly_seq_scheme.pdb_mon_id 
_pdbx_poly_seq_scheme.auth_mon_id 
_pdbx_poly_seq_scheme.pdb_strand_id 
_pdbx_poly_seq_scheme.pdb_ins_code 
_pdbx_poly_seq_scheme.hetero 
A 1 1   MET 1   1292 ?    ?   ?   A . n 
A 1 2   HIS 2   1293 ?    ?   ?   A . n 
A 1 3   HIS 3   1294 ?    ?   ?   A . n 
A 1 4   HIS 4   1295 ?    ?   ?   A . n 
A 1 5   HIS 5   1296 ?    ?   ?   A . n 
A 1 6   HIS 6   1297 ?    ?   ?   A . n 
A 1 7   HIS 7   1298 ?    ?   ?   A . n 
A 1 8   SER 8   1299 ?    ?   ?   A . n 
A 1 9   SER 9   1300 ?    ?   ?   A . n 
A 1 10  GLY 10  1301 ?    ?   ?   A . n 
A 1 11  VAL 11  1302 ?    ?   ?   A . n 
A 1 12  ASP 12  1303 ?    ?   ?   A . n 
A 1 13  LEU 13  1304 ?    ?   ?   A . n 
A 1 14  GLY 14  1305 ?    ?   ?   A . n 
A 1 15  THR 15  1306 ?    ?   ?   A . n 
A 1 16  GLU 16  1307 ?    ?   ?   A . n 
A 1 17  ASN 17  1308 ?    ?   ?   A . n 
A 1 18  LEU 18  1309 ?    ?   ?   A . n 
A 1 19  TYR 19  1310 ?    ?   ?   A . n 
A 1 20  PHE 20  1311 ?    ?   ?   A . n 
A 1 21  GLN 21  1312 ?    ?   ?   A . n 
A 1 22  SER 22  1313 ?    ?   ?   A . n 
A 1 23  MET 23  1314 ?    ?   ?   A . n 
A 1 24  SER 24  1315 1315 SER SER A . n 
A 1 25  TYR 25  1316 1316 TYR TYR A . n 
A 1 26  ASP 26  1317 1317 ASP ASP A . n 
A 1 27  ILE 27  1318 1318 ILE ILE A . n 
A 1 28  GLN 28  1319 1319 GLN GLN A . n 
A 1 29  ALA 29  1320 1320 ALA ALA A . n 
A 1 30  TRP 30  1321 1321 TRP TRP A . n 
A 1 31  LYS 31  1322 1322 LYS LYS A . n 
A 1 32  LYS 32  1323 1323 LYS LYS A . n 
A 1 33  GLN 33  1324 1324 GLN GLN A . n 
A 1 34  CYS 34  1325 1325 CYS CYS A . n 
A 1 35  GLU 35  1326 1326 GLU GLU A . n 
A 1 36  GLU 36  1327 1327 GLU GLU A . n 
A 1 37  LEU 37  1328 1328 LEU LEU A . n 
A 1 38  LEU 38  1329 1329 LEU LEU A . n 
A 1 39  ASN 39  1330 1330 ASN ASN A . n 
A 1 40  LEU 40  1331 1331 LEU LEU A . n 
A 1 41  ILE 41  1332 1332 ILE ILE A . n 
A 1 42  PHE 42  1333 1333 PHE PHE A . n 
A 1 43  GLN 43  1334 1334 GLN GLN A . n 
A 1 44  CYS 44  1335 1335 CYS CYS A . n 
A 1 45  GLU 45  1336 1336 GLU GLU A . n 
A 1 46  ASP 46  1337 1337 ASP ASP A . n 
A 1 47  SER 47  1338 1338 SER SER A . n 
A 1 48  GLU 48  1339 1339 GLU GLU A . n 
A 1 49  PRO 49  1340 1340 PRO PRO A . n 
A 1 50  PHE 50  1341 1341 PHE PHE A . n 
A 1 51  ARG 51  1342 1342 ARG ARG A . n 
A 1 52  GLN 52  1343 1343 GLN GLN A . n 
A 1 53  PRO 53  1344 1344 PRO PRO A . n 
A 1 54  VAL 54  1345 1345 VAL VAL A . n 
A 1 55  ASP 55  1346 1346 ASP ASP A . n 
A 1 56  LEU 56  1347 1347 LEU LEU A . n 
A 1 57  LEU 57  1348 1348 LEU LEU A . n 
A 1 58  GLU 58  1349 1349 GLU GLU A . n 
A 1 59  TYR 59  1350 1350 TYR TYR A . n 
A 1 60  PRO 60  1351 1351 PRO PRO A . n 
A 1 61  ASP 61  1352 1352 ASP ASP A . n 
A 1 62  TYR 62  1353 1353 TYR TYR A . n 
A 1 63  ARG 63  1354 1354 ARG ARG A . n 
A 1 64  ASP 64  1355 1355 ASP ASP A . n 
A 1 65  ILE 65  1356 1356 ILE ILE A . n 
A 1 66  ILE 66  1357 1357 ILE ILE A . n 
A 1 67  ASP 67  1358 1358 ASP ASP A . n 
A 1 68  THR 68  1359 1359 THR THR A . n 
A 1 69  PRO 69  1360 1360 PRO PRO A . n 
A 1 70  MET 70  1361 1361 MET MET A . n 
A 1 71  ASP 71  1362 1362 ASP ASP A . n 
A 1 72  PHE 72  1363 1363 PHE PHE A . n 
A 1 73  ALA 73  1364 1364 ALA ALA A . n 
A 1 74  THR 74  1365 1365 THR THR A . n 
A 1 75  VAL 75  1366 1366 VAL VAL A . n 
A 1 76  ARG 76  1367 1367 ARG ARG A . n 
A 1 77  GLU 77  1368 1368 GLU GLU A . n 
A 1 78  THR 78  1369 1369 THR THR A . n 
A 1 79  LEU 79  1370 1370 LEU LEU A . n 
A 1 80  GLU 80  1371 1371 GLU GLU A . n 
A 1 81  ALA 81  1372 1372 ALA ALA A . n 
A 1 82  GLY 82  1373 1373 GLY GLY A . n 
A 1 83  ASN 83  1374 1374 ASN ASN A . n 
A 1 84  TYR 84  1375 1375 TYR TYR A . n 
A 1 85  GLU 85  1376 1376 GLU GLU A . n 
A 1 86  SER 86  1377 1377 SER SER A . n 
A 1 87  PRO 87  1378 1378 PRO PRO A . n 
A 1 88  MET 88  1379 1379 MET MET A . n 
A 1 89  GLU 89  1380 1380 GLU GLU A . n 
A 1 90  LEU 90  1381 1381 LEU LEU A . n 
A 1 91  CYS 91  1382 1382 CYS CYS A . n 
A 1 92  LYS 92  1383 1383 LYS LYS A . n 
A 1 93  ASP 93  1384 1384 ASP ASP A . n 
A 1 94  VAL 94  1385 1385 VAL VAL A . n 
A 1 95  ARG 95  1386 1386 ARG ARG A . n 
A 1 96  LEU 96  1387 1387 LEU LEU A . n 
A 1 97  ILE 97  1388 1388 ILE ILE A . n 
A 1 98  PHE 98  1389 1389 PHE PHE A . n 
A 1 99  SER 99  1390 1390 SER SER A . n 
A 1 100 ASN 100 1391 1391 ASN ASN A . n 
A 1 101 SER 101 1392 1392 SER SER A . n 
A 1 102 LYS 102 1393 1393 LYS LYS A . n 
A 1 103 ALA 103 1394 1394 ALA ALA A . n 
A 1 104 TYR 104 1395 1395 TYR TYR A . n 
A 1 105 THR 105 1396 1396 THR THR A . n 
A 1 106 PRO 106 1397 1397 PRO PRO A . n 
A 1 107 SER 107 1398 1398 SER SER A . n 
A 1 108 LYS 108 1399 1399 LYS LYS A . n 
A 1 109 ARG 109 1400 1400 ARG ARG A . n 
A 1 110 SER 110 1401 1401 SER SER A . n 
A 1 111 ARG 111 1402 1402 ARG ARG A . n 
A 1 112 ILE 112 1403 1403 ILE ILE A . n 
A 1 113 TYR 113 1404 1404 TYR TYR A . n 
A 1 114 SER 114 1405 1405 SER SER A . n 
A 1 115 MET 115 1406 1406 MET MET A . n 
A 1 116 SER 116 1407 1407 SER SER A . n 
A 1 117 LEU 117 1408 1408 LEU LEU A . n 
A 1 118 ARG 118 1409 1409 ARG ARG A . n 
A 1 119 LEU 119 1410 1410 LEU LEU A . n 
A 1 120 SER 120 1411 1411 SER SER A . n 
A 1 121 ALA 121 1412 1412 ALA ALA A . n 
A 1 122 PHE 122 1413 1413 PHE PHE A . n 
A 1 123 PHE 123 1414 1414 PHE PHE A . n 
A 1 124 GLU 124 1415 1415 GLU GLU A . n 
A 1 125 GLU 125 1416 1416 GLU GLU A . n 
A 1 126 HIS 126 1417 1417 HIS HIS A . n 
A 1 127 ILE 127 1418 1418 ILE ILE A . n 
A 1 128 SER 128 1419 1419 SER SER A . n 
A 1 129 SER 129 1420 1420 SER SER A . n 
A 1 130 VAL 130 1421 1421 VAL VAL A . n 
A 1 131 LEU 131 1422 1422 LEU LEU A . n 
A 1 132 SER 132 1423 1423 SER SER A . n 
A 1 133 ASP 133 1424 1424 ASP ASP A . n 
A 1 134 TYR 134 1425 1425 TYR TYR A . n 
A 1 135 LYS 135 1426 1426 LYS LYS A . n 
A 1 136 SER 136 1427 1427 SER SER A . n 
A 1 137 ALA 137 1428 1428 ALA ALA A . n 
A 1 138 LEU 138 1429 1429 LEU LEU A . n 
A 1 139 ARG 139 1430 1430 ARG ARG A . n 
A 1 140 PHE 140 1431 1431 PHE PHE A . n 
A 1 141 HIS 141 1432 1432 HIS HIS A . n 
A 1 142 LYS 142 1433 1433 LYS LYS A . n 
A 1 143 ARG 143 1434 1434 ARG ARG A . n 
A 1 144 ASN 144 1435 1435 ASN ASN A . n 
A 1 145 THR 145 1436 ?    ?   ?   A . n 
A 1 146 ILE 146 1437 ?    ?   ?   A . n 
A 1 147 THR 147 1438 ?    ?   ?   A . n 
A 1 148 LYS 148 1439 ?    ?   ?   A . n 
A 1 149 ARG 149 1440 ?    ?   ?   A . n 
# 
loop_
_pdbx_nonpoly_scheme.asym_id 
_pdbx_nonpoly_scheme.entity_id 
_pdbx_nonpoly_scheme.mon_id 
_pdbx_nonpoly_scheme.ndb_seq_num 
_pdbx_nonpoly_scheme.pdb_seq_num 
_pdbx_nonpoly_scheme.auth_seq_num 
_pdbx_nonpoly_scheme.pdb_mon_id 
_pdbx_nonpoly_scheme.auth_mon_id 
_pdbx_nonpoly_scheme.pdb_strand_id 
_pdbx_nonpoly_scheme.pdb_ins_code 
B 2 ZMN 1   1901 1901 ZMN LIG A . 
C 3 HOH 1   2001 1662 HOH HOH A . 
C 3 HOH 2   2002 3    HOH HOH A . 
C 3 HOH 3   2003 1618 HOH HOH A . 
C 3 HOH 4   2004 1610 HOH HOH A . 
C 3 HOH 5   2005 1605 HOH HOH A . 
C 3 HOH 6   2006 1631 HOH HOH A . 
C 3 HOH 7   2007 1739 HOH HOH A . 
C 3 HOH 8   2008 1695 HOH HOH A . 
C 3 HOH 9   2009 14   HOH HOH A . 
C 3 HOH 10  2010 1712 HOH HOH A . 
C 3 HOH 11  2011 1607 HOH HOH A . 
C 3 HOH 12  2012 29   HOH HOH A . 
C 3 HOH 13  2013 1630 HOH HOH A . 
C 3 HOH 14  2014 1604 HOH HOH A . 
C 3 HOH 15  2015 1606 HOH HOH A . 
C 3 HOH 16  2016 1676 HOH HOH A . 
C 3 HOH 17  2017 1750 HOH HOH A . 
C 3 HOH 18  2018 1609 HOH HOH A . 
C 3 HOH 19  2019 1603 HOH HOH A . 
C 3 HOH 20  2020 1602 HOH HOH A . 
C 3 HOH 21  2021 32   HOH HOH A . 
C 3 HOH 22  2022 1612 HOH HOH A . 
C 3 HOH 23  2023 1629 HOH HOH A . 
C 3 HOH 24  2024 1633 HOH HOH A . 
C 3 HOH 25  2025 1757 HOH HOH A . 
C 3 HOH 26  2026 1624 HOH HOH A . 
C 3 HOH 27  2027 1621 HOH HOH A . 
C 3 HOH 28  2028 1622 HOH HOH A . 
C 3 HOH 29  2029 1767 HOH HOH A . 
C 3 HOH 30  2030 1608 HOH HOH A . 
C 3 HOH 31  2031 1626 HOH HOH A . 
C 3 HOH 32  2032 1615 HOH HOH A . 
C 3 HOH 33  2033 1738 HOH HOH A . 
C 3 HOH 34  2034 25   HOH HOH A . 
C 3 HOH 35  2035 1617 HOH HOH A . 
C 3 HOH 36  2036 1649 HOH HOH A . 
C 3 HOH 37  2037 1658 HOH HOH A . 
C 3 HOH 38  2038 1625 HOH HOH A . 
C 3 HOH 39  2039 16   HOH HOH A . 
C 3 HOH 40  2040 1628 HOH HOH A . 
C 3 HOH 41  2041 1677 HOH HOH A . 
C 3 HOH 42  2042 1644 HOH HOH A . 
C 3 HOH 43  2043 1645 HOH HOH A . 
C 3 HOH 44  2044 1714 HOH HOH A . 
C 3 HOH 45  2045 1732 HOH HOH A . 
C 3 HOH 46  2046 1648 HOH HOH A . 
C 3 HOH 47  2047 1673 HOH HOH A . 
C 3 HOH 48  2048 1672 HOH HOH A . 
C 3 HOH 49  2049 28   HOH HOH A . 
C 3 HOH 50  2050 1660 HOH HOH A . 
C 3 HOH 51  2051 1666 HOH HOH A . 
C 3 HOH 52  2052 1668 HOH HOH A . 
C 3 HOH 53  2053 1643 HOH HOH A . 
C 3 HOH 54  2054 1674 HOH HOH A . 
C 3 HOH 55  2055 1682 HOH HOH A . 
C 3 HOH 56  2056 1655 HOH HOH A . 
C 3 HOH 57  2057 1689 HOH HOH A . 
C 3 HOH 58  2058 1613 HOH HOH A . 
C 3 HOH 59  2059 11   HOH HOH A . 
C 3 HOH 60  2060 1663 HOH HOH A . 
C 3 HOH 61  2061 1680 HOH HOH A . 
C 3 HOH 62  2062 1634 HOH HOH A . 
C 3 HOH 63  2063 1693 HOH HOH A . 
C 3 HOH 64  2064 1733 HOH HOH A . 
C 3 HOH 65  2065 1718 HOH HOH A . 
C 3 HOH 66  2066 1650 HOH HOH A . 
C 3 HOH 67  2067 1720 HOH HOH A . 
C 3 HOH 68  2068 1700 HOH HOH A . 
C 3 HOH 69  2069 1692 HOH HOH A . 
C 3 HOH 70  2070 1636 HOH HOH A . 
C 3 HOH 71  2071 1771 HOH HOH A . 
C 3 HOH 72  2072 1623 HOH HOH A . 
C 3 HOH 73  2073 1619 HOH HOH A . 
C 3 HOH 74  2074 1665 HOH HOH A . 
C 3 HOH 75  2075 1688 HOH HOH A . 
C 3 HOH 76  2076 1652 HOH HOH A . 
C 3 HOH 77  2077 1684 HOH HOH A . 
C 3 HOH 78  2078 1632 HOH HOH A . 
C 3 HOH 79  2079 1671 HOH HOH A . 
C 3 HOH 80  2080 1661 HOH HOH A . 
C 3 HOH 81  2081 1616 HOH HOH A . 
C 3 HOH 82  2082 1701 HOH HOH A . 
C 3 HOH 83  2083 1723 HOH HOH A . 
C 3 HOH 84  2084 1651 HOH HOH A . 
C 3 HOH 85  2085 1681 HOH HOH A . 
C 3 HOH 86  2086 1678 HOH HOH A . 
C 3 HOH 87  2087 1683 HOH HOH A . 
C 3 HOH 88  2088 1690 HOH HOH A . 
C 3 HOH 89  2089 1709 HOH HOH A . 
C 3 HOH 90  2090 1664 HOH HOH A . 
C 3 HOH 91  2091 1675 HOH HOH A . 
C 3 HOH 92  2092 1687 HOH HOH A . 
C 3 HOH 93  2093 1640 HOH HOH A . 
C 3 HOH 94  2094 1694 HOH HOH A . 
C 3 HOH 95  2095 1721 HOH HOH A . 
C 3 HOH 96  2096 1685 HOH HOH A . 
C 3 HOH 97  2097 1699 HOH HOH A . 
C 3 HOH 98  2098 1686 HOH HOH A . 
C 3 HOH 99  2099 1731 HOH HOH A . 
C 3 HOH 100 2100 1601 HOH HOH A . 
C 3 HOH 101 2101 1646 HOH HOH A . 
C 3 HOH 102 2102 8    HOH HOH A . 
C 3 HOH 103 2103 1736 HOH HOH A . 
C 3 HOH 104 2104 30   HOH HOH A . 
C 3 HOH 105 2105 1725 HOH HOH A . 
C 3 HOH 106 2106 1696 HOH HOH A . 
C 3 HOH 107 2107 1697 HOH HOH A . 
C 3 HOH 108 2108 1728 HOH HOH A . 
C 3 HOH 109 2109 1708 HOH HOH A . 
C 3 HOH 110 2110 1713 HOH HOH A . 
C 3 HOH 111 2111 1719 HOH HOH A . 
C 3 HOH 112 2112 1641 HOH HOH A . 
C 3 HOH 113 2113 1711 HOH HOH A . 
C 3 HOH 114 2114 1638 HOH HOH A . 
C 3 HOH 115 2115 9    HOH HOH A . 
C 3 HOH 116 2116 1637 HOH HOH A . 
C 3 HOH 117 2117 1679 HOH HOH A . 
C 3 HOH 118 2118 1716 HOH HOH A . 
C 3 HOH 119 2119 1647 HOH HOH A . 
C 3 HOH 120 2120 1706 HOH HOH A . 
C 3 HOH 121 2121 7    HOH HOH A . 
C 3 HOH 122 2122 6    HOH HOH A . 
C 3 HOH 123 2123 1745 HOH HOH A . 
C 3 HOH 124 2124 1741 HOH HOH A . 
C 3 HOH 125 2125 1704 HOH HOH A . 
C 3 HOH 126 2126 1627 HOH HOH A . 
C 3 HOH 127 2127 1715 HOH HOH A . 
C 3 HOH 128 2128 1702 HOH HOH A . 
C 3 HOH 129 2129 1747 HOH HOH A . 
C 3 HOH 130 2130 1724 HOH HOH A . 
C 3 HOH 131 2131 31   HOH HOH A . 
C 3 HOH 132 2132 1710 HOH HOH A . 
C 3 HOH 133 2133 1729 HOH HOH A . 
C 3 HOH 134 2134 1749 HOH HOH A . 
C 3 HOH 135 2135 1744 HOH HOH A . 
C 3 HOH 136 2136 1727 HOH HOH A . 
C 3 HOH 137 2137 18   HOH HOH A . 
C 3 HOH 138 2138 1734 HOH HOH A . 
C 3 HOH 139 2139 1737 HOH HOH A . 
C 3 HOH 140 2140 1611 HOH HOH A . 
C 3 HOH 141 2141 1669 HOH HOH A . 
C 3 HOH 142 2142 1740 HOH HOH A . 
C 3 HOH 143 2143 26   HOH HOH A . 
C 3 HOH 144 2144 1667 HOH HOH A . 
C 3 HOH 145 2145 1801 HOH HOH A . 
C 3 HOH 146 2146 1703 HOH HOH A . 
C 3 HOH 147 2147 5    HOH HOH A . 
C 3 HOH 148 2148 1    HOH HOH A . 
C 3 HOH 149 2149 1726 HOH HOH A . 
C 3 HOH 150 2150 1730 HOH HOH A . 
C 3 HOH 151 2151 1722 HOH HOH A . 
C 3 HOH 152 2152 1653 HOH HOH A . 
C 3 HOH 153 2153 17   HOH HOH A . 
C 3 HOH 154 2154 1742 HOH HOH A . 
C 3 HOH 155 2155 23   HOH HOH A . 
C 3 HOH 156 2156 1752 HOH HOH A . 
C 3 HOH 157 2157 1756 HOH HOH A . 
C 3 HOH 158 2158 1751 HOH HOH A . 
C 3 HOH 159 2159 1753 HOH HOH A . 
C 3 HOH 160 2160 1758 HOH HOH A . 
C 3 HOH 161 2161 1755 HOH HOH A . 
C 3 HOH 162 2162 1754 HOH HOH A . 
C 3 HOH 163 2163 1768 HOH HOH A . 
C 3 HOH 164 2164 1759 HOH HOH A . 
C 3 HOH 165 2165 1762 HOH HOH A . 
C 3 HOH 166 2166 1769 HOH HOH A . 
C 3 HOH 167 2167 1748 HOH HOH A . 
C 3 HOH 168 2168 1795 HOH HOH A . 
C 3 HOH 169 2169 1766 HOH HOH A . 
C 3 HOH 170 2170 1743 HOH HOH A . 
C 3 HOH 171 2171 1763 HOH HOH A . 
C 3 HOH 172 2172 1642 HOH HOH A . 
C 3 HOH 173 2173 1765 HOH HOH A . 
C 3 HOH 174 2174 22   HOH HOH A . 
C 3 HOH 175 2175 1786 HOH HOH A . 
C 3 HOH 176 2176 1770 HOH HOH A . 
C 3 HOH 177 2177 1772 HOH HOH A . 
C 3 HOH 178 2178 1784 HOH HOH A . 
C 3 HOH 179 2179 1796 HOH HOH A . 
C 3 HOH 180 2180 20   HOH HOH A . 
C 3 HOH 181 2181 1777 HOH HOH A . 
C 3 HOH 182 2182 1774 HOH HOH A . 
C 3 HOH 183 2183 1779 HOH HOH A . 
C 3 HOH 184 2184 1782 HOH HOH A . 
C 3 HOH 185 2185 24   HOH HOH A . 
C 3 HOH 186 2186 4    HOH HOH A . 
C 3 HOH 187 2187 1781 HOH HOH A . 
C 3 HOH 188 2188 1775 HOH HOH A . 
C 3 HOH 189 2189 1783 HOH HOH A . 
C 3 HOH 190 2190 1778 HOH HOH A . 
C 3 HOH 191 2191 21   HOH HOH A . 
C 3 HOH 192 2192 1785 HOH HOH A . 
C 3 HOH 193 2193 12   HOH HOH A . 
C 3 HOH 194 2194 1780 HOH HOH A . 
C 3 HOH 195 2195 1761 HOH HOH A . 
C 3 HOH 196 2196 1789 HOH HOH A . 
C 3 HOH 197 2197 1787 HOH HOH A . 
C 3 HOH 198 2198 19   HOH HOH A . 
C 3 HOH 199 2199 1654 HOH HOH A . 
C 3 HOH 200 2200 1794 HOH HOH A . 
C 3 HOH 201 2201 1760 HOH HOH A . 
C 3 HOH 202 2202 1791 HOH HOH A . 
C 3 HOH 203 2203 15   HOH HOH A . 
C 3 HOH 204 2204 1790 HOH HOH A . 
C 3 HOH 205 2205 1793 HOH HOH A . 
C 3 HOH 206 2206 1792 HOH HOH A . 
C 3 HOH 207 2207 1798 HOH HOH A . 
C 3 HOH 208 2208 1797 HOH HOH A . 
C 3 HOH 209 2209 1788 HOH HOH A . 
C 3 HOH 210 2210 1799 HOH HOH A . 
C 3 HOH 211 2211 1800 HOH HOH A . 
# 
loop_
_pdbx_unobs_or_zero_occ_atoms.id 
_pdbx_unobs_or_zero_occ_atoms.PDB_model_num 
_pdbx_unobs_or_zero_occ_atoms.polymer_flag 
_pdbx_unobs_or_zero_occ_atoms.occupancy_flag 
_pdbx_unobs_or_zero_occ_atoms.auth_asym_id 
_pdbx_unobs_or_zero_occ_atoms.auth_comp_id 
_pdbx_unobs_or_zero_occ_atoms.auth_seq_id 
_pdbx_unobs_or_zero_occ_atoms.PDB_ins_code 
_pdbx_unobs_or_zero_occ_atoms.auth_atom_id 
_pdbx_unobs_or_zero_occ_atoms.label_alt_id 
_pdbx_unobs_or_zero_occ_atoms.label_asym_id 
_pdbx_unobs_or_zero_occ_atoms.label_comp_id 
_pdbx_unobs_or_zero_occ_atoms.label_seq_id 
_pdbx_unobs_or_zero_occ_atoms.label_atom_id 
1 1 Y 1 A GLN 1334 ? CD  ? A GLN 43 CD  
2 1 Y 1 A GLN 1334 ? OE1 ? A GLN 43 OE1 
3 1 Y 1 A GLN 1334 ? NE2 ? A GLN 43 NE2 
# 
loop_
_software.pdbx_ordinal 
_software.name 
_software.version 
_software.date 
_software.type 
_software.contact_author 
_software.contact_author_email 
_software.classification 
_software.location 
_software.language 
_software.citation_id 
1 REFMAC      5.8.0267 ?               program 'Garib N. Murshudov' garib@ysbl.york.ac.uk    refinement        
http://www.ccp4.ac.uk/dist/html/refmac5.html        Fortran_77 ? 
2 Aimless     0.7.7    23/04/21        program 'Phil Evans'         ?                        'data scaling'    
http://www.mrc-lmb.cam.ac.uk/harry/pre/aimless.html ?          ? 
3 PDB_EXTRACT 3.23     'SEP. 23, 2016' package PDB                  deposit@deposit.rcsb.org 'data extraction' 
http://sw-tools.pdb.org/apps/PDB_EXTRACT/           C++        ? 
4 XDS         .        ?               program ?                    ?                        'data reduction'  ? ?          ? 
5 REFMAC      .        ?               program ?                    ?                        phasing           ? ?          ? 
# 
_cell.entry_id           7FVE 
_cell.length_a           81.985 
_cell.length_b           27.528 
_cell.length_c           56.419 
_cell.angle_alpha        90.000 
_cell.angle_beta         100.150 
_cell.angle_gamma        90.000 
_cell.Z_PDB              4 
_cell.pdbx_unique_axis   ? 
# 
_symmetry.entry_id                         7FVE 
_symmetry.space_group_name_H-M             'C 1 2 1' 
_symmetry.pdbx_full_space_group_name_H-M   ? 
_symmetry.cell_setting                     ? 
_symmetry.Int_Tables_number                5 
# 
_exptl.crystals_number   1 
_exptl.entry_id          7FVE 
_exptl.method            'X-RAY DIFFRACTION' 
# 
_exptl_crystal.id                    1 
_exptl_crystal.pdbx_mosaicity        0.000 
_exptl_crystal.pdbx_mosaicity_esd    ? 
_exptl_crystal.density_Matthews      1.78 
_exptl_crystal.density_diffrn        ? 
_exptl_crystal.density_meas          ? 
_exptl_crystal.density_meas_temp     ? 
_exptl_crystal.density_percent_sol   30.80 
_exptl_crystal.size_max              ? 
_exptl_crystal.size_mid              ? 
_exptl_crystal.size_min              ? 
_exptl_crystal.size_rad              ? 
_exptl_crystal.description           ? 
# 
_exptl_crystal_grow.crystal_id      1 
_exptl_crystal_grow.method          'VAPOR DIFFUSION, SITTING DROP' 
_exptl_crystal_grow.pH              5.6 
_exptl_crystal_grow.temp            277 
_exptl_crystal_grow.pdbx_details    '20% PEG 8000, 0.04M potassium phosphate' 
_exptl_crystal_grow.temp_details    ? 
_exptl_crystal_grow.pdbx_pH_range   ? 
# 
_diffrn.id                     1 
_diffrn.ambient_temp           100 
_diffrn.crystal_id             1 
_diffrn.ambient_temp_details   ? 
# 
_diffrn_detector.detector               PIXEL 
_diffrn_detector.type                   'DECTRIS PILATUS 6M' 
_diffrn_detector.pdbx_collection_date   2022-09-24 
_diffrn_detector.diffrn_id              1 
_diffrn_detector.details                ? 
# 
_diffrn_radiation.diffrn_id                        1 
_diffrn_radiation.wavelength_id                    1 
_diffrn_radiation.pdbx_diffrn_protocol             'SINGLE WAVELENGTH' 
_diffrn_radiation.pdbx_monochromatic_or_laue_m_l   ? 
_diffrn_radiation.monochromator                    ? 
_diffrn_radiation.pdbx_scattering_type             x-ray 
# 
_diffrn_radiation_wavelength.id           1 
_diffrn_radiation_wavelength.wavelength   0.92124 
_diffrn_radiation_wavelength.wt           1.0 
# 
_diffrn_source.diffrn_id                   1 
_diffrn_source.source                      SYNCHROTRON 
_diffrn_source.type                        'DIAMOND BEAMLINE I04-1' 
_diffrn_source.pdbx_wavelength_list        0.92124 
_diffrn_source.pdbx_synchrotron_site       Diamond 
_diffrn_source.pdbx_synchrotron_beamline   I04-1 
_diffrn_source.pdbx_wavelength             ? 
# 
_reflns.entry_id                     7FVE 
_reflns.pdbx_diffrn_id               1 
_reflns.pdbx_ordinal                 1 
_reflns.observed_criterion_sigma_I   ? 
_reflns.observed_criterion_sigma_F   ? 
_reflns.d_resolution_low             27.770 
_reflns.d_resolution_high            1.190 
_reflns.number_obs                   33703 
_reflns.number_all                   ? 
_reflns.percent_possible_obs         84.000 
_reflns.pdbx_Rmerge_I_obs            0.047 
_reflns.pdbx_Rsym_value              ? 
_reflns.pdbx_netI_over_sigmaI        31.300 
_reflns.B_iso_Wilson_estimate        ? 
_reflns.pdbx_redundancy              5.200 
_reflns.pdbx_Rrim_I_all              0.051 
_reflns.pdbx_Rpim_I_all              0.020 
_reflns.pdbx_CC_half                 0.996 
_reflns.pdbx_netI_over_av_sigmaI     ? 
_reflns.pdbx_number_measured_all     174795 
_reflns.pdbx_scaling_rejects         0 
_reflns.pdbx_chi_squared             ? 
_reflns.Rmerge_F_all                 ? 
_reflns.Rmerge_F_obs                 ? 
_reflns.observed_criterion_F_max     ? 
_reflns.observed_criterion_F_min     ? 
_reflns.observed_criterion_I_max     ? 
_reflns.observed_criterion_I_min     ? 
_reflns.pdbx_d_res_high_opt          ? 
_reflns.pdbx_d_res_low_opt           ? 
_reflns.details                      ? 
# 
loop_
_reflns_shell.pdbx_diffrn_id 
_reflns_shell.pdbx_ordinal 
_reflns_shell.d_res_high 
_reflns_shell.d_res_low 
_reflns_shell.number_measured_obs 
_reflns_shell.number_measured_all 
_reflns_shell.number_unique_obs 
_reflns_shell.pdbx_rejects 
_reflns_shell.Rmerge_I_obs 
_reflns_shell.meanI_over_sigI_obs 
_reflns_shell.pdbx_Rsym_value 
_reflns_shell.pdbx_chi_squared 
_reflns_shell.pdbx_redundancy 
_reflns_shell.percent_possible_obs 
_reflns_shell.pdbx_netI_over_sigmaI_obs 
_reflns_shell.number_possible 
_reflns_shell.number_unique_all 
_reflns_shell.Rmerge_F_all 
_reflns_shell.Rmerge_F_obs 
_reflns_shell.Rmerge_I_all 
_reflns_shell.meanI_over_sigI_all 
_reflns_shell.percent_possible_all 
_reflns_shell.pdbx_Rrim_I_all 
_reflns_shell.pdbx_Rpim_I_all 
_reflns_shell.pdbx_CC_half 
1 1 1.190 1.210  ? 592  ? ? 0.130 ? ? ? 1.300 ? 2.800  ? 445 ? ? ? ? 22.900 0.182 0.126 0.976 
1 2 6.520 27.770 ? 1503 ? ? 0.099 ? ? ? 5.400 ? 55.500 ? 277 ? ? ? ? 98.900 0.111 0.050 0.969 
# 
_refine.entry_id                                 7FVE 
_refine.pdbx_refine_id                           'X-RAY DIFFRACTION' 
_refine.ls_d_res_high                            1.1900 
_refine.ls_d_res_low                             27.7800 
_refine.pdbx_ls_sigma_F                          0.000 
_refine.pdbx_data_cutoff_high_absF               ? 
_refine.pdbx_data_cutoff_low_absF                ? 
_refine.ls_percent_reflns_obs                    83.8000 
_refine.ls_number_reflns_obs                     32010 
_refine.ls_number_reflns_all                     ? 
_refine.pdbx_ls_cross_valid_method               THROUGHOUT 
_refine.ls_matrix_type                           ? 
_refine.pdbx_R_Free_selection_details            RANDOM 
_refine.details                                  
'HYDROGENS HAVE BEEN ADDED IN THE RIDING POSITIONS U VALUES      : REFINED INDIVIDUALLY' 
_refine.ls_R_factor_all                          ? 
_refine.ls_R_factor_obs                          0.1742 
_refine.ls_R_factor_R_work                       0.1729 
_refine.ls_wR_factor_R_work                      ? 
_refine.ls_R_factor_R_free                       0.1974 
_refine.ls_wR_factor_R_free                      ? 
_refine.ls_percent_reflns_R_free                 5.0000 
_refine.ls_number_reflns_R_free                  1692 
_refine.ls_number_reflns_R_work                  ? 
_refine.ls_R_factor_R_free_error                 ? 
_refine.B_iso_mean                               17.7210 
_refine.solvent_model_param_bsol                 ? 
_refine.solvent_model_param_ksol                 ? 
_refine.pdbx_isotropic_thermal_model             ? 
_refine.aniso_B[1][1]                            -0.1100 
_refine.aniso_B[2][2]                            0.9800 
_refine.aniso_B[3][3]                            -0.9100 
_refine.aniso_B[1][2]                            0.0000 
_refine.aniso_B[1][3]                            0.2700 
_refine.aniso_B[2][3]                            -0.0000 
_refine.correlation_coeff_Fo_to_Fc               0.9600 
_refine.correlation_coeff_Fo_to_Fc_free          0.9520 
_refine.overall_SU_R_Cruickshank_DPI             ? 
_refine.pdbx_overall_SU_R_free_Cruickshank_DPI   ? 
_refine.pdbx_overall_SU_R_Blow_DPI               ? 
_refine.pdbx_overall_SU_R_free_Blow_DPI          ? 
_refine.overall_SU_R_free                        ? 
_refine.pdbx_overall_ESU_R                       0.0770 
_refine.pdbx_overall_ESU_R_Free                  0.0720 
_refine.overall_SU_ML                            0.0450 
_refine.overall_SU_B                             0.9590 
_refine.solvent_model_details                    MASK 
_refine.pdbx_solvent_vdw_probe_radii             1.2000 
_refine.pdbx_solvent_ion_probe_radii             0.8000 
_refine.pdbx_solvent_shrinkage_radii             0.8000 
_refine.ls_number_parameters                     ? 
_refine.ls_number_restraints                     ? 
_refine.pdbx_starting_model                      7av9 
_refine.pdbx_method_to_determine_struct          'FOURIER SYNTHESIS' 
_refine.pdbx_stereochemistry_target_values       'MAXIMUM LIKELIHOOD' 
_refine.pdbx_stereochem_target_val_spec_case     ? 
_refine.overall_FOM_work_R_set                   ? 
_refine.B_iso_max                                53.750 
_refine.B_iso_min                                8.970 
_refine.pdbx_overall_phase_error                 ? 
_refine.occupancy_max                            ? 
_refine.occupancy_min                            ? 
_refine.pdbx_diffrn_id                           1 
_refine.pdbx_TLS_residual_ADP_flag               ? 
_refine.pdbx_ls_sigma_I                          ? 
_refine.pdbx_data_cutoff_high_rms_absF           ? 
_refine.ls_R_factor_R_free_error_details         ? 
# 
_refine_hist.cycle_id                         final 
_refine_hist.pdbx_refine_id                   'X-RAY DIFFRACTION' 
_refine_hist.d_res_high                       1.1900 
_refine_hist.d_res_low                        27.7800 
_refine_hist.pdbx_number_atoms_ligand         28 
_refine_hist.number_atoms_solvent             211 
_refine_hist.number_atoms_total               1242 
_refine_hist.pdbx_number_residues_total       121 
_refine_hist.pdbx_B_iso_mean_ligand           29.19 
_refine_hist.pdbx_B_iso_mean_solvent          26.59 
_refine_hist.pdbx_number_atoms_protein        1003 
_refine_hist.pdbx_number_atoms_nucleic_acid   0 
# 
loop_
_refine_ls_restr.pdbx_refine_id 
_refine_ls_restr.type 
_refine_ls_restr.number 
_refine_ls_restr.dev_ideal 
_refine_ls_restr.dev_ideal_target 
_refine_ls_restr.weight 
_refine_ls_restr.pdbx_restraint_function 
'X-RAY DIFFRACTION' r_bond_refined_d       3300 0.008  0.015  ? ? 
'X-RAY DIFFRACTION' r_bond_other_d         2181 0.001  0.014  ? ? 
'X-RAY DIFFRACTION' r_angle_refined_deg    3318 1.707  1.673  ? ? 
'X-RAY DIFFRACTION' r_angle_other_deg      5114 1.455  1.590  ? ? 
'X-RAY DIFFRACTION' r_dihedral_angle_1_deg 315  6.500  5.000  ? ? 
'X-RAY DIFFRACTION' r_dihedral_angle_2_deg 143  26.220 21.049 ? ? 
'X-RAY DIFFRACTION' r_dihedral_angle_3_deg 419  14.475 15.000 ? ? 
'X-RAY DIFFRACTION' r_dihedral_angle_4_deg 21   12.669 15.000 ? ? 
'X-RAY DIFFRACTION' r_chiral_restr         302  0.095  0.200  ? ? 
'X-RAY DIFFRACTION' r_gen_planes_refined   2918 0.009  0.020  ? ? 
'X-RAY DIFFRACTION' r_gen_planes_other     578  0.002  0.020  ? ? 
'X-RAY DIFFRACTION' r_mcbond_it            1560 1.184  1.678  ? ? 
'X-RAY DIFFRACTION' r_mcbond_other         1504 1.206  1.627  ? ? 
'X-RAY DIFFRACTION' r_mcangle_it           1487 2.343  2.350  ? ? 
# 
_refine_ls_shell.d_res_high                       1.1900 
_refine_ls_shell.d_res_low                        1.2210 
_refine_ls_shell.pdbx_total_number_of_bins_used   20 
_refine_ls_shell.percent_reflns_obs               24.7100 
_refine_ls_shell.number_reflns_R_work             681 
_refine_ls_shell.R_factor_all                     ? 
_refine_ls_shell.R_factor_R_work                  0.2200 
_refine_ls_shell.R_factor_R_free                  0.2360 
_refine_ls_shell.percent_reflns_R_free            ? 
_refine_ls_shell.number_reflns_R_free             41 
_refine_ls_shell.R_factor_R_free_error            ? 
_refine_ls_shell.number_reflns_all                722 
_refine_ls_shell.number_reflns_obs                ? 
_refine_ls_shell.pdbx_refine_id                   'X-RAY DIFFRACTION' 
# 
_struct.entry_id                  7FVE 
_struct.title                     'PanDDA analysis group deposition -- PHIP in complex with Z488932160' 
_struct.pdbx_model_details        ? 
_struct.pdbx_CASP_flag            ? 
_struct.pdbx_model_type_details   ? 
# 
_struct_keywords.entry_id        7FVE 
_struct_keywords.text            
'False negatives, ligand features, rescreening, catalogue, fragment follow-ups, automated chemistry, SIGNALING PROTEIN' 
_struct_keywords.pdbx_keywords   'SIGNALING PROTEIN' 
# 
loop_
_struct_asym.id 
_struct_asym.pdbx_blank_PDB_chainid_flag 
_struct_asym.pdbx_modified 
_struct_asym.entity_id 
_struct_asym.details 
A N N 1 ? 
B N N 2 ? 
C N N 3 ? 
# 
_struct_ref.id                         1 
_struct_ref.db_name                    UNP 
_struct_ref.db_code                    PHIP_HUMAN 
_struct_ref.pdbx_db_accession          Q8WWQ0 
_struct_ref.pdbx_db_isoform            ? 
_struct_ref.entity_id                  1 
_struct_ref.pdbx_seq_one_letter_code   
;SYDIQAWKKQCEELLNLIFQCEDSEPFRQPVDLLEYPDYRDIIDTPMDFATVRETLEAGNYESPMELCKDVRLIFSNSKA
YTPSKRSRIYSMSLRLSAFFEEHISSVLSDYKSALRFHKRNTITKR
;
_struct_ref.pdbx_align_begin           1315 
# 
_struct_ref_seq.align_id                      1 
_struct_ref_seq.ref_id                        1 
_struct_ref_seq.pdbx_PDB_id_code              7FVE 
_struct_ref_seq.pdbx_strand_id                A 
_struct_ref_seq.seq_align_beg                 24 
_struct_ref_seq.pdbx_seq_align_beg_ins_code   ? 
_struct_ref_seq.seq_align_end                 149 
_struct_ref_seq.pdbx_seq_align_end_ins_code   ? 
_struct_ref_seq.pdbx_db_accession             Q8WWQ0 
_struct_ref_seq.db_align_beg                  1315 
_struct_ref_seq.pdbx_db_align_beg_ins_code    ? 
_struct_ref_seq.db_align_end                  1440 
_struct_ref_seq.pdbx_db_align_end_ins_code    ? 
_struct_ref_seq.pdbx_auth_seq_align_beg       1315 
_struct_ref_seq.pdbx_auth_seq_align_end       1440 
# 
loop_
_struct_ref_seq_dif.align_id 
_struct_ref_seq_dif.pdbx_pdb_id_code 
_struct_ref_seq_dif.mon_id 
_struct_ref_seq_dif.pdbx_pdb_strand_id 
_struct_ref_seq_dif.seq_num 
_struct_ref_seq_dif.pdbx_pdb_ins_code 
_struct_ref_seq_dif.pdbx_seq_db_name 
_struct_ref_seq_dif.pdbx_seq_db_accession_code 
_struct_ref_seq_dif.db_mon_id 
_struct_ref_seq_dif.pdbx_seq_db_seq_num 
_struct_ref_seq_dif.details 
_struct_ref_seq_dif.pdbx_auth_seq_num 
_struct_ref_seq_dif.pdbx_ordinal 
1 7FVE MET A 1  ? UNP Q8WWQ0 ? ? 'initiating methionine' 1292 1  
1 7FVE HIS A 2  ? UNP Q8WWQ0 ? ? 'expression tag'        1293 2  
1 7FVE HIS A 3  ? UNP Q8WWQ0 ? ? 'expression tag'        1294 3  
1 7FVE HIS A 4  ? UNP Q8WWQ0 ? ? 'expression tag'        1295 4  
1 7FVE HIS A 5  ? UNP Q8WWQ0 ? ? 'expression tag'        1296 5  
1 7FVE HIS A 6  ? UNP Q8WWQ0 ? ? 'expression tag'        1297 6  
1 7FVE HIS A 7  ? UNP Q8WWQ0 ? ? 'expression tag'        1298 7  
1 7FVE SER A 8  ? UNP Q8WWQ0 ? ? 'expression tag'        1299 8  
1 7FVE SER A 9  ? UNP Q8WWQ0 ? ? 'expression tag'        1300 9  
1 7FVE GLY A 10 ? UNP Q8WWQ0 ? ? 'expression tag'        1301 10 
1 7FVE VAL A 11 ? UNP Q8WWQ0 ? ? 'expression tag'        1302 11 
1 7FVE ASP A 12 ? UNP Q8WWQ0 ? ? 'expression tag'        1303 12 
1 7FVE LEU A 13 ? UNP Q8WWQ0 ? ? 'expression tag'        1304 13 
1 7FVE GLY A 14 ? UNP Q8WWQ0 ? ? 'expression tag'        1305 14 
1 7FVE THR A 15 ? UNP Q8WWQ0 ? ? 'expression tag'        1306 15 
1 7FVE GLU A 16 ? UNP Q8WWQ0 ? ? 'expression tag'        1307 16 
1 7FVE ASN A 17 ? UNP Q8WWQ0 ? ? 'expression tag'        1308 17 
1 7FVE LEU A 18 ? UNP Q8WWQ0 ? ? 'expression tag'        1309 18 
1 7FVE TYR A 19 ? UNP Q8WWQ0 ? ? 'expression tag'        1310 19 
1 7FVE PHE A 20 ? UNP Q8WWQ0 ? ? 'expression tag'        1311 20 
1 7FVE GLN A 21 ? UNP Q8WWQ0 ? ? 'expression tag'        1312 21 
1 7FVE SER A 22 ? UNP Q8WWQ0 ? ? 'expression tag'        1313 22 
1 7FVE MET A 23 ? UNP Q8WWQ0 ? ? 'expression tag'        1314 23 
# 
_pdbx_struct_assembly.id                   1 
_pdbx_struct_assembly.details              author_and_software_defined_assembly 
_pdbx_struct_assembly.method_details       PISA 
_pdbx_struct_assembly.oligomeric_details   monomeric 
_pdbx_struct_assembly.oligomeric_count     1 
# 
_pdbx_struct_assembly_gen.assembly_id       1 
_pdbx_struct_assembly_gen.oper_expression   1 
_pdbx_struct_assembly_gen.asym_id_list      A,B,C 
# 
_pdbx_struct_oper_list.id                   1 
_pdbx_struct_oper_list.type                 'identity operation' 
_pdbx_struct_oper_list.name                 1_555 
_pdbx_struct_oper_list.symmetry_operation   x,y,z 
_pdbx_struct_oper_list.matrix[1][1]         1.0000000000 
_pdbx_struct_oper_list.matrix[1][2]         0.0000000000 
_pdbx_struct_oper_list.matrix[1][3]         0.0000000000 
_pdbx_struct_oper_list.vector[1]            0.0000000000 
_pdbx_struct_oper_list.matrix[2][1]         0.0000000000 
_pdbx_struct_oper_list.matrix[2][2]         1.0000000000 
_pdbx_struct_oper_list.matrix[2][3]         0.0000000000 
_pdbx_struct_oper_list.vector[2]            0.0000000000 
_pdbx_struct_oper_list.matrix[3][1]         0.0000000000 
_pdbx_struct_oper_list.matrix[3][2]         0.0000000000 
_pdbx_struct_oper_list.matrix[3][3]         1.0000000000 
_pdbx_struct_oper_list.vector[3]            0.0000000000 
# 
loop_
_struct_conf.conf_type_id 
_struct_conf.id 
_struct_conf.pdbx_PDB_helix_id 
_struct_conf.beg_label_comp_id 
_struct_conf.beg_label_asym_id 
_struct_conf.beg_label_seq_id 
_struct_conf.pdbx_beg_PDB_ins_code 
_struct_conf.end_label_comp_id 
_struct_conf.end_label_asym_id 
_struct_conf.end_label_seq_id 
_struct_conf.pdbx_end_PDB_ins_code 
_struct_conf.beg_auth_comp_id 
_struct_conf.beg_auth_asym_id 
_struct_conf.beg_auth_seq_id 
_struct_conf.end_auth_comp_id 
_struct_conf.end_auth_asym_id 
_struct_conf.end_auth_seq_id 
_struct_conf.pdbx_PDB_helix_class 
_struct_conf.details 
_struct_conf.pdbx_PDB_helix_length 
HELX_P HELX_P1 AA1 ALA A 29  ? CYS A 44  ? ALA A 1320 CYS A 1335 1 ? 16 
HELX_P HELX_P2 AA2 GLU A 45  ? ARG A 51  ? GLU A 1336 ARG A 1342 5 ? 7  
HELX_P HELX_P3 AA3 ASP A 61  ? ILE A 66  ? ASP A 1352 ILE A 1357 1 ? 6  
HELX_P HELX_P4 AA4 ASP A 71  ? ALA A 81  ? ASP A 1362 ALA A 1372 1 ? 11 
HELX_P HELX_P5 AA5 SER A 86  ? THR A 105 ? SER A 1377 THR A 1396 1 ? 20 
HELX_P HELX_P6 AA6 SER A 110 ? LYS A 142 ? SER A 1401 LYS A 1433 1 ? 33 
# 
_struct_conf_type.id          HELX_P 
_struct_conf_type.criteria    ? 
_struct_conf_type.reference   ? 
# 
loop_
_pdbx_validate_close_contact.id 
_pdbx_validate_close_contact.PDB_model_num 
_pdbx_validate_close_contact.auth_atom_id_1 
_pdbx_validate_close_contact.auth_asym_id_1 
_pdbx_validate_close_contact.auth_comp_id_1 
_pdbx_validate_close_contact.auth_seq_id_1 
_pdbx_validate_close_contact.PDB_ins_code_1 
_pdbx_validate_close_contact.label_alt_id_1 
_pdbx_validate_close_contact.auth_atom_id_2 
_pdbx_validate_close_contact.auth_asym_id_2 
_pdbx_validate_close_contact.auth_comp_id_2 
_pdbx_validate_close_contact.auth_seq_id_2 
_pdbx_validate_close_contact.PDB_ins_code_2 
_pdbx_validate_close_contact.label_alt_id_2 
_pdbx_validate_close_contact.dist 
1 1 O   A HOH 2033 ? ? O A HOH 2068 ? ? 2.09 
2 1 OG1 A THR 1396 ? ? O A SER 1398 ? ? 2.15 
# 
loop_
_pdbx_validate_symm_contact.id 
_pdbx_validate_symm_contact.PDB_model_num 
_pdbx_validate_symm_contact.auth_atom_id_1 
_pdbx_validate_symm_contact.auth_asym_id_1 
_pdbx_validate_symm_contact.auth_comp_id_1 
_pdbx_validate_symm_contact.auth_seq_id_1 
_pdbx_validate_symm_contact.PDB_ins_code_1 
_pdbx_validate_symm_contact.label_alt_id_1 
_pdbx_validate_symm_contact.site_symmetry_1 
_pdbx_validate_symm_contact.auth_atom_id_2 
_pdbx_validate_symm_contact.auth_asym_id_2 
_pdbx_validate_symm_contact.auth_comp_id_2 
_pdbx_validate_symm_contact.auth_seq_id_2 
_pdbx_validate_symm_contact.PDB_ins_code_2 
_pdbx_validate_symm_contact.label_alt_id_2 
_pdbx_validate_symm_contact.site_symmetry_2 
_pdbx_validate_symm_contact.dist 
1 1 O   A HOH 2169 ? ? 1_555 O   A HOH 2182 ? ? 4_445 2.07 
2 1 OD1 A ASP 1358 ? ? 1_555 NH2 A ARG 1400 ? ? 4_446 2.13 
3 1 O   A HOH 2071 ? ? 1_555 O   A HOH 2078 ? ? 4_445 2.16 
# 
_pdbx_struct_special_symmetry.id              1 
_pdbx_struct_special_symmetry.PDB_model_num   1 
_pdbx_struct_special_symmetry.auth_asym_id    A 
_pdbx_struct_special_symmetry.auth_comp_id    HOH 
_pdbx_struct_special_symmetry.auth_seq_id     2204 
_pdbx_struct_special_symmetry.PDB_ins_code    ? 
_pdbx_struct_special_symmetry.label_asym_id   C 
_pdbx_struct_special_symmetry.label_comp_id   HOH 
_pdbx_struct_special_symmetry.label_seq_id    . 
# 
_phasing.method   MR 
# 
_pdbx_entry_details.entry_id                 7FVE 
_pdbx_entry_details.compound_details         ? 
_pdbx_entry_details.source_details           ? 
_pdbx_entry_details.nonpolymer_details       ? 
_pdbx_entry_details.sequence_details         ? 
_pdbx_entry_details.has_ligand_of_interest   Y 
# 
loop_
_pdbx_unobs_or_zero_occ_residues.id 
_pdbx_unobs_or_zero_occ_residues.PDB_model_num 
_pdbx_unobs_or_zero_occ_residues.polymer_flag 
_pdbx_unobs_or_zero_occ_residues.occupancy_flag 
_pdbx_unobs_or_zero_occ_residues.auth_asym_id 
_pdbx_unobs_or_zero_occ_residues.auth_comp_id 
_pdbx_unobs_or_zero_occ_residues.auth_seq_id 
_pdbx_unobs_or_zero_occ_residues.PDB_ins_code 
_pdbx_unobs_or_zero_occ_residues.label_asym_id 
_pdbx_unobs_or_zero_occ_residues.label_comp_id 
_pdbx_unobs_or_zero_occ_residues.label_seq_id 
1  1 Y 1 A MET 1292 ? A MET 1   
2  1 Y 1 A HIS 1293 ? A HIS 2   
3  1 Y 1 A HIS 1294 ? A HIS 3   
4  1 Y 1 A HIS 1295 ? A HIS 4   
5  1 Y 1 A HIS 1296 ? A HIS 5   
6  1 Y 1 A HIS 1297 ? A HIS 6   
7  1 Y 1 A HIS 1298 ? A HIS 7   
8  1 Y 1 A SER 1299 ? A SER 8   
9  1 Y 1 A SER 1300 ? A SER 9   
10 1 Y 1 A GLY 1301 ? A GLY 10  
11 1 Y 1 A VAL 1302 ? A VAL 11  
12 1 Y 1 A ASP 1303 ? A ASP 12  
13 1 Y 1 A LEU 1304 ? A LEU 13  
14 1 Y 1 A GLY 1305 ? A GLY 14  
15 1 Y 1 A THR 1306 ? A THR 15  
16 1 Y 1 A GLU 1307 ? A GLU 16  
17 1 Y 1 A ASN 1308 ? A ASN 17  
18 1 Y 1 A LEU 1309 ? A LEU 18  
19 1 Y 1 A TYR 1310 ? A TYR 19  
20 1 Y 1 A PHE 1311 ? A PHE 20  
21 1 Y 1 A GLN 1312 ? A GLN 21  
22 1 Y 1 A SER 1313 ? A SER 22  
23 1 Y 1 A MET 1314 ? A MET 23  
24 1 Y 1 A THR 1436 ? A THR 145 
25 1 Y 1 A ILE 1437 ? A ILE 146 
26 1 Y 1 A THR 1438 ? A THR 147 
27 1 Y 1 A LYS 1439 ? A LYS 148 
28 1 Y 1 A ARG 1440 ? A ARG 149 
# 
loop_
_chem_comp_atom.comp_id 
_chem_comp_atom.atom_id 
_chem_comp_atom.type_symbol 
_chem_comp_atom.pdbx_aromatic_flag 
_chem_comp_atom.pdbx_stereo_config 
_chem_comp_atom.pdbx_ordinal 
ALA N    N  N N 1   
ALA CA   C  N S 2   
ALA C    C  N N 3   
ALA O    O  N N 4   
ALA CB   C  N N 5   
ALA OXT  O  N N 6   
ALA H    H  N N 7   
ALA H2   H  N N 8   
ALA HA   H  N N 9   
ALA HB1  H  N N 10  
ALA HB2  H  N N 11  
ALA HB3  H  N N 12  
ALA HXT  H  N N 13  
ARG N    N  N N 14  
ARG CA   C  N S 15  
ARG C    C  N N 16  
ARG O    O  N N 17  
ARG CB   C  N N 18  
ARG CG   C  N N 19  
ARG CD   C  N N 20  
ARG NE   N  N N 21  
ARG CZ   C  N N 22  
ARG NH1  N  N N 23  
ARG NH2  N  N N 24  
ARG OXT  O  N N 25  
ARG H    H  N N 26  
ARG H2   H  N N 27  
ARG HA   H  N N 28  
ARG HB2  H  N N 29  
ARG HB3  H  N N 30  
ARG HG2  H  N N 31  
ARG HG3  H  N N 32  
ARG HD2  H  N N 33  
ARG HD3  H  N N 34  
ARG HE   H  N N 35  
ARG HH11 H  N N 36  
ARG HH12 H  N N 37  
ARG HH21 H  N N 38  
ARG HH22 H  N N 39  
ARG HXT  H  N N 40  
ASN N    N  N N 41  
ASN CA   C  N S 42  
ASN C    C  N N 43  
ASN O    O  N N 44  
ASN CB   C  N N 45  
ASN CG   C  N N 46  
ASN OD1  O  N N 47  
ASN ND2  N  N N 48  
ASN OXT  O  N N 49  
ASN H    H  N N 50  
ASN H2   H  N N 51  
ASN HA   H  N N 52  
ASN HB2  H  N N 53  
ASN HB3  H  N N 54  
ASN HD21 H  N N 55  
ASN HD22 H  N N 56  
ASN HXT  H  N N 57  
ASP N    N  N N 58  
ASP CA   C  N S 59  
ASP C    C  N N 60  
ASP O    O  N N 61  
ASP CB   C  N N 62  
ASP CG   C  N N 63  
ASP OD1  O  N N 64  
ASP OD2  O  N N 65  
ASP OXT  O  N N 66  
ASP H    H  N N 67  
ASP H2   H  N N 68  
ASP HA   H  N N 69  
ASP HB2  H  N N 70  
ASP HB3  H  N N 71  
ASP HD2  H  N N 72  
ASP HXT  H  N N 73  
CYS N    N  N N 74  
CYS CA   C  N R 75  
CYS C    C  N N 76  
CYS O    O  N N 77  
CYS CB   C  N N 78  
CYS SG   S  N N 79  
CYS OXT  O  N N 80  
CYS H    H  N N 81  
CYS H2   H  N N 82  
CYS HA   H  N N 83  
CYS HB2  H  N N 84  
CYS HB3  H  N N 85  
CYS HG   H  N N 86  
CYS HXT  H  N N 87  
GLN N    N  N N 88  
GLN CA   C  N S 89  
GLN C    C  N N 90  
GLN O    O  N N 91  
GLN CB   C  N N 92  
GLN CG   C  N N 93  
GLN CD   C  N N 94  
GLN OE1  O  N N 95  
GLN NE2  N  N N 96  
GLN OXT  O  N N 97  
GLN H    H  N N 98  
GLN H2   H  N N 99  
GLN HA   H  N N 100 
GLN HB2  H  N N 101 
GLN HB3  H  N N 102 
GLN HG2  H  N N 103 
GLN HG3  H  N N 104 
GLN HE21 H  N N 105 
GLN HE22 H  N N 106 
GLN HXT  H  N N 107 
GLU N    N  N N 108 
GLU CA   C  N S 109 
GLU C    C  N N 110 
GLU O    O  N N 111 
GLU CB   C  N N 112 
GLU CG   C  N N 113 
GLU CD   C  N N 114 
GLU OE1  O  N N 115 
GLU OE2  O  N N 116 
GLU OXT  O  N N 117 
GLU H    H  N N 118 
GLU H2   H  N N 119 
GLU HA   H  N N 120 
GLU HB2  H  N N 121 
GLU HB3  H  N N 122 
GLU HG2  H  N N 123 
GLU HG3  H  N N 124 
GLU HE2  H  N N 125 
GLU HXT  H  N N 126 
GLY N    N  N N 127 
GLY CA   C  N N 128 
GLY C    C  N N 129 
GLY O    O  N N 130 
GLY OXT  O  N N 131 
GLY H    H  N N 132 
GLY H2   H  N N 133 
GLY HA2  H  N N 134 
GLY HA3  H  N N 135 
GLY HXT  H  N N 136 
HIS N    N  N N 137 
HIS CA   C  N S 138 
HIS C    C  N N 139 
HIS O    O  N N 140 
HIS CB   C  N N 141 
HIS CG   C  Y N 142 
HIS ND1  N  Y N 143 
HIS CD2  C  Y N 144 
HIS CE1  C  Y N 145 
HIS NE2  N  Y N 146 
HIS OXT  O  N N 147 
HIS H    H  N N 148 
HIS H2   H  N N 149 
HIS HA   H  N N 150 
HIS HB2  H  N N 151 
HIS HB3  H  N N 152 
HIS HD1  H  N N 153 
HIS HD2  H  N N 154 
HIS HE1  H  N N 155 
HIS HE2  H  N N 156 
HIS HXT  H  N N 157 
HOH O    O  N N 158 
HOH H1   H  N N 159 
HOH H2   H  N N 160 
ILE N    N  N N 161 
ILE CA   C  N S 162 
ILE C    C  N N 163 
ILE O    O  N N 164 
ILE CB   C  N S 165 
ILE CG1  C  N N 166 
ILE CG2  C  N N 167 
ILE CD1  C  N N 168 
ILE OXT  O  N N 169 
ILE H    H  N N 170 
ILE H2   H  N N 171 
ILE HA   H  N N 172 
ILE HB   H  N N 173 
ILE HG12 H  N N 174 
ILE HG13 H  N N 175 
ILE HG21 H  N N 176 
ILE HG22 H  N N 177 
ILE HG23 H  N N 178 
ILE HD11 H  N N 179 
ILE HD12 H  N N 180 
ILE HD13 H  N N 181 
ILE HXT  H  N N 182 
LEU N    N  N N 183 
LEU CA   C  N S 184 
LEU C    C  N N 185 
LEU O    O  N N 186 
LEU CB   C  N N 187 
LEU CG   C  N N 188 
LEU CD1  C  N N 189 
LEU CD2  C  N N 190 
LEU OXT  O  N N 191 
LEU H    H  N N 192 
LEU H2   H  N N 193 
LEU HA   H  N N 194 
LEU HB2  H  N N 195 
LEU HB3  H  N N 196 
LEU HG   H  N N 197 
LEU HD11 H  N N 198 
LEU HD12 H  N N 199 
LEU HD13 H  N N 200 
LEU HD21 H  N N 201 
LEU HD22 H  N N 202 
LEU HD23 H  N N 203 
LEU HXT  H  N N 204 
LYS N    N  N N 205 
LYS CA   C  N S 206 
LYS C    C  N N 207 
LYS O    O  N N 208 
LYS CB   C  N N 209 
LYS CG   C  N N 210 
LYS CD   C  N N 211 
LYS CE   C  N N 212 
LYS NZ   N  N N 213 
LYS OXT  O  N N 214 
LYS H    H  N N 215 
LYS H2   H  N N 216 
LYS HA   H  N N 217 
LYS HB2  H  N N 218 
LYS HB3  H  N N 219 
LYS HG2  H  N N 220 
LYS HG3  H  N N 221 
LYS HD2  H  N N 222 
LYS HD3  H  N N 223 
LYS HE2  H  N N 224 
LYS HE3  H  N N 225 
LYS HZ1  H  N N 226 
LYS HZ2  H  N N 227 
LYS HZ3  H  N N 228 
LYS HXT  H  N N 229 
MET N    N  N N 230 
MET CA   C  N S 231 
MET C    C  N N 232 
MET O    O  N N 233 
MET CB   C  N N 234 
MET CG   C  N N 235 
MET SD   S  N N 236 
MET CE   C  N N 237 
MET OXT  O  N N 238 
MET H    H  N N 239 
MET H2   H  N N 240 
MET HA   H  N N 241 
MET HB2  H  N N 242 
MET HB3  H  N N 243 
MET HG2  H  N N 244 
MET HG3  H  N N 245 
MET HE1  H  N N 246 
MET HE2  H  N N 247 
MET HE3  H  N N 248 
MET HXT  H  N N 249 
PHE N    N  N N 250 
PHE CA   C  N S 251 
PHE C    C  N N 252 
PHE O    O  N N 253 
PHE CB   C  N N 254 
PHE CG   C  Y N 255 
PHE CD1  C  Y N 256 
PHE CD2  C  Y N 257 
PHE CE1  C  Y N 258 
PHE CE2  C  Y N 259 
PHE CZ   C  Y N 260 
PHE OXT  O  N N 261 
PHE H    H  N N 262 
PHE H2   H  N N 263 
PHE HA   H  N N 264 
PHE HB2  H  N N 265 
PHE HB3  H  N N 266 
PHE HD1  H  N N 267 
PHE HD2  H  N N 268 
PHE HE1  H  N N 269 
PHE HE2  H  N N 270 
PHE HZ   H  N N 271 
PHE HXT  H  N N 272 
PRO N    N  N N 273 
PRO CA   C  N S 274 
PRO C    C  N N 275 
PRO O    O  N N 276 
PRO CB   C  N N 277 
PRO CG   C  N N 278 
PRO CD   C  N N 279 
PRO OXT  O  N N 280 
PRO H    H  N N 281 
PRO HA   H  N N 282 
PRO HB2  H  N N 283 
PRO HB3  H  N N 284 
PRO HG2  H  N N 285 
PRO HG3  H  N N 286 
PRO HD2  H  N N 287 
PRO HD3  H  N N 288 
PRO HXT  H  N N 289 
SER N    N  N N 290 
SER CA   C  N S 291 
SER C    C  N N 292 
SER O    O  N N 293 
SER CB   C  N N 294 
SER OG   O  N N 295 
SER OXT  O  N N 296 
SER H    H  N N 297 
SER H2   H  N N 298 
SER HA   H  N N 299 
SER HB2  H  N N 300 
SER HB3  H  N N 301 
SER HG   H  N N 302 
SER HXT  H  N N 303 
THR N    N  N N 304 
THR CA   C  N S 305 
THR C    C  N N 306 
THR O    O  N N 307 
THR CB   C  N R 308 
THR OG1  O  N N 309 
THR CG2  C  N N 310 
THR OXT  O  N N 311 
THR H    H  N N 312 
THR H2   H  N N 313 
THR HA   H  N N 314 
THR HB   H  N N 315 
THR HG1  H  N N 316 
THR HG21 H  N N 317 
THR HG22 H  N N 318 
THR HG23 H  N N 319 
THR HXT  H  N N 320 
TRP N    N  N N 321 
TRP CA   C  N S 322 
TRP C    C  N N 323 
TRP O    O  N N 324 
TRP CB   C  N N 325 
TRP CG   C  Y N 326 
TRP CD1  C  Y N 327 
TRP CD2  C  Y N 328 
TRP NE1  N  Y N 329 
TRP CE2  C  Y N 330 
TRP CE3  C  Y N 331 
TRP CZ2  C  Y N 332 
TRP CZ3  C  Y N 333 
TRP CH2  C  Y N 334 
TRP OXT  O  N N 335 
TRP H    H  N N 336 
TRP H2   H  N N 337 
TRP HA   H  N N 338 
TRP HB2  H  N N 339 
TRP HB3  H  N N 340 
TRP HD1  H  N N 341 
TRP HE1  H  N N 342 
TRP HE3  H  N N 343 
TRP HZ2  H  N N 344 
TRP HZ3  H  N N 345 
TRP HH2  H  N N 346 
TRP HXT  H  N N 347 
TYR N    N  N N 348 
TYR CA   C  N S 349 
TYR C    C  N N 350 
TYR O    O  N N 351 
TYR CB   C  N N 352 
TYR CG   C  Y N 353 
TYR CD1  C  Y N 354 
TYR CD2  C  Y N 355 
TYR CE1  C  Y N 356 
TYR CE2  C  Y N 357 
TYR CZ   C  Y N 358 
TYR OH   O  N N 359 
TYR OXT  O  N N 360 
TYR H    H  N N 361 
TYR H2   H  N N 362 
TYR HA   H  N N 363 
TYR HB2  H  N N 364 
TYR HB3  H  N N 365 
TYR HD1  H  N N 366 
TYR HD2  H  N N 367 
TYR HE1  H  N N 368 
TYR HE2  H  N N 369 
TYR HH   H  N N 370 
TYR HXT  H  N N 371 
VAL N    N  N N 372 
VAL CA   C  N S 373 
VAL C    C  N N 374 
VAL O    O  N N 375 
VAL CB   C  N N 376 
VAL CG1  C  N N 377 
VAL CG2  C  N N 378 
VAL OXT  O  N N 379 
VAL H    H  N N 380 
VAL H2   H  N N 381 
VAL HA   H  N N 382 
VAL HB   H  N N 383 
VAL HG11 H  N N 384 
VAL HG12 H  N N 385 
VAL HG13 H  N N 386 
VAL HG21 H  N N 387 
VAL HG22 H  N N 388 
VAL HG23 H  N N 389 
VAL HXT  H  N N 390 
ZMN N1   N  N N 391 
ZMN N3   N  N N 392 
ZMN C4   C  Y N 393 
ZMN C5   C  Y N 394 
ZMN C6   C  Y N 395 
ZMN C7   C  N N 396 
ZMN C8   C  N N 397 
ZMN C10  C  N N 398 
ZMN C13  C  N N 399 
ZMN C15  C  N N 400 
ZMN C17  C  Y N 401 
ZMN C20  C  Y N 402 
ZMN C1   C  N N 403 
ZMN C11  C  N N 404 
ZMN C12  C  N N 405 
ZMN C14  C  N N 406 
ZMN C16  C  Y N 407 
ZMN C18  C  Y N 408 
ZMN C19  C  Y N 409 
ZMN C2   C  Y N 410 
ZMN C3   C  Y N 411 
ZMN C9   C  N N 412 
ZMN N2   N  N N 413 
ZMN O1   O  N N 414 
ZMN O2   O  N N 415 
ZMN O3   O  N N 416 
ZMN O4   O  Y N 417 
ZMN BR1  BR N N 418 
ZMN H13  H  N N 419 
ZMN H5   H  N N 420 
ZMN H6   H  N N 421 
ZMN H7   H  N N 422 
ZMN H8   H  N N 423 
ZMN H10  H  N N 424 
ZMN H9   H  N N 425 
ZMN H18  H  N N 426 
ZMN H19  H  N N 427 
ZMN H22  H  N N 428 
ZMN H24  H  N N 429 
ZMN H2   H  N N 430 
ZMN H1   H  N N 431 
ZMN H3   H  N N 432 
ZMN H14  H  N N 433 
ZMN H15  H  N N 434 
ZMN H17  H  N N 435 
ZMN H16  H  N N 436 
ZMN H21  H  N N 437 
ZMN H20  H  N N 438 
ZMN H23  H  N N 439 
ZMN H4   H  N N 440 
ZMN H12  H  N N 441 
ZMN H11  H  N N 442 
# 
loop_
_chem_comp_bond.comp_id 
_chem_comp_bond.atom_id_1 
_chem_comp_bond.atom_id_2 
_chem_comp_bond.value_order 
_chem_comp_bond.pdbx_aromatic_flag 
_chem_comp_bond.pdbx_stereo_config 
_chem_comp_bond.pdbx_ordinal 
ALA N   CA   sing N N 1   
ALA N   H    sing N N 2   
ALA N   H2   sing N N 3   
ALA CA  C    sing N N 4   
ALA CA  CB   sing N N 5   
ALA CA  HA   sing N N 6   
ALA C   O    doub N N 7   
ALA C   OXT  sing N N 8   
ALA CB  HB1  sing N N 9   
ALA CB  HB2  sing N N 10  
ALA CB  HB3  sing N N 11  
ALA OXT HXT  sing N N 12  
ARG N   CA   sing N N 13  
ARG N   H    sing N N 14  
ARG N   H2   sing N N 15  
ARG CA  C    sing N N 16  
ARG CA  CB   sing N N 17  
ARG CA  HA   sing N N 18  
ARG C   O    doub N N 19  
ARG C   OXT  sing N N 20  
ARG CB  CG   sing N N 21  
ARG CB  HB2  sing N N 22  
ARG CB  HB3  sing N N 23  
ARG CG  CD   sing N N 24  
ARG CG  HG2  sing N N 25  
ARG CG  HG3  sing N N 26  
ARG CD  NE   sing N N 27  
ARG CD  HD2  sing N N 28  
ARG CD  HD3  sing N N 29  
ARG NE  CZ   sing N N 30  
ARG NE  HE   sing N N 31  
ARG CZ  NH1  sing N N 32  
ARG CZ  NH2  doub N N 33  
ARG NH1 HH11 sing N N 34  
ARG NH1 HH12 sing N N 35  
ARG NH2 HH21 sing N N 36  
ARG NH2 HH22 sing N N 37  
ARG OXT HXT  sing N N 38  
ASN N   CA   sing N N 39  
ASN N   H    sing N N 40  
ASN N   H2   sing N N 41  
ASN CA  C    sing N N 42  
ASN CA  CB   sing N N 43  
ASN CA  HA   sing N N 44  
ASN C   O    doub N N 45  
ASN C   OXT  sing N N 46  
ASN CB  CG   sing N N 47  
ASN CB  HB2  sing N N 48  
ASN CB  HB3  sing N N 49  
ASN CG  OD1  doub N N 50  
ASN CG  ND2  sing N N 51  
ASN ND2 HD21 sing N N 52  
ASN ND2 HD22 sing N N 53  
ASN OXT HXT  sing N N 54  
ASP N   CA   sing N N 55  
ASP N   H    sing N N 56  
ASP N   H2   sing N N 57  
ASP CA  C    sing N N 58  
ASP CA  CB   sing N N 59  
ASP CA  HA   sing N N 60  
ASP C   O    doub N N 61  
ASP C   OXT  sing N N 62  
ASP CB  CG   sing N N 63  
ASP CB  HB2  sing N N 64  
ASP CB  HB3  sing N N 65  
ASP CG  OD1  doub N N 66  
ASP CG  OD2  sing N N 67  
ASP OD2 HD2  sing N N 68  
ASP OXT HXT  sing N N 69  
CYS N   CA   sing N N 70  
CYS N   H    sing N N 71  
CYS N   H2   sing N N 72  
CYS CA  C    sing N N 73  
CYS CA  CB   sing N N 74  
CYS CA  HA   sing N N 75  
CYS C   O    doub N N 76  
CYS C   OXT  sing N N 77  
CYS CB  SG   sing N N 78  
CYS CB  HB2  sing N N 79  
CYS CB  HB3  sing N N 80  
CYS SG  HG   sing N N 81  
CYS OXT HXT  sing N N 82  
GLN N   CA   sing N N 83  
GLN N   H    sing N N 84  
GLN N   H2   sing N N 85  
GLN CA  C    sing N N 86  
GLN CA  CB   sing N N 87  
GLN CA  HA   sing N N 88  
GLN C   O    doub N N 89  
GLN C   OXT  sing N N 90  
GLN CB  CG   sing N N 91  
GLN CB  HB2  sing N N 92  
GLN CB  HB3  sing N N 93  
GLN CG  CD   sing N N 94  
GLN CG  HG2  sing N N 95  
GLN CG  HG3  sing N N 96  
GLN CD  OE1  doub N N 97  
GLN CD  NE2  sing N N 98  
GLN NE2 HE21 sing N N 99  
GLN NE2 HE22 sing N N 100 
GLN OXT HXT  sing N N 101 
GLU N   CA   sing N N 102 
GLU N   H    sing N N 103 
GLU N   H2   sing N N 104 
GLU CA  C    sing N N 105 
GLU CA  CB   sing N N 106 
GLU CA  HA   sing N N 107 
GLU C   O    doub N N 108 
GLU C   OXT  sing N N 109 
GLU CB  CG   sing N N 110 
GLU CB  HB2  sing N N 111 
GLU CB  HB3  sing N N 112 
GLU CG  CD   sing N N 113 
GLU CG  HG2  sing N N 114 
GLU CG  HG3  sing N N 115 
GLU CD  OE1  doub N N 116 
GLU CD  OE2  sing N N 117 
GLU OE2 HE2  sing N N 118 
GLU OXT HXT  sing N N 119 
GLY N   CA   sing N N 120 
GLY N   H    sing N N 121 
GLY N   H2   sing N N 122 
GLY CA  C    sing N N 123 
GLY CA  HA2  sing N N 124 
GLY CA  HA3  sing N N 125 
GLY C   O    doub N N 126 
GLY C   OXT  sing N N 127 
GLY OXT HXT  sing N N 128 
HIS N   CA   sing N N 129 
HIS N   H    sing N N 130 
HIS N   H2   sing N N 131 
HIS CA  C    sing N N 132 
HIS CA  CB   sing N N 133 
HIS CA  HA   sing N N 134 
HIS C   O    doub N N 135 
HIS C   OXT  sing N N 136 
HIS CB  CG   sing N N 137 
HIS CB  HB2  sing N N 138 
HIS CB  HB3  sing N N 139 
HIS CG  ND1  sing Y N 140 
HIS CG  CD2  doub Y N 141 
HIS ND1 CE1  doub Y N 142 
HIS ND1 HD1  sing N N 143 
HIS CD2 NE2  sing Y N 144 
HIS CD2 HD2  sing N N 145 
HIS CE1 NE2  sing Y N 146 
HIS CE1 HE1  sing N N 147 
HIS NE2 HE2  sing N N 148 
HIS OXT HXT  sing N N 149 
HOH O   H1   sing N N 150 
HOH O   H2   sing N N 151 
ILE N   CA   sing N N 152 
ILE N   H    sing N N 153 
ILE N   H2   sing N N 154 
ILE CA  C    sing N N 155 
ILE CA  CB   sing N N 156 
ILE CA  HA   sing N N 157 
ILE C   O    doub N N 158 
ILE C   OXT  sing N N 159 
ILE CB  CG1  sing N N 160 
ILE CB  CG2  sing N N 161 
ILE CB  HB   sing N N 162 
ILE CG1 CD1  sing N N 163 
ILE CG1 HG12 sing N N 164 
ILE CG1 HG13 sing N N 165 
ILE CG2 HG21 sing N N 166 
ILE CG2 HG22 sing N N 167 
ILE CG2 HG23 sing N N 168 
ILE CD1 HD11 sing N N 169 
ILE CD1 HD12 sing N N 170 
ILE CD1 HD13 sing N N 171 
ILE OXT HXT  sing N N 172 
LEU N   CA   sing N N 173 
LEU N   H    sing N N 174 
LEU N   H2   sing N N 175 
LEU CA  C    sing N N 176 
LEU CA  CB   sing N N 177 
LEU CA  HA   sing N N 178 
LEU C   O    doub N N 179 
LEU C   OXT  sing N N 180 
LEU CB  CG   sing N N 181 
LEU CB  HB2  sing N N 182 
LEU CB  HB3  sing N N 183 
LEU CG  CD1  sing N N 184 
LEU CG  CD2  sing N N 185 
LEU CG  HG   sing N N 186 
LEU CD1 HD11 sing N N 187 
LEU CD1 HD12 sing N N 188 
LEU CD1 HD13 sing N N 189 
LEU CD2 HD21 sing N N 190 
LEU CD2 HD22 sing N N 191 
LEU CD2 HD23 sing N N 192 
LEU OXT HXT  sing N N 193 
LYS N   CA   sing N N 194 
LYS N   H    sing N N 195 
LYS N   H2   sing N N 196 
LYS CA  C    sing N N 197 
LYS CA  CB   sing N N 198 
LYS CA  HA   sing N N 199 
LYS C   O    doub N N 200 
LYS C   OXT  sing N N 201 
LYS CB  CG   sing N N 202 
LYS CB  HB2  sing N N 203 
LYS CB  HB3  sing N N 204 
LYS CG  CD   sing N N 205 
LYS CG  HG2  sing N N 206 
LYS CG  HG3  sing N N 207 
LYS CD  CE   sing N N 208 
LYS CD  HD2  sing N N 209 
LYS CD  HD3  sing N N 210 
LYS CE  NZ   sing N N 211 
LYS CE  HE2  sing N N 212 
LYS CE  HE3  sing N N 213 
LYS NZ  HZ1  sing N N 214 
LYS NZ  HZ2  sing N N 215 
LYS NZ  HZ3  sing N N 216 
LYS OXT HXT  sing N N 217 
MET N   CA   sing N N 218 
MET N   H    sing N N 219 
MET N   H2   sing N N 220 
MET CA  C    sing N N 221 
MET CA  CB   sing N N 222 
MET CA  HA   sing N N 223 
MET C   O    doub N N 224 
MET C   OXT  sing N N 225 
MET CB  CG   sing N N 226 
MET CB  HB2  sing N N 227 
MET CB  HB3  sing N N 228 
MET CG  SD   sing N N 229 
MET CG  HG2  sing N N 230 
MET CG  HG3  sing N N 231 
MET SD  CE   sing N N 232 
MET CE  HE1  sing N N 233 
MET CE  HE2  sing N N 234 
MET CE  HE3  sing N N 235 
MET OXT HXT  sing N N 236 
PHE N   CA   sing N N 237 
PHE N   H    sing N N 238 
PHE N   H2   sing N N 239 
PHE CA  C    sing N N 240 
PHE CA  CB   sing N N 241 
PHE CA  HA   sing N N 242 
PHE C   O    doub N N 243 
PHE C   OXT  sing N N 244 
PHE CB  CG   sing N N 245 
PHE CB  HB2  sing N N 246 
PHE CB  HB3  sing N N 247 
PHE CG  CD1  doub Y N 248 
PHE CG  CD2  sing Y N 249 
PHE CD1 CE1  sing Y N 250 
PHE CD1 HD1  sing N N 251 
PHE CD2 CE2  doub Y N 252 
PHE CD2 HD2  sing N N 253 
PHE CE1 CZ   doub Y N 254 
PHE CE1 HE1  sing N N 255 
PHE CE2 CZ   sing Y N 256 
PHE CE2 HE2  sing N N 257 
PHE CZ  HZ   sing N N 258 
PHE OXT HXT  sing N N 259 
PRO N   CA   sing N N 260 
PRO N   CD   sing N N 261 
PRO N   H    sing N N 262 
PRO CA  C    sing N N 263 
PRO CA  CB   sing N N 264 
PRO CA  HA   sing N N 265 
PRO C   O    doub N N 266 
PRO C   OXT  sing N N 267 
PRO CB  CG   sing N N 268 
PRO CB  HB2  sing N N 269 
PRO CB  HB3  sing N N 270 
PRO CG  CD   sing N N 271 
PRO CG  HG2  sing N N 272 
PRO CG  HG3  sing N N 273 
PRO CD  HD2  sing N N 274 
PRO CD  HD3  sing N N 275 
PRO OXT HXT  sing N N 276 
SER N   CA   sing N N 277 
SER N   H    sing N N 278 
SER N   H2   sing N N 279 
SER CA  C    sing N N 280 
SER CA  CB   sing N N 281 
SER CA  HA   sing N N 282 
SER C   O    doub N N 283 
SER C   OXT  sing N N 284 
SER CB  OG   sing N N 285 
SER CB  HB2  sing N N 286 
SER CB  HB3  sing N N 287 
SER OG  HG   sing N N 288 
SER OXT HXT  sing N N 289 
THR N   CA   sing N N 290 
THR N   H    sing N N 291 
THR N   H2   sing N N 292 
THR CA  C    sing N N 293 
THR CA  CB   sing N N 294 
THR CA  HA   sing N N 295 
THR C   O    doub N N 296 
THR C   OXT  sing N N 297 
THR CB  OG1  sing N N 298 
THR CB  CG2  sing N N 299 
THR CB  HB   sing N N 300 
THR OG1 HG1  sing N N 301 
THR CG2 HG21 sing N N 302 
THR CG2 HG22 sing N N 303 
THR CG2 HG23 sing N N 304 
THR OXT HXT  sing N N 305 
TRP N   CA   sing N N 306 
TRP N   H    sing N N 307 
TRP N   H2   sing N N 308 
TRP CA  C    sing N N 309 
TRP CA  CB   sing N N 310 
TRP CA  HA   sing N N 311 
TRP C   O    doub N N 312 
TRP C   OXT  sing N N 313 
TRP CB  CG   sing N N 314 
TRP CB  HB2  sing N N 315 
TRP CB  HB3  sing N N 316 
TRP CG  CD1  doub Y N 317 
TRP CG  CD2  sing Y N 318 
TRP CD1 NE1  sing Y N 319 
TRP CD1 HD1  sing N N 320 
TRP CD2 CE2  doub Y N 321 
TRP CD2 CE3  sing Y N 322 
TRP NE1 CE2  sing Y N 323 
TRP NE1 HE1  sing N N 324 
TRP CE2 CZ2  sing Y N 325 
TRP CE3 CZ3  doub Y N 326 
TRP CE3 HE3  sing N N 327 
TRP CZ2 CH2  doub Y N 328 
TRP CZ2 HZ2  sing N N 329 
TRP CZ3 CH2  sing Y N 330 
TRP CZ3 HZ3  sing N N 331 
TRP CH2 HH2  sing N N 332 
TRP OXT HXT  sing N N 333 
TYR N   CA   sing N N 334 
TYR N   H    sing N N 335 
TYR N   H2   sing N N 336 
TYR CA  C    sing N N 337 
TYR CA  CB   sing N N 338 
TYR CA  HA   sing N N 339 
TYR C   O    doub N N 340 
TYR C   OXT  sing N N 341 
TYR CB  CG   sing N N 342 
TYR CB  HB2  sing N N 343 
TYR CB  HB3  sing N N 344 
TYR CG  CD1  doub Y N 345 
TYR CG  CD2  sing Y N 346 
TYR CD1 CE1  sing Y N 347 
TYR CD1 HD1  sing N N 348 
TYR CD2 CE2  doub Y N 349 
TYR CD2 HD2  sing N N 350 
TYR CE1 CZ   doub Y N 351 
TYR CE1 HE1  sing N N 352 
TYR CE2 CZ   sing Y N 353 
TYR CE2 HE2  sing N N 354 
TYR CZ  OH   sing N N 355 
TYR OH  HH   sing N N 356 
TYR OXT HXT  sing N N 357 
VAL N   CA   sing N N 358 
VAL N   H    sing N N 359 
VAL N   H2   sing N N 360 
VAL CA  C    sing N N 361 
VAL CA  CB   sing N N 362 
VAL CA  HA   sing N N 363 
VAL C   O    doub N N 364 
VAL C   OXT  sing N N 365 
VAL CB  CG1  sing N N 366 
VAL CB  CG2  sing N N 367 
VAL CB  HB   sing N N 368 
VAL CG1 HG11 sing N N 369 
VAL CG1 HG12 sing N N 370 
VAL CG1 HG13 sing N N 371 
VAL CG2 HG21 sing N N 372 
VAL CG2 HG22 sing N N 373 
VAL CG2 HG23 sing N N 374 
VAL OXT HXT  sing N N 375 
ZMN C1  C2   sing N N 376 
ZMN C2  C3   doub Y N 377 
ZMN C3  C4   sing Y N 378 
ZMN C4  C5   doub Y N 379 
ZMN C5  C6   sing Y N 380 
ZMN C6  O1   sing N N 381 
ZMN O1  C7   sing N N 382 
ZMN C7  C8   sing N N 383 
ZMN C8  C9   sing N N 384 
ZMN C9  N1   sing N N 385 
ZMN N1  C10  sing N N 386 
ZMN C10 O2   doub N N 387 
ZMN C10 N2   sing N N 388 
ZMN N2  C11  sing N N 389 
ZMN C11 C12  sing N N 390 
ZMN C12 N3   sing N N 391 
ZMN N3  C13  sing N N 392 
ZMN C13 C14  sing N N 393 
ZMN N3  C15  sing N N 394 
ZMN C15 O3   doub N N 395 
ZMN C15 C16  sing N N 396 
ZMN C16 C17  doub Y N 397 
ZMN C17 C18  sing Y N 398 
ZMN C18 C19  doub Y N 399 
ZMN C19 O4   sing Y N 400 
ZMN C6  C20  doub Y N 401 
ZMN C2  C20  sing Y N 402 
ZMN N2  C14  sing N N 403 
ZMN C16 O4   sing Y N 404 
ZMN N1  H13  sing N N 405 
ZMN C4  H5   sing N N 406 
ZMN C5  H6   sing N N 407 
ZMN C7  H7   sing N N 408 
ZMN C7  H8   sing N N 409 
ZMN C8  H10  sing N N 410 
ZMN C8  H9   sing N N 411 
ZMN C13 H18  sing N N 412 
ZMN C13 H19  sing N N 413 
ZMN C17 H22  sing N N 414 
ZMN C20 H24  sing N N 415 
ZMN C1  H2   sing N N 416 
ZMN C1  H1   sing N N 417 
ZMN C1  H3   sing N N 418 
ZMN C11 H14  sing N N 419 
ZMN C11 H15  sing N N 420 
ZMN C12 H17  sing N N 421 
ZMN C12 H16  sing N N 422 
ZMN C14 H21  sing N N 423 
ZMN C14 H20  sing N N 424 
ZMN C18 H23  sing N N 425 
ZMN C3  H4   sing N N 426 
ZMN C9  H12  sing N N 427 
ZMN C9  H11  sing N N 428 
ZMN C19 BR1  sing N N 429 
# 
_pdbx_audit_support.ordinal                1 
_pdbx_audit_support.funding_organization   'Wellcome Trust' 
_pdbx_audit_support.grant_number           None 
_pdbx_audit_support.country                'United Kingdom' 
# 
_pdbx_deposit_group.group_id            G_1002265 
_pdbx_deposit_group.group_description   
;XDomainX of XOrganismX PHIP screened against predicted false negatives and catalogue compounds by X-ray Crystallography at the XChem facility of Diamond Light Source beamline I04-1
;
_pdbx_deposit_group.group_title         'PanDDA analysis group deposition' 
_pdbx_deposit_group.group_type          'changed state' 
# 
_pdbx_entity_instance_feature.ordinal        1 
_pdbx_entity_instance_feature.comp_id        ZMN 
_pdbx_entity_instance_feature.asym_id        ? 
_pdbx_entity_instance_feature.seq_num        ? 
_pdbx_entity_instance_feature.auth_comp_id   ZMN 
_pdbx_entity_instance_feature.auth_asym_id   ? 
_pdbx_entity_instance_feature.auth_seq_num   ? 
_pdbx_entity_instance_feature.feature_type   'SUBJECT OF INVESTIGATION' 
_pdbx_entity_instance_feature.details        ? 
# 
_atom_sites.entry_id                    7FVE 
_atom_sites.fract_transf_matrix[1][1]   0.00442573 
_atom_sites.fract_transf_matrix[1][2]   -0.01024660 
_atom_sites.fract_transf_matrix[1][3]   0.00538115 
_atom_sites.fract_transf_matrix[2][1]   -0.03387328 
_atom_sites.fract_transf_matrix[2][2]   -0.01048472 
_atom_sites.fract_transf_matrix[2][3]   0.00789448 
_atom_sites.fract_transf_matrix[3][1]   0.00016996 
_atom_sites.fract_transf_matrix[3][2]   -0.01117748 
_atom_sites.fract_transf_matrix[3][3]   -0.01411563 
_atom_sites.fract_transf_vector[1]      -0.146374 
_atom_sites.fract_transf_vector[2]      0.449880 
_atom_sites.fract_transf_vector[3]      0.217602 
# 
loop_
_atom_type.symbol 
BR 
C  
N  
O  
S  
# 
loop_
_atom_site.group_PDB 
_atom_site.id 
_atom_site.type_symbol 
_atom_site.label_atom_id 
_atom_site.label_alt_id 
_atom_site.label_comp_id 
_atom_site.label_asym_id 
_atom_site.label_entity_id 
_atom_site.label_seq_id 
_atom_site.pdbx_PDB_ins_code 
_atom_site.Cartn_x 
_atom_site.Cartn_y 
_atom_site.Cartn_z 
_atom_site.occupancy 
_atom_site.B_iso_or_equiv 
_atom_site.pdbx_formal_charge 
_atom_site.auth_seq_id 
_atom_site.auth_comp_id 
_atom_site.auth_asym_id 
_atom_site.auth_atom_id 
_atom_site.pdbx_PDB_model_num 
ATOM   1    N  N   . SER A 1 24  ? 0.619   12.566  21.023  1.00 23.44 ? 1315 SER A N   1 
ATOM   2    C  CA  . SER A 1 24  ? 0.151   11.226  20.575  1.00 22.62 ? 1315 SER A CA  1 
ATOM   3    C  C   . SER A 1 24  ? 1.378   10.348  20.295  1.00 18.49 ? 1315 SER A C   1 
ATOM   4    O  O   . SER A 1 24  ? 1.670   10.134  19.092  1.00 17.77 ? 1315 SER A O   1 
ATOM   5    C  CB  . SER A 1 24  ? -0.750  11.385  19.363  1.00 24.67 ? 1315 SER A CB  1 
ATOM   6    O  OG  . SER A 1 24  ? -1.197  10.130  18.873  1.00 29.61 ? 1315 SER A OG  1 
ATOM   7    N  N   . TYR A 1 25  ? 2.098   9.896   21.343  1.00 16.71 ? 1316 TYR A N   1 
ATOM   8    C  CA  . TYR A 1 25  ? 3.480   9.352   21.222  1.00 13.39 ? 1316 TYR A CA  1 
ATOM   9    C  C   . TYR A 1 25  ? 3.482   7.814   21.337  1.00 12.62 ? 1316 TYR A C   1 
ATOM   10   O  O   . TYR A 1 25  ? 4.530   7.248   21.706  1.00 12.47 ? 1316 TYR A O   1 
ATOM   11   C  CB  . TYR A 1 25  ? 4.427   10.014  22.226  1.00 13.88 ? 1316 TYR A CB  1 
ATOM   12   C  CG  . TYR A 1 25  ? 4.473   11.523  22.182  1.00 12.99 ? 1316 TYR A CG  1 
ATOM   13   C  CD1 . TYR A 1 25  ? 4.821   12.213  21.032  1.00 12.74 ? 1316 TYR A CD1 1 
ATOM   14   C  CD2 . TYR A 1 25  ? 4.208   12.254  23.327  1.00 13.59 ? 1316 TYR A CD2 1 
ATOM   15   C  CE1 . TYR A 1 25  ? 4.852   13.602  21.007  1.00 13.33 ? 1316 TYR A CE1 1 
ATOM   16   C  CE2 . TYR A 1 25  ? 4.262   13.639  23.331  1.00 14.18 ? 1316 TYR A CE2 1 
ATOM   17   C  CZ  . TYR A 1 25  ? 4.594   14.310  22.170  1.00 13.84 ? 1316 TYR A CZ  1 
ATOM   18   O  OH  . TYR A 1 25  ? 4.625   15.685  22.176  1.00 15.48 ? 1316 TYR A OH  1 
ATOM   19   N  N   . ASP A 1 26  ? 2.389   7.148   20.966  1.00 11.97 ? 1317 ASP A N   1 
ATOM   20   C  CA  . ASP A 1 26  ? 2.338   5.658   20.936  1.00 11.51 ? 1317 ASP A CA  1 
ATOM   21   C  C   . ASP A 1 26  ? 3.103   5.134   19.716  1.00 11.31 ? 1317 ASP A C   1 
ATOM   22   O  O   . ASP A 1 26  ? 2.665   5.293   18.573  1.00 12.40 ? 1317 ASP A O   1 
ATOM   23   C  CB  . ASP A 1 26  ? 0.894   5.229   20.967  1.00 12.75 ? 1317 ASP A CB  1 
ATOM   24   C  CG  . ASP A 1 26  ? 0.663   3.727   20.986  1.00 12.64 ? 1317 ASP A CG  1 
ATOM   25   O  OD1 . ASP A 1 26  ? 1.568   2.951   20.682  1.00 13.31 ? 1317 ASP A OD1 1 
ATOM   26   O  OD2 . ASP A 1 26  ? -0.476  3.326   21.370  1.00 17.27 ? 1317 ASP A OD2 1 
ATOM   27   N  N   . ILE A 1 27  ? 4.236   4.483   19.972  1.00 10.92 ? 1318 ILE A N   1 
ATOM   28   C  CA  . ILE A 1 27  ? 5.160   3.939   18.932  1.00 10.76 ? 1318 ILE A CA  1 
ATOM   29   C  C   . ILE A 1 27  ? 4.471   2.784   18.185  1.00 10.79 ? 1318 ILE A C   1 
ATOM   30   O  O   . ILE A 1 27  ? 4.843   2.550   17.028  1.00 10.77 ? 1318 ILE A O   1 
ATOM   31   C  CB  . ILE A 1 27  ? 6.496   3.494   19.567  1.00 11.10 ? 1318 ILE A CB  1 
ATOM   32   C  CG1 . ILE A 1 27  ? 7.208   4.651   20.280  1.00 11.27 ? 1318 ILE A CG1 1 
ATOM   33   C  CG2 . ILE A 1 27  ? 7.412   2.815   18.550  1.00 11.57 ? 1318 ILE A CG2 1 
ATOM   34   C  CD1 . ILE A 1 27  ? 8.397   4.239   21.133  1.00 11.42 ? 1318 ILE A CD1 1 
ATOM   35   N  N   . GLN A 1 28  ? 3.502   2.103   18.810  1.00 10.05 ? 1319 GLN A N   1 
ATOM   36   C  CA  . GLN A 1 28  ? 2.843   0.911   18.189  1.00 10.64 ? 1319 GLN A CA  1 
ATOM   37   C  C   . GLN A 1 28  ? 1.548   1.227   17.464  1.00 10.64 ? 1319 GLN A C   1 
ATOM   38   O  O   . GLN A 1 28  ? 1.003   0.346   16.751  1.00 10.80 ? 1319 GLN A O   1 
ATOM   39   C  CB  . GLN A 1 28  ? 2.586   -0.162  19.249  1.00 11.66 ? 1319 GLN A CB  1 
ATOM   40   C  CG  . GLN A 1 28  ? 3.841   -0.945  19.683  1.00 12.43 ? 1319 GLN A CG  1 
ATOM   41   C  CD  . GLN A 1 28  ? 4.562   -0.331  20.883  1.00 10.88 ? 1319 GLN A CD  1 
ATOM   42   O  OE1 . GLN A 1 28  ? 3.919   -0.057  21.925  1.00 12.35 ? 1319 GLN A OE1 1 
ATOM   43   N  NE2 . GLN A 1 28  ? 5.838   -0.195  20.815  1.00 12.34 ? 1319 GLN A NE2 1 
ATOM   44   N  N   . ALA A 1 29  ? 1.031   2.478   17.547  1.00 11.02 ? 1320 ALA A N   1 
ATOM   45   C  CA  . ALA A 1 29  ? -0.342  2.792   17.077  1.00 10.79 ? 1320 ALA A CA  1 
ATOM   46   C  C   . ALA A 1 29  ? -0.489  2.606   15.546  1.00 10.22 ? 1320 ALA A C   1 
ATOM   47   O  O   . ALA A 1 29  ? -1.599  2.378   15.073  1.00 10.92 ? 1320 ALA A O   1 
ATOM   48   C  CB  . ALA A 1 29  ? -0.766  4.199   17.480  1.00 11.88 ? 1320 ALA A CB  1 
ATOM   49   N  N   . TRP A 1 30  ? 0.609   2.760   14.809  1.00 10.29 ? 1321 TRP A N   1 
ATOM   50   C  CA  . TRP A 1 30  ? 0.555   2.673   13.330  1.00 10.23 ? 1321 TRP A CA  1 
ATOM   51   C  C   . TRP A 1 30  ? -0.063  1.356   12.871  1.00 10.18 ? 1321 TRP A C   1 
ATOM   52   O  O   . TRP A 1 30  ? -0.669  1.310   11.808  1.00 10.49 ? 1321 TRP A O   1 
ATOM   53   C  CB  . TRP A 1 30  ? 1.947   2.861   12.738  1.00 10.22 ? 1321 TRP A CB  1 
ATOM   54   C  CG  . TRP A 1 30  ? 2.878   1.743   13.107  1.00 10.17 ? 1321 TRP A CG  1 
ATOM   55   C  CD1 . TRP A 1 30  ? 3.620   1.676   14.232  1.00 10.70 ? 1321 TRP A CD1 1 
ATOM   56   C  CD2 . TRP A 1 30  ? 3.124   0.508   12.387  1.00 9.72  ? 1321 TRP A CD2 1 
ATOM   57   N  NE1 . TRP A 1 30  ? 4.330   0.482   14.276  1.00 11.58 ? 1321 TRP A NE1 1 
ATOM   58   C  CE2 . TRP A 1 30  ? 4.059   -0.229  13.154  1.00 11.14 ? 1321 TRP A CE2 1 
ATOM   59   C  CE3 . TRP A 1 30  ? 2.751   0.006   11.150  1.00 10.40 ? 1321 TRP A CE3 1 
ATOM   60   C  CZ2 . TRP A 1 30  ? 4.569   -1.461  12.751  1.00 12.08 ? 1321 TRP A CZ2 1 
ATOM   61   C  CZ3 . TRP A 1 30  ? 3.207   -1.243  10.767  1.00 11.09 ? 1321 TRP A CZ3 1 
ATOM   62   C  CH2 . TRP A 1 30  ? 4.114   -1.945  11.550  1.00 12.33 ? 1321 TRP A CH2 1 
ATOM   63   N  N   . LYS A 1 31  ? 0.120   0.271   13.639  1.00 10.25 ? 1322 LYS A N   1 
ATOM   64   C  CA  . LYS A 1 31  ? -0.260  -1.059  13.126  1.00 10.53 ? 1322 LYS A CA  1 
ATOM   65   C  C   . LYS A 1 31  ? -1.769  -1.141  12.932  1.00 10.22 ? 1322 LYS A C   1 
ATOM   66   O  O   . LYS A 1 31  ? -2.251  -1.492  11.854  1.00 11.36 ? 1322 LYS A O   1 
ATOM   67   C  CB  . LYS A 1 31  ? 0.384   -2.162  13.955  1.00 10.74 ? 1322 LYS A CB  1 
ATOM   68   C  CG  . LYS A 1 31  ? 0.009   -3.558  13.471  1.00 11.32 ? 1322 LYS A CG  1 
ATOM   69   C  CD  . LYS A 1 31  ? 0.758   -4.631  14.207  1.00 11.64 ? 1322 LYS A CD  1 
ATOM   70   C  CE  . LYS A 1 31  ? 0.497   -6.029  13.724  1.00 12.37 ? 1322 LYS A CE  1 
ATOM   71   N  NZ  . LYS A 1 31  ? 1.310   -7.007  14.515  1.00 13.31 ? 1322 LYS A NZ  1 
ATOM   72   N  N   . LYS A 1 32  ? -2.540  -0.823  13.974  1.00 11.68 ? 1323 LYS A N   1 
ATOM   73   C  CA  . LYS A 1 32  ? -4.021  -0.849  13.853  1.00 12.12 ? 1323 LYS A CA  1 
ATOM   74   C  C   . LYS A 1 32  ? -4.491  0.251   12.894  1.00 11.67 ? 1323 LYS A C   1 
ATOM   75   O  O   . LYS A 1 32  ? -5.472  0.019   12.185  1.00 11.87 ? 1323 LYS A O   1 
ATOM   76   C  CB  . LYS A 1 32  ? -4.709  -0.699  15.211  1.00 14.49 ? 1323 LYS A CB  1 
ATOM   77   C  CG  . LYS A 1 32  ? -6.224  -0.651  15.138  1.00 17.60 ? 1323 LYS A CG  1 
ATOM   78   C  CD  . LYS A 1 32  ? -6.912  -0.654  16.496  1.00 20.08 ? 1323 LYS A CD  1 
ATOM   79   C  CE  . LYS A 1 32  ? -8.407  -0.866  16.400  1.00 21.82 ? 1323 LYS A CE  1 
ATOM   80   N  NZ  . LYS A 1 32  ? -8.734  -2.306  16.262  1.00 22.90 ? 1323 LYS A NZ  1 
ATOM   81   N  N   . GLN A 1 33  ? -3.805  1.393   12.844  1.00 11.72 ? 1324 GLN A N   1 
ATOM   82   C  CA  . GLN A 1 33  ? -4.200  2.432   11.883  1.00 11.23 ? 1324 GLN A CA  1 
ATOM   83   C  C   . GLN A 1 33  ? -4.028  1.897   10.437  1.00 11.35 ? 1324 GLN A C   1 
ATOM   84   O  O   . GLN A 1 33  ? -4.913  2.104   9.581   1.00 11.79 ? 1324 GLN A O   1 
ATOM   85   C  CB  . GLN A 1 33  ? -3.334  3.656   12.064  1.00 12.45 ? 1324 GLN A CB  1 
ATOM   86   C  CG  . GLN A 1 33  ? -3.679  4.406   13.334  1.00 12.07 ? 1324 GLN A CG  1 
ATOM   87   C  CD  . GLN A 1 33  ? -2.615  5.372   13.748  1.00 12.57 ? 1324 GLN A CD  1 
ATOM   88   O  OE1 . GLN A 1 33  ? -1.550  5.528   13.151  1.00 14.61 ? 1324 GLN A OE1 1 
ATOM   89   N  NE2 . GLN A 1 33  ? -2.849  6.035   14.887  1.00 15.21 ? 1324 GLN A NE2 1 
ATOM   90   N  N   . CYS A 1 34  ? -2.978  1.126   10.161  1.00 10.88 ? 1325 CYS A N   1 
ATOM   91   C  CA  . CYS A 1 34  ? -2.789  0.492   8.848   1.00 11.06 ? 1325 CYS A CA  1 
ATOM   92   C  C   . CYS A 1 34  ? -3.799  -0.630  8.623   1.00 11.03 ? 1325 CYS A C   1 
ATOM   93   O  O   . CYS A 1 34  ? -4.313  -0.756  7.490   1.00 11.77 ? 1325 CYS A O   1 
ATOM   94   C  CB  . CYS A 1 34  ? -1.380  -0.024  8.692   1.00 10.60 ? 1325 CYS A CB  1 
ATOM   95   S  SG  . CYS A 1 34  ? -0.119  1.286   8.474   1.00 11.59 ? 1325 CYS A SG  1 
ATOM   96   N  N   . GLU A 1 35  ? -4.159  -1.406  9.624   1.00 11.76 ? 1326 GLU A N   1 
ATOM   97   C  CA  . GLU A 1 35  ? -5.216  -2.427  9.454   1.00 12.50 ? 1326 GLU A CA  1 
ATOM   98   C  C   . GLU A 1 35  ? -6.526  -1.752  9.050   1.00 12.96 ? 1326 GLU A C   1 
ATOM   99   O  O   . GLU A 1 35  ? -7.194  -2.249  8.133   1.00 13.37 ? 1326 GLU A O   1 
ATOM   100  C  CB  . GLU A 1 35  ? -5.443  -3.201  10.753  1.00 14.70 ? 1326 GLU A CB  1 
ATOM   101  C  CG  . GLU A 1 35  ? -4.318  -4.133  11.188  1.00 17.12 ? 1326 GLU A CG  1 
ATOM   102  C  CD  . GLU A 1 35  ? -4.387  -4.652  12.620  1.00 20.04 ? 1326 GLU A CD  1 
ATOM   103  O  OE1 . GLU A 1 35  ? -5.264  -4.212  13.399  1.00 24.22 ? 1326 GLU A OE1 1 
ATOM   104  O  OE2 . GLU A 1 35  ? -3.495  -5.440  12.983  1.00 21.84 ? 1326 GLU A OE2 1 
ATOM   105  N  N   . GLU A 1 36  ? -6.882  -0.651  9.724   1.00 13.41 ? 1327 GLU A N   1 
ATOM   106  C  CA  . GLU A 1 36  ? -8.105  0.157   9.467   1.00 14.27 ? 1327 GLU A CA  1 
ATOM   107  C  C   . GLU A 1 36  ? -8.072  0.655   8.014   1.00 13.48 ? 1327 GLU A C   1 
ATOM   108  O  O   . GLU A 1 36  ? -9.091  0.507   7.306   1.00 14.51 ? 1327 GLU A O   1 
ATOM   109  C  CB  . GLU A 1 36  ? -8.211  1.275   10.521  1.00 15.72 ? 1327 GLU A CB  1 
ATOM   110  C  CG  . GLU A 1 36  ? -8.460  0.740   11.931  1.00 17.90 ? 1327 GLU A CG  1 
ATOM   111  C  CD  . GLU A 1 36  ? -8.098  1.598   13.139  1.00 20.07 ? 1327 GLU A CD  1 
ATOM   112  O  OE1 . GLU A 1 36  ? -7.546  2.704   12.976  1.00 23.06 ? 1327 GLU A OE1 1 
ATOM   113  O  OE2 . GLU A 1 36  ? -8.390  1.152   14.274  1.00 23.44 ? 1327 GLU A OE2 1 
ATOM   114  N  N   . LEU A 1 37  ? -6.952  1.230   7.577   1.00 12.86 ? 1328 LEU A N   1 
ATOM   115  C  CA  . LEU A 1 37  ? -6.841  1.788   6.197   1.00 11.78 ? 1328 LEU A CA  1 
ATOM   116  C  C   . LEU A 1 37  ? -6.919  0.649   5.161   1.00 12.09 ? 1328 LEU A C   1 
ATOM   117  O  O   . LEU A 1 37  ? -7.611  0.790   4.111   1.00 12.52 ? 1328 LEU A O   1 
ATOM   118  C  CB  . LEU A 1 37  ? -5.565  2.595   6.079   1.00 12.14 ? 1328 LEU A CB  1 
ATOM   119  C  CG  . LEU A 1 37  ? -5.241  3.166   4.704   1.00 11.94 ? 1328 LEU A CG  1 
ATOM   120  C  CD1 . LEU A 1 37  ? -6.393  3.999   4.160   1.00 13.63 ? 1328 LEU A CD1 1 
ATOM   121  C  CD2 . LEU A 1 37  ? -4.014  3.979   4.804   1.00 13.43 ? 1328 LEU A CD2 1 
ATOM   122  N  N   . LEU A 1 38  ? -6.330  -0.509  5.419   1.00 11.65 ? 1329 LEU A N   1 
ATOM   123  C  CA  . LEU A 1 38  ? -6.464  -1.658  4.500   1.00 11.48 ? 1329 LEU A CA  1 
ATOM   124  C  C   . LEU A 1 38  ? -7.913  -2.114  4.442   1.00 12.76 ? 1329 LEU A C   1 
ATOM   125  O  O   . LEU A 1 38  ? -8.407  -2.433  3.327   1.00 14.72 ? 1329 LEU A O   1 
ATOM   126  C  CB  . LEU A 1 38  ? -5.543  -2.803  4.921   1.00 12.97 ? 1329 LEU A CB  1 
ATOM   127  C  CG  . LEU A 1 38  ? -4.063  -2.547  4.692   1.00 13.42 ? 1329 LEU A CG  1 
ATOM   128  C  CD1 . LEU A 1 38  ? -3.244  -3.616  5.411   1.00 14.88 ? 1329 LEU A CD1 1 
ATOM   129  C  CD2 . LEU A 1 38  ? -3.699  -2.551  3.203   1.00 16.06 ? 1329 LEU A CD2 1 
ATOM   130  N  N   . ASN A 1 39  ? -8.617  -2.113  5.551   1.00 13.78 ? 1330 ASN A N   1 
ATOM   131  C  CA  . ASN A 1 39  ? -10.077 -2.412  5.522   1.00 16.32 ? 1330 ASN A CA  1 
ATOM   132  C  C   . ASN A 1 39  ? -10.791 -1.427  4.577   1.00 14.49 ? 1330 ASN A C   1 
ATOM   133  O  O   . ASN A 1 39  ? -11.622 -1.888  3.721   1.00 17.21 ? 1330 ASN A O   1 
ATOM   134  C  CB  . ASN A 1 39  ? -10.692 -2.422  6.931   1.00 19.32 ? 1330 ASN A CB  1 
ATOM   135  C  CG  . ASN A 1 39  ? -10.257 -3.591  7.794   1.00 22.75 ? 1330 ASN A CG  1 
ATOM   136  O  OD1 . ASN A 1 39  ? -9.682  -4.558  7.308   1.00 26.30 ? 1330 ASN A OD1 1 
ATOM   137  N  ND2 . ASN A 1 39  ? -10.486 -3.487  9.097   1.00 25.12 ? 1330 ASN A ND2 1 
ATOM   138  N  N   . LEU A 1 40  ? -10.540 -0.149  4.674   1.00 14.88 ? 1331 LEU A N   1 
ATOM   139  C  CA  . LEU A 1 40  ? -11.199 0.864   3.804   1.00 14.80 ? 1331 LEU A CA  1 
ATOM   140  C  C   . LEU A 1 40  ? -10.818 0.581   2.353   1.00 14.53 ? 1331 LEU A C   1 
ATOM   141  O  O   . LEU A 1 40  ? -11.727 0.594   1.459   1.00 16.67 ? 1331 LEU A O   1 
ATOM   142  C  CB  . LEU A 1 40  ? -10.772 2.265   4.201   1.00 14.64 ? 1331 LEU A CB  1 
ATOM   143  C  CG  . LEU A 1 40  ? -11.311 2.784   5.551   1.00 15.75 ? 1331 LEU A CG  1 
ATOM   144  C  CD1 . LEU A 1 40  ? -10.791 4.170   5.841   1.00 18.54 ? 1331 LEU A CD1 1 
ATOM   145  C  CD2 . LEU A 1 40  ? -12.862 2.735   5.677   1.00 19.11 ? 1331 LEU A CD2 1 
ATOM   146  N  N   . ILE A 1 41  ? -9.567  0.200   2.071   1.00 13.41 ? 1332 ILE A N   1 
ATOM   147  C  CA  . ILE A 1 41  ? -9.133  -0.082  0.686   1.00 12.35 ? 1332 ILE A CA  1 
ATOM   148  C  C   . ILE A 1 41  ? -9.855  -1.303  0.150   1.00 13.48 ? 1332 ILE A C   1 
ATOM   149  O  O   . ILE A 1 41  ? -10.361 -1.263  -0.992  1.00 13.44 ? 1332 ILE A O   1 
ATOM   150  C  CB  . ILE A 1 41  ? -7.600  -0.226  0.648   1.00 12.75 ? 1332 ILE A CB  1 
ATOM   151  C  CG1 . ILE A 1 41  ? -6.997  1.163   0.864   1.00 14.00 ? 1332 ILE A CG1 1 
ATOM   152  C  CG2 . ILE A 1 41  ? -7.126  -0.909  -0.629  1.00 12.22 ? 1332 ILE A CG2 1 
ATOM   153  C  CD1 . ILE A 1 41  ? -5.507  1.191   1.040   1.00 15.12 ? 1332 ILE A CD1 1 
ATOM   154  N  N   . PHE A 1 42  ? -9.974  -2.364  0.939   1.00 15.40 ? 1333 PHE A N   1 
ATOM   155  C  CA  . PHE A 1 42  ? -10.814 -3.528  0.539   1.00 17.30 ? 1333 PHE A CA  1 
ATOM   156  C  C   . PHE A 1 42  ? -12.320 -3.207  0.268   1.00 18.38 ? 1333 PHE A C   1 
ATOM   157  O  O   . PHE A 1 42  ? -12.911 -3.939  -0.555  1.00 24.48 ? 1333 PHE A O   1 
ATOM   158  C  CB  . PHE A 1 42  ? -10.572 -4.685  1.514   1.00 16.59 ? 1333 PHE A CB  1 
ATOM   159  C  CG  . PHE A 1 42  ? -9.332  -5.500  1.209   1.00 16.32 ? 1333 PHE A CG  1 
ATOM   160  C  CD1 . PHE A 1 42  ? -9.415  -6.630  0.418   1.00 17.26 ? 1333 PHE A CD1 1 
ATOM   161  C  CD2 . PHE A 1 42  ? -8.092  -5.172  1.740   1.00 18.67 ? 1333 PHE A CD2 1 
ATOM   162  C  CE1 . PHE A 1 42  ? -8.296  -7.406  0.149   1.00 19.39 ? 1333 PHE A CE1 1 
ATOM   163  C  CE2 . PHE A 1 42  ? -6.981  -5.954  1.470   1.00 18.61 ? 1333 PHE A CE2 1 
ATOM   164  C  CZ  . PHE A 1 42  ? -7.078  -7.062  0.662   1.00 19.68 ? 1333 PHE A CZ  1 
ATOM   165  N  N   . GLN A 1 43  ? -12.917 -2.173  0.852   1.00 19.68 ? 1334 GLN A N   1 
ATOM   166  C  CA  . GLN A 1 43  ? -14.330 -1.822  0.526   1.00 20.47 ? 1334 GLN A CA  1 
ATOM   167  C  C   . GLN A 1 43  ? -14.381 -1.090  -0.824  1.00 20.86 ? 1334 GLN A C   1 
ATOM   168  O  O   . GLN A 1 43  ? -15.387 -1.262  -1.552  1.00 20.48 ? 1334 GLN A O   1 
ATOM   169  C  CB  . GLN A 1 43  ? -14.939 -1.055  1.698   1.00 21.42 ? 1334 GLN A CB  1 
ATOM   170  C  CG  . GLN A 1 43  ? -15.021 -1.919  2.947   1.00 22.00 ? 1334 GLN A CG  1 
ATOM   171  N  N   A CYS A 1 44  ? -13.328 -0.340  -1.179  0.25 18.35 ? 1335 CYS A N   1 
ATOM   172  N  N   B CYS A 1 44  ? -13.351 -0.334  -1.150  0.25 20.66 ? 1335 CYS A N   1 
ATOM   173  C  CA  A CYS A 1 44  ? -13.228 0.444   -2.438  0.25 16.72 ? 1335 CYS A CA  1 
ATOM   174  C  CA  B CYS A 1 44  ? -13.229 0.424   -2.421  0.25 19.63 ? 1335 CYS A CA  1 
ATOM   175  C  C   A CYS A 1 44  ? -13.403 -0.506  -3.634  0.25 16.02 ? 1335 CYS A C   1 
ATOM   176  C  C   B CYS A 1 44  ? -13.427 -0.534  -3.611  0.25 17.54 ? 1335 CYS A C   1 
ATOM   177  O  O   A CYS A 1 44  ? -12.668 -1.506  -3.742  0.25 15.01 ? 1335 CYS A O   1 
ATOM   178  O  O   B CYS A 1 44  ? -12.724 -1.567  -3.690  0.25 16.25 ? 1335 CYS A O   1 
ATOM   179  C  CB  A CYS A 1 44  ? -11.906 1.211   -2.531  0.25 15.36 ? 1335 CYS A CB  1 
ATOM   180  C  CB  B CYS A 1 44  ? -11.873 1.126   -2.532  0.25 19.79 ? 1335 CYS A CB  1 
ATOM   181  S  SG  A CYS A 1 44  ? -11.862 2.569   -1.337  0.25 17.19 ? 1335 CYS A SG  1 
ATOM   182  S  SG  B CYS A 1 44  ? -11.959 2.642   -3.514  0.25 26.27 ? 1335 CYS A SG  1 
ATOM   183  N  N   . GLU A 1 45  ? -14.369 -0.234  -4.518  1.00 16.20 ? 1336 GLU A N   1 
ATOM   184  C  CA  . GLU A 1 45  ? -14.427 -0.981  -5.810  1.00 14.94 ? 1336 GLU A CA  1 
ATOM   185  C  C   . GLU A 1 45  ? -13.111 -0.859  -6.605  1.00 13.53 ? 1336 GLU A C   1 
ATOM   186  O  O   . GLU A 1 45  ? -12.702 -1.810  -7.288  1.00 13.80 ? 1336 GLU A O   1 
ATOM   187  C  CB  . GLU A 1 45  ? -15.598 -0.480  -6.654  1.00 14.84 ? 1336 GLU A CB  1 
ATOM   188  C  CG  . GLU A 1 45  ? -16.943 -0.891  -6.051  1.00 18.34 ? 1336 GLU A CG  1 
ATOM   189  C  CD  . GLU A 1 45  ? -18.165 -0.430  -6.815  1.00 20.43 ? 1336 GLU A CD  1 
ATOM   190  O  OE1 . GLU A 1 45  ? -18.017 0.354   -7.774  1.00 22.56 ? 1336 GLU A OE1 1 
ATOM   191  O  OE2 . GLU A 1 45  ? -19.299 -0.796  -6.379  1.00 21.98 ? 1336 GLU A OE2 1 
ATOM   192  N  N   . ASP A 1 46  ? -12.438 0.282   -6.494  1.00 12.32 ? 1337 ASP A N   1 
ATOM   193  C  CA  . ASP A 1 46  ? -11.168 0.512   -7.237  1.00 12.34 ? 1337 ASP A CA  1 
ATOM   194  C  C   . ASP A 1 46  ? -10.075 -0.480  -6.799  1.00 11.53 ? 1337 ASP A C   1 
ATOM   195  O  O   . ASP A 1 46  ? -9.132  -0.678  -7.573  1.00 12.00 ? 1337 ASP A O   1 
ATOM   196  C  CB  . ASP A 1 46  ? -10.664 1.943   -7.100  1.00 12.26 ? 1337 ASP A CB  1 
ATOM   197  C  CG  . ASP A 1 46  ? -11.451 2.962   -7.911  1.00 12.33 ? 1337 ASP A CG  1 
ATOM   198  O  OD1 . ASP A 1 46  ? -11.947 2.592   -9.035  1.00 12.41 ? 1337 ASP A OD1 1 
ATOM   199  O  OD2 . ASP A 1 46  ? -11.547 4.115   -7.426  1.00 11.64 ? 1337 ASP A OD2 1 
ATOM   200  N  N   . SER A 1 47  ? -10.180 -1.097  -5.628  1.00 11.23 ? 1338 SER A N   1 
ATOM   201  C  CA  . SER A 1 47  ? -9.131  -2.051  -5.218  1.00 11.87 ? 1338 SER A CA  1 
ATOM   202  C  C   . SER A 1 47  ? -9.222  -3.420  -5.861  1.00 11.98 ? 1338 SER A C   1 
ATOM   203  O  O   . SER A 1 47  ? -8.290  -4.203  -5.743  1.00 12.09 ? 1338 SER A O   1 
ATOM   204  C  CB  . SER A 1 47  ? -9.002  -2.192  -3.750  1.00 11.88 ? 1338 SER A CB  1 
ATOM   205  O  OG  . SER A 1 47  ? -10.095 -2.903  -3.164  1.00 13.30 ? 1338 SER A OG  1 
ATOM   206  N  N   . GLU A 1 48  ? -10.373 -3.773  -6.439  1.00 12.04 ? 1339 GLU A N   1 
ATOM   207  C  CA  . GLU A 1 48  ? -10.637 -5.213  -6.707  1.00 12.48 ? 1339 GLU A CA  1 
ATOM   208  C  C   . GLU A 1 48  ? -9.518  -5.821  -7.560  1.00 10.87 ? 1339 GLU A C   1 
ATOM   209  O  O   . GLU A 1 48  ? -9.074  -6.933  -7.259  1.00 11.18 ? 1339 GLU A O   1 
ATOM   210  C  CB  . GLU A 1 48  ? -12.064 -5.444  -7.216  1.00 13.77 ? 1339 GLU A CB  1 
ATOM   211  C  CG  . GLU A 1 48  ? -12.425 -6.914  -7.350  1.00 16.11 ? 1339 GLU A CG  1 
ATOM   212  C  CD  . GLU A 1 48  ? -11.818 -7.574  -8.573  1.00 19.14 ? 1339 GLU A CD  1 
ATOM   213  O  OE1 . GLU A 1 48  ? -11.588 -6.845  -9.563  1.00 19.46 ? 1339 GLU A OE1 1 
ATOM   214  O  OE2 . GLU A 1 48  ? -11.545 -8.806  -8.525  1.00 22.72 ? 1339 GLU A OE2 1 
ATOM   215  N  N   . PRO A 1 49  ? -8.949  -5.146  -8.595  1.00 10.84 ? 1340 PRO A N   1 
ATOM   216  C  CA  . PRO A 1 49  ? -7.868  -5.744  -9.388  1.00 10.67 ? 1340 PRO A CA  1 
ATOM   217  C  C   . PRO A 1 49  ? -6.535  -5.960  -8.651  1.00 10.73 ? 1340 PRO A C   1 
ATOM   218  O  O   . PRO A 1 49  ? -5.680  -6.703  -9.142  1.00 10.54 ? 1340 PRO A O   1 
ATOM   219  C  CB  . PRO A 1 49  ? -7.637  -4.713  -10.502 1.00 11.21 ? 1340 PRO A CB  1 
ATOM   220  C  CG  . PRO A 1 49  ? -8.946  -3.979  -10.588 1.00 11.71 ? 1340 PRO A CG  1 
ATOM   221  C  CD  . PRO A 1 49  ? -9.361  -3.843  -9.142  1.00 11.35 ? 1340 PRO A CD  1 
ATOM   222  N  N   . PHE A 1 50  ? -6.375  -5.293  -7.506  1.00 10.48 ? 1341 PHE A N   1 
ATOM   223  C  CA  . PHE A 1 50  ? -5.096  -5.226  -6.754  1.00 10.38 ? 1341 PHE A CA  1 
ATOM   224  C  C   . PHE A 1 50  ? -5.142  -6.109  -5.510  1.00 10.84 ? 1341 PHE A C   1 
ATOM   225  O  O   . PHE A 1 50  ? -4.146  -6.072  -4.759  1.00 10.52 ? 1341 PHE A O   1 
ATOM   226  C  CB  . PHE A 1 50  ? -4.757  -3.772  -6.427  1.00 10.15 ? 1341 PHE A CB  1 
ATOM   227  C  CG  . PHE A 1 50  ? -4.880  -2.858  -7.617  1.00 9.78  ? 1341 PHE A CG  1 
ATOM   228  C  CD1 . PHE A 1 50  ? -3.972  -2.931  -8.663  1.00 10.16 ? 1341 PHE A CD1 1 
ATOM   229  C  CD2 . PHE A 1 50  ? -5.914  -1.942  -7.713  1.00 10.50 ? 1341 PHE A CD2 1 
ATOM   230  C  CE1 . PHE A 1 50  ? -4.111  -2.126  -9.785  1.00 10.27 ? 1341 PHE A CE1 1 
ATOM   231  C  CE2 . PHE A 1 50  ? -6.046  -1.130  -8.829  1.00 10.52 ? 1341 PHE A CE2 1 
ATOM   232  C  CZ  . PHE A 1 50  ? -5.146  -1.223  -9.866  1.00 10.49 ? 1341 PHE A CZ  1 
ATOM   233  N  N   . ARG A 1 51  ? -6.229  -6.854  -5.280  1.00 11.67 ? 1342 ARG A N   1 
ATOM   234  C  CA  . ARG A 1 51  ? -6.440  -7.570  -3.991  1.00 12.27 ? 1342 ARG A CA  1 
ATOM   235  C  C   . ARG A 1 51  ? -5.563  -8.820  -3.973  1.00 13.27 ? 1342 ARG A C   1 
ATOM   236  O  O   . ARG A 1 51  ? -4.962  -9.114  -2.915  1.00 13.74 ? 1342 ARG A O   1 
ATOM   237  C  CB  . ARG A 1 51  ? -7.928  -7.877  -3.788  1.00 12.99 ? 1342 ARG A CB  1 
ATOM   238  C  CG  . ARG A 1 51  ? -8.721  -6.630  -3.431  1.00 12.91 ? 1342 ARG A CG  1 
ATOM   239  C  CD  . ARG A 1 51  ? -10.209 -6.868  -3.261  1.00 13.72 ? 1342 ARG A CD  1 
ATOM   240  N  NE  . ARG A 1 51  ? -10.961 -5.624  -3.289  1.00 14.19 ? 1342 ARG A NE  1 
ATOM   241  C  CZ  . ARG A 1 51  ? -12.266 -5.515  -3.535  1.00 14.79 ? 1342 ARG A CZ  1 
ATOM   242  N  NH1 . ARG A 1 51  ? -13.016 -6.591  -3.703  1.00 14.96 ? 1342 ARG A NH1 1 
ATOM   243  N  NH2 . ARG A 1 51  ? -12.834 -4.328  -3.554  1.00 14.34 ? 1342 ARG A NH2 1 
ATOM   244  N  N   . GLN A 1 52  ? -5.469  -9.521  -5.093  1.00 14.62 ? 1343 GLN A N   1 
ATOM   245  C  CA  . GLN A 1 52  ? -4.796  -10.831 -5.178  1.00 17.35 ? 1343 GLN A CA  1 
ATOM   246  C  C   . GLN A 1 52  ? -3.696  -10.717 -6.228  1.00 17.76 ? 1343 GLN A C   1 
ATOM   247  O  O   . GLN A 1 52  ? -3.728  -9.828  -7.077  1.00 16.98 ? 1343 GLN A O   1 
ATOM   248  C  CB  . GLN A 1 52  ? -5.843  -11.918 -5.464  1.00 19.22 ? 1343 GLN A CB  1 
ATOM   249  C  CG  . GLN A 1 52  ? -7.148  -11.751 -4.684  1.00 22.68 ? 1343 GLN A CG  1 
ATOM   250  C  CD  . GLN A 1 52  ? -7.018  -11.993 -3.196  1.00 24.97 ? 1343 GLN A CD  1 
ATOM   251  O  OE1 . GLN A 1 52  ? -6.172  -12.762 -2.735  1.00 30.40 ? 1343 GLN A OE1 1 
ATOM   252  N  NE2 . GLN A 1 52  ? -7.880  -11.348 -2.422  1.00 27.52 ? 1343 GLN A NE2 1 
ATOM   253  N  N   . PRO A 1 53  ? -2.656  -11.579 -6.170  1.00 20.18 ? 1344 PRO A N   1 
ATOM   254  C  CA  . PRO A 1 53  ? -1.558  -11.500 -7.133  1.00 21.56 ? 1344 PRO A CA  1 
ATOM   255  C  C   . PRO A 1 53  ? -2.082  -11.634 -8.570  1.00 22.95 ? 1344 PRO A C   1 
ATOM   256  O  O   . PRO A 1 53  ? -3.006  -12.412 -8.804  1.00 23.51 ? 1344 PRO A O   1 
ATOM   257  C  CB  . PRO A 1 53  ? -0.621  -12.656 -6.743  1.00 21.73 ? 1344 PRO A CB  1 
ATOM   258  C  CG  . PRO A 1 53  ? -1.009  -13.002 -5.319  1.00 21.62 ? 1344 PRO A CG  1 
ATOM   259  C  CD  . PRO A 1 53  ? -2.479  -12.655 -5.181  1.00 20.99 ? 1344 PRO A CD  1 
ATOM   260  N  N   . VAL A 1 54  ? -1.522  -10.846 -9.490  1.00 21.54 ? 1345 VAL A N   1 
ATOM   261  C  CA  . VAL A 1 54  ? -1.852  -10.891 -10.942 1.00 21.12 ? 1345 VAL A CA  1 
ATOM   262  C  C   . VAL A 1 54  ? -1.736  -12.341 -11.421 1.00 21.99 ? 1345 VAL A C   1 
ATOM   263  O  O   . VAL A 1 54  ? -0.782  -13.039 -11.006 1.00 22.10 ? 1345 VAL A O   1 
ATOM   264  C  CB  . VAL A 1 54  ? -0.960  -9.950  -11.772 1.00 20.44 ? 1345 VAL A CB  1 
ATOM   265  C  CG1 . VAL A 1 54  ? -1.198  -10.137 -13.263 1.00 20.63 ? 1345 VAL A CG1 1 
ATOM   266  C  CG2 . VAL A 1 54  ? -1.174  -8.501  -11.377 1.00 20.49 ? 1345 VAL A CG2 1 
ATOM   267  N  N   . ASP A 1 55  ? -2.701  -12.770 -12.235 1.00 23.36 ? 1346 ASP A N   1 
ATOM   268  C  CA  . ASP A 1 55  ? -2.759  -14.109 -12.868 1.00 23.94 ? 1346 ASP A CA  1 
ATOM   269  C  C   . ASP A 1 55  ? -1.971  -14.093 -14.184 1.00 23.22 ? 1346 ASP A C   1 
ATOM   270  O  O   . ASP A 1 55  ? -2.389  -13.390 -15.116 1.00 21.89 ? 1346 ASP A O   1 
ATOM   271  C  CB  . ASP A 1 55  ? -4.205  -14.539 -13.125 1.00 25.01 ? 1346 ASP A CB  1 
ATOM   272  C  CG  . ASP A 1 55  ? -4.288  -15.739 -14.044 1.00 25.16 ? 1346 ASP A CG  1 
ATOM   273  O  OD1 . ASP A 1 55  ? -4.942  -15.625 -15.085 1.00 29.41 ? 1346 ASP A OD1 1 
ATOM   274  O  OD2 . ASP A 1 55  ? -3.637  -16.761 -13.729 1.00 25.08 ? 1346 ASP A OD2 1 
ATOM   275  N  N   . LEU A 1 56  ? -0.911  -14.896 -14.271 1.00 24.57 ? 1347 LEU A N   1 
ATOM   276  C  CA  . LEU A 1 56  ? -0.047  -15.019 -15.476 1.00 24.86 ? 1347 LEU A CA  1 
ATOM   277  C  C   . LEU A 1 56  ? -0.837  -15.638 -16.633 1.00 23.99 ? 1347 LEU A C   1 
ATOM   278  O  O   . LEU A 1 56  ? -0.513  -15.357 -17.794 1.00 25.82 ? 1347 LEU A O   1 
ATOM   279  C  CB  . LEU A 1 56  ? 1.185   -15.864 -15.137 1.00 25.13 ? 1347 LEU A CB  1 
ATOM   280  C  CG  . LEU A 1 56  ? 2.385   -15.066 -14.635 1.00 25.11 ? 1347 LEU A CG  1 
ATOM   281  C  CD1 . LEU A 1 56  ? 3.488   -15.985 -14.133 1.00 25.72 ? 1347 LEU A CD1 1 
ATOM   282  C  CD2 . LEU A 1 56  ? 2.909   -14.151 -15.732 1.00 25.48 ? 1347 LEU A CD2 1 
ATOM   283  N  N   . LEU A 1 57  ? -1.838  -16.461 -16.336 1.00 25.78 ? 1348 LEU A N   1 
ATOM   284  C  CA  . LEU A 1 57  ? -2.626  -17.135 -17.394 1.00 24.57 ? 1348 LEU A CA  1 
ATOM   285  C  C   . LEU A 1 57  ? -3.232  -16.043 -18.280 1.00 23.53 ? 1348 LEU A C   1 
ATOM   286  O  O   . LEU A 1 57  ? -3.037  -16.095 -19.509 1.00 24.37 ? 1348 LEU A O   1 
ATOM   287  C  CB  . LEU A 1 57  ? -3.675  -18.043 -16.744 1.00 25.14 ? 1348 LEU A CB  1 
ATOM   288  C  CG  . LEU A 1 57  ? -3.149  -18.948 -15.627 1.00 25.42 ? 1348 LEU A CG  1 
ATOM   289  C  CD1 . LEU A 1 57  ? -4.252  -19.845 -15.088 1.00 25.65 ? 1348 LEU A CD1 1 
ATOM   290  C  CD2 . LEU A 1 57  ? -1.950  -19.768 -16.094 1.00 24.68 ? 1348 LEU A CD2 1 
ATOM   291  N  N   . GLU A 1 58  ? -3.862  -15.038 -17.664 1.00 21.46 ? 1349 GLU A N   1 
ATOM   292  C  CA  . GLU A 1 58  ? -4.563  -13.933 -18.367 1.00 21.28 ? 1349 GLU A CA  1 
ATOM   293  C  C   . GLU A 1 58  ? -3.534  -12.931 -18.918 1.00 19.50 ? 1349 GLU A C   1 
ATOM   294  O  O   . GLU A 1 58  ? -3.764  -12.372 -20.015 1.00 22.47 ? 1349 GLU A O   1 
ATOM   295  C  CB  . GLU A 1 58  ? -5.537  -13.242 -17.410 1.00 21.85 ? 1349 GLU A CB  1 
ATOM   296  C  CG  . GLU A 1 58  ? -6.713  -14.104 -16.974 1.00 24.08 ? 1349 GLU A CG  1 
ATOM   297  C  CD  . GLU A 1 58  ? -7.274  -13.760 -15.600 1.00 26.09 ? 1349 GLU A CD  1 
ATOM   298  O  OE1 . GLU A 1 58  ? -7.358  -12.554 -15.271 1.00 28.39 ? 1349 GLU A OE1 1 
ATOM   299  O  OE2 . GLU A 1 58  ? -7.637  -14.695 -14.855 1.00 30.08 ? 1349 GLU A OE2 1 
ATOM   300  N  N   . TYR A 1 59  ? -2.442  -12.699 -18.180 1.00 19.49 ? 1350 TYR A N   1 
ATOM   301  C  CA  . TYR A 1 59  ? -1.398  -11.698 -18.518 1.00 18.50 ? 1350 TYR A CA  1 
ATOM   302  C  C   . TYR A 1 59  ? -0.058  -12.419 -18.655 1.00 18.31 ? 1350 TYR A C   1 
ATOM   303  O  O   . TYR A 1 59  ? 0.814   -12.301 -17.797 1.00 16.86 ? 1350 TYR A O   1 
ATOM   304  C  CB  . TYR A 1 59  ? -1.426  -10.585 -17.464 1.00 18.04 ? 1350 TYR A CB  1 
ATOM   305  C  CG  . TYR A 1 59  ? -2.744  -9.851  -17.407 1.00 17.89 ? 1350 TYR A CG  1 
ATOM   306  C  CD1 . TYR A 1 59  ? -3.006  -8.781  -18.246 1.00 18.01 ? 1350 TYR A CD1 1 
ATOM   307  C  CD2 . TYR A 1 59  ? -3.750  -10.240 -16.533 1.00 18.87 ? 1350 TYR A CD2 1 
ATOM   308  C  CE1 . TYR A 1 59  ? -4.219  -8.107  -18.211 1.00 18.12 ? 1350 TYR A CE1 1 
ATOM   309  C  CE2 . TYR A 1 59  ? -4.977  -9.588  -16.498 1.00 18.10 ? 1350 TYR A CE2 1 
ATOM   310  C  CZ  . TYR A 1 59  ? -5.209  -8.504  -17.331 1.00 18.17 ? 1350 TYR A CZ  1 
ATOM   311  O  OH  . TYR A 1 59  ? -6.393  -7.814  -17.307 1.00 18.95 ? 1350 TYR A OH  1 
ATOM   312  N  N   . PRO A 1 60  ? 0.166   -13.196 -19.747 1.00 18.22 ? 1351 PRO A N   1 
ATOM   313  C  CA  . PRO A 1 60  ? 1.304   -14.116 -19.791 1.00 17.11 ? 1351 PRO A CA  1 
ATOM   314  C  C   . PRO A 1 60  ? 2.668   -13.411 -19.893 1.00 15.75 ? 1351 PRO A C   1 
ATOM   315  O  O   . PRO A 1 60  ? 3.661   -14.041 -19.567 1.00 15.64 ? 1351 PRO A O   1 
ATOM   316  C  CB  . PRO A 1 60  ? 0.988   -14.978 -21.027 1.00 18.29 ? 1351 PRO A CB  1 
ATOM   317  C  CG  . PRO A 1 60  ? 0.240   -14.047 -21.928 1.00 18.46 ? 1351 PRO A CG  1 
ATOM   318  C  CD  . PRO A 1 60  ? -0.633  -13.235 -20.987 1.00 19.37 ? 1351 PRO A CD  1 
ATOM   319  N  N   . ASP A 1 61  ? 2.684   -12.139 -20.301 1.00 14.62 ? 1352 ASP A N   1 
ATOM   320  C  CA  . ASP A 1 61  ? 3.937   -11.344 -20.344 1.00 14.03 ? 1352 ASP A CA  1 
ATOM   321  C  C   . ASP A 1 61  ? 4.159   -10.590 -19.020 1.00 13.46 ? 1352 ASP A C   1 
ATOM   322  O  O   . ASP A 1 61  ? 5.158   -9.853  -18.945 1.00 13.43 ? 1352 ASP A O   1 
ATOM   323  C  CB  . ASP A 1 61  ? 3.928   -10.368 -21.517 1.00 14.97 ? 1352 ASP A CB  1 
ATOM   324  C  CG  . ASP A 1 61  ? 2.860   -9.307  -21.381 1.00 15.44 ? 1352 ASP A CG  1 
ATOM   325  O  OD1 . ASP A 1 61  ? 1.854   -9.585  -20.680 1.00 17.32 ? 1352 ASP A OD1 1 
ATOM   326  O  OD2 . ASP A 1 61  ? 3.010   -8.234  -21.995 1.00 18.66 ? 1352 ASP A OD2 1 
ATOM   327  N  N   . TYR A 1 62  ? 3.305   -10.749 -18.002 1.00 12.49 ? 1353 TYR A N   1 
ATOM   328  C  CA  . TYR A 1 62  ? 3.358   -9.857  -16.810 1.00 12.96 ? 1353 TYR A CA  1 
ATOM   329  C  C   . TYR A 1 62  ? 4.766   -9.888  -16.196 1.00 12.44 ? 1353 TYR A C   1 
ATOM   330  O  O   . TYR A 1 62  ? 5.336   -8.794  -15.947 1.00 13.06 ? 1353 TYR A O   1 
ATOM   331  C  CB  . TYR A 1 62  ? 2.284   -10.244 -15.793 1.00 12.51 ? 1353 TYR A CB  1 
ATOM   332  C  CG  . TYR A 1 62  ? 2.168   -9.302  -14.621 1.00 12.80 ? 1353 TYR A CG  1 
ATOM   333  C  CD1 . TYR A 1 62  ? 1.670   -8.031  -14.825 1.00 13.74 ? 1353 TYR A CD1 1 
ATOM   334  C  CD2 . TYR A 1 62  ? 2.579   -9.654  -13.340 1.00 13.35 ? 1353 TYR A CD2 1 
ATOM   335  C  CE1 . TYR A 1 62  ? 1.570   -7.123  -13.786 1.00 13.38 ? 1353 TYR A CE1 1 
ATOM   336  C  CE2 . TYR A 1 62  ? 2.448   -8.765  -12.280 1.00 12.77 ? 1353 TYR A CE2 1 
ATOM   337  C  CZ  . TYR A 1 62  ? 1.961   -7.495  -12.514 1.00 12.90 ? 1353 TYR A CZ  1 
ATOM   338  O  OH  . TYR A 1 62  ? 1.879   -6.589  -11.496 1.00 12.65 ? 1353 TYR A OH  1 
ATOM   339  N  N   . ARG A 1 63  ? 5.319   -11.083 -15.944 1.00 13.47 ? 1354 ARG A N   1 
ATOM   340  C  CA  . ARG A 1 63  ? 6.611   -11.268 -15.223 1.00 14.67 ? 1354 ARG A CA  1 
ATOM   341  C  C   . ARG A 1 63  ? 7.828   -10.979 -16.111 1.00 15.99 ? 1354 ARG A C   1 
ATOM   342  O  O   . ARG A 1 63  ? 8.932   -10.984 -15.553 1.00 16.38 ? 1354 ARG A O   1 
ATOM   343  C  CB  . ARG A 1 63  ? 6.755   -12.659 -14.602 1.00 16.20 ? 1354 ARG A CB  1 
ATOM   344  C  CG  . ARG A 1 63  ? 5.809   -12.918 -13.439 1.00 17.62 ? 1354 ARG A CG  1 
ATOM   345  C  CD  . ARG A 1 63  ? 5.876   -11.895 -12.315 1.00 18.83 ? 1354 ARG A CD  1 
ATOM   346  N  NE  . ARG A 1 63  ? 7.186   -11.823 -11.688 1.00 20.06 ? 1354 ARG A NE  1 
ATOM   347  C  CZ  . ARG A 1 63  ? 7.618   -12.641 -10.730 1.00 21.40 ? 1354 ARG A CZ  1 
ATOM   348  N  NH1 . ARG A 1 63  ? 6.846   -13.612 -10.273 1.00 21.68 ? 1354 ARG A NH1 1 
ATOM   349  N  NH2 . ARG A 1 63  ? 8.832   -12.480 -10.229 1.00 23.26 ? 1354 ARG A NH2 1 
ATOM   350  N  N   . ASP A 1 64  ? 7.649   -10.699 -17.404 1.00 16.12 ? 1355 ASP A N   1 
ATOM   351  C  CA  . ASP A 1 64  ? 8.738   -10.146 -18.253 1.00 17.36 ? 1355 ASP A CA  1 
ATOM   352  C  C   . ASP A 1 64  ? 8.987   -8.681  -17.858 1.00 16.93 ? 1355 ASP A C   1 
ATOM   353  O  O   . ASP A 1 64  ? 10.153  -8.238  -17.886 1.00 18.58 ? 1355 ASP A O   1 
ATOM   354  C  CB  . ASP A 1 64  ? 8.407   -10.265 -19.740 1.00 17.41 ? 1355 ASP A CB  1 
ATOM   355  C  CG  . ASP A 1 64  ? 8.005   -11.658 -20.218 1.00 17.66 ? 1355 ASP A CG  1 
ATOM   356  O  OD1 . ASP A 1 64  ? 8.324   -12.662 -19.536 1.00 18.06 ? 1355 ASP A OD1 1 
ATOM   357  O  OD2 . ASP A 1 64  ? 7.342   -11.724 -21.254 1.00 19.27 ? 1355 ASP A OD2 1 
ATOM   358  N  N   . ILE A 1 65  ? 7.915   -7.978  -17.468 1.00 16.00 ? 1356 ILE A N   1 
ATOM   359  C  CA  . ILE A 1 65  ? 7.884   -6.517  -17.168 1.00 14.98 ? 1356 ILE A CA  1 
ATOM   360  C  C   . ILE A 1 65  ? 8.086   -6.293  -15.652 1.00 14.60 ? 1356 ILE A C   1 
ATOM   361  O  O   . ILE A 1 65  ? 8.921   -5.429  -15.252 1.00 14.36 ? 1356 ILE A O   1 
ATOM   362  C  CB  . ILE A 1 65  ? 6.554   -5.931  -17.707 1.00 15.04 ? 1356 ILE A CB  1 
ATOM   363  C  CG1 . ILE A 1 65  ? 6.217   -6.392  -19.140 1.00 14.80 ? 1356 ILE A CG1 1 
ATOM   364  C  CG2 . ILE A 1 65  ? 6.542   -4.414  -17.595 1.00 15.03 ? 1356 ILE A CG2 1 
ATOM   365  C  CD1 . ILE A 1 65  ? 7.193   -5.927  -20.217 1.00 15.86 ? 1356 ILE A CD1 1 
ATOM   366  N  N   . ILE A 1 66  ? 7.395   -7.075  -14.814 1.00 14.43 ? 1357 ILE A N   1 
ATOM   367  C  CA  . ILE A 1 66  ? 7.305   -6.883  -13.332 1.00 14.39 ? 1357 ILE A CA  1 
ATOM   368  C  C   . ILE A 1 66  ? 8.209   -7.880  -12.607 1.00 15.23 ? 1357 ILE A C   1 
ATOM   369  O  O   . ILE A 1 66  ? 7.863   -9.077  -12.567 1.00 16.79 ? 1357 ILE A O   1 
ATOM   370  C  CB  . ILE A 1 66  ? 5.835   -7.002  -12.877 1.00 13.08 ? 1357 ILE A CB  1 
ATOM   371  C  CG1 . ILE A 1 66  ? 4.963   -5.949  -13.567 1.00 13.82 ? 1357 ILE A CG1 1 
ATOM   372  C  CG2 . ILE A 1 66  ? 5.703   -6.962  -11.354 1.00 12.69 ? 1357 ILE A CG2 1 
ATOM   373  C  CD1 . ILE A 1 66  ? 5.461   -4.537  -13.429 1.00 13.75 ? 1357 ILE A CD1 1 
ATOM   374  N  N   . ASP A 1 67  ? 9.292   -7.377  -12.017 1.00 17.75 ? 1358 ASP A N   1 
ATOM   375  C  CA  . ASP A 1 67  ? 10.264  -8.171  -11.226 1.00 18.99 ? 1358 ASP A CA  1 
ATOM   376  C  C   . ASP A 1 67  ? 9.682   -8.529  -9.870  1.00 18.30 ? 1358 ASP A C   1 
ATOM   377  O  O   . ASP A 1 67  ? 9.972   -9.644  -9.369  1.00 19.78 ? 1358 ASP A O   1 
ATOM   378  C  CB  . ASP A 1 67  ? 11.528  -7.384  -10.890 1.00 21.25 ? 1358 ASP A CB  1 
ATOM   379  C  CG  . ASP A 1 67  ? 12.342  -7.020  -12.103 1.00 24.26 ? 1358 ASP A CG  1 
ATOM   380  O  OD1 . ASP A 1 67  ? 12.293  -7.796  -13.073 1.00 25.66 ? 1358 ASP A OD1 1 
ATOM   381  O  OD2 . ASP A 1 67  ? 13.011  -5.968  -12.064 1.00 25.55 ? 1358 ASP A OD2 1 
ATOM   382  N  N   . THR A 1 68  ? 8.961   -7.585  -9.242  1.00 17.49 ? 1359 THR A N   1 
ATOM   383  C  CA  . THR A 1 68  ? 8.510   -7.853  -7.863  1.00 17.74 ? 1359 THR A CA  1 
ATOM   384  C  C   . THR A 1 68  ? 6.996   -7.668  -7.784  1.00 14.83 ? 1359 THR A C   1 
ATOM   385  O  O   . THR A 1 68  ? 6.513   -6.545  -7.486  1.00 15.70 ? 1359 THR A O   1 
ATOM   386  C  CB  . THR A 1 68  ? 9.212   -6.971  -6.831  1.00 17.38 ? 1359 THR A CB  1 
ATOM   387  O  OG1 . THR A 1 68  ? 10.634  -7.094  -7.007  1.00 20.50 ? 1359 THR A OG1 1 
ATOM   388  C  CG2 . THR A 1 68  ? 8.901   -7.374  -5.411  1.00 17.48 ? 1359 THR A CG2 1 
ATOM   389  N  N   . PRO A 1 69  ? 6.185   -8.705  -8.000  1.00 14.50 ? 1360 PRO A N   1 
ATOM   390  C  CA  . PRO A 1 69  ? 4.725   -8.597  -7.835  1.00 15.41 ? 1360 PRO A CA  1 
ATOM   391  C  C   . PRO A 1 69  ? 4.363   -8.173  -6.405  1.00 13.22 ? 1360 PRO A C   1 
ATOM   392  O  O   . PRO A 1 69  ? 5.013   -8.533  -5.436  1.00 14.99 ? 1360 PRO A O   1 
ATOM   393  C  CB  . PRO A 1 69  ? 4.190   -9.990  -8.202  1.00 16.31 ? 1360 PRO A CB  1 
ATOM   394  C  CG  . PRO A 1 69  ? 5.306   -10.626 -9.068  1.00 19.09 ? 1360 PRO A CG  1 
ATOM   395  C  CD  . PRO A 1 69  ? 6.592   -10.062 -8.471  1.00 17.44 ? 1360 PRO A CD  1 
ATOM   396  N  N   . MET A 1 70  ? 3.267   -7.412  -6.294  1.00 12.95 ? 1361 MET A N   1 
ATOM   397  C  CA  . MET A 1 70  ? 2.741   -7.057  -4.954  1.00 11.93 ? 1361 MET A CA  1 
ATOM   398  C  C   . MET A 1 70  ? 1.218   -6.868  -5.067  1.00 11.24 ? 1361 MET A C   1 
ATOM   399  O  O   . MET A 1 70  ? 0.743   -6.413  -6.110  1.00 12.11 ? 1361 MET A O   1 
ATOM   400  C  CB  . MET A 1 70  ? 3.458   -5.825  -4.376  1.00 11.95 ? 1361 MET A CB  1 
ATOM   401  C  CG  . MET A 1 70  ? 3.118   -5.491  -2.947  1.00 11.67 ? 1361 MET A CG  1 
ATOM   402  S  SD  . MET A 1 70  ? 3.366   -6.789  -1.746  1.00 12.56 ? 1361 MET A SD  1 
ATOM   403  C  CE  . MET A 1 70  ? 5.082   -7.274  -1.933  1.00 14.55 ? 1361 MET A CE  1 
ATOM   404  N  N   . ASP A 1 71  ? 0.517   -7.144  -3.984  1.00 10.80 ? 1362 ASP A N   1 
ATOM   405  C  CA  . ASP A 1 71  ? -0.957  -6.988  -3.942  1.00 10.56 ? 1362 ASP A CA  1 
ATOM   406  C  C   . ASP A 1 71  ? -1.378  -6.711  -2.498  1.00 10.52 ? 1362 ASP A C   1 
ATOM   407  O  O   . ASP A 1 71  ? -0.602  -6.934  -1.541  1.00 11.10 ? 1362 ASP A O   1 
ATOM   408  C  CB  . ASP A 1 71  ? -1.620  -8.251  -4.506  1.00 12.79 ? 1362 ASP A CB  1 
ATOM   409  C  CG  . ASP A 1 71  ? -1.302  -9.420  -3.613  1.00 14.69 ? 1362 ASP A CG  1 
ATOM   410  O  OD1 . ASP A 1 71  ? -0.189  -9.972  -3.726  1.00 16.36 ? 1362 ASP A OD1 1 
ATOM   411  O  OD2 . ASP A 1 71  ? -2.054  -9.626  -2.695  1.00 16.21 ? 1362 ASP A OD2 1 
ATOM   412  N  N   . PHE A 1 72  ? -2.626  -6.279  -2.285  1.00 10.73 ? 1363 PHE A N   1 
ATOM   413  C  CA  . PHE A 1 72  ? -3.083  -5.876  -0.942  1.00 10.21 ? 1363 PHE A CA  1 
ATOM   414  C  C   . PHE A 1 72  ? -3.250  -7.055  0.014   1.00 11.14 ? 1363 PHE A C   1 
ATOM   415  O  O   . PHE A 1 72  ? -3.096  -6.861  1.218   1.00 11.12 ? 1363 PHE A O   1 
ATOM   416  C  CB  . PHE A 1 72  ? -4.353  -5.025  -1.034  1.00 10.83 ? 1363 PHE A CB  1 
ATOM   417  C  CG  . PHE A 1 72  ? -4.068  -3.620  -1.490  1.00 9.78  ? 1363 PHE A CG  1 
ATOM   418  C  CD1 . PHE A 1 72  ? -3.499  -2.719  -0.630  1.00 10.40 ? 1363 PHE A CD1 1 
ATOM   419  C  CD2 . PHE A 1 72  ? -4.416  -3.175  -2.754  1.00 10.87 ? 1363 PHE A CD2 1 
ATOM   420  C  CE1 . PHE A 1 72  ? -3.210  -1.437  -1.032  1.00 11.48 ? 1363 PHE A CE1 1 
ATOM   421  C  CE2 . PHE A 1 72  ? -4.190  -1.881  -3.129  1.00 11.31 ? 1363 PHE A CE2 1 
ATOM   422  C  CZ  . PHE A 1 72  ? -3.529  -1.026  -2.288  1.00 11.02 ? 1363 PHE A CZ  1 
ATOM   423  N  N   . ALA A 1 73  ? -3.565  -8.260  -0.486  1.00 10.69 ? 1364 ALA A N   1 
ATOM   424  C  CA  . ALA A 1 73  ? -3.616  -9.438  0.400   1.00 11.80 ? 1364 ALA A CA  1 
ATOM   425  C  C   . ALA A 1 73  ? -2.227  -9.754  0.958   1.00 11.93 ? 1364 ALA A C   1 
ATOM   426  O  O   . ALA A 1 73  ? -2.124  -10.045 2.163   1.00 12.49 ? 1364 ALA A O   1 
ATOM   427  C  CB  . ALA A 1 73  ? -4.258  -10.625 -0.301  1.00 12.81 ? 1364 ALA A CB  1 
ATOM   428  N  N   . THR A 1 74  ? -1.230  -9.646  0.137   1.00 11.46 ? 1365 THR A N   1 
ATOM   429  C  CA  . THR A 1 74  ? 0.162   -9.872  0.604   1.00 11.93 ? 1365 THR A CA  1 
ATOM   430  C  C   . THR A 1 74  ? 0.529   -8.814  1.640   1.00 10.20 ? 1365 THR A C   1 
ATOM   431  O  O   . THR A 1 74  ? 1.103   -9.172  2.692   1.00 11.67 ? 1365 THR A O   1 
ATOM   432  C  CB  . THR A 1 74  ? 1.121   -9.892  -0.552  1.00 11.95 ? 1365 THR A CB  1 
ATOM   433  O  OG1 . THR A 1 74  ? 0.759   -10.996 -1.415  1.00 15.18 ? 1365 THR A OG1 1 
ATOM   434  C  CG2 . THR A 1 74  ? 2.568   -10.031 -0.140  1.00 12.79 ? 1365 THR A CG2 1 
ATOM   435  N  N   . VAL A 1 75  ? 0.199   -7.552  1.396   1.00 9.77  ? 1366 VAL A N   1 
ATOM   436  C  CA  . VAL A 1 75  ? 0.455   -6.491  2.410   1.00 9.89  ? 1366 VAL A CA  1 
ATOM   437  C  C   . VAL A 1 75  ? -0.261  -6.807  3.734   1.00 9.73  ? 1366 VAL A C   1 
ATOM   438  O  O   . VAL A 1 75  ? 0.392   -6.751  4.813   1.00 10.10 ? 1366 VAL A O   1 
ATOM   439  C  CB  . VAL A 1 75  ? 0.119   -5.100  1.843   1.00 10.20 ? 1366 VAL A CB  1 
ATOM   440  C  CG1 . VAL A 1 75  ? 0.274   -4.053  2.914   1.00 10.86 ? 1366 VAL A CG1 1 
ATOM   441  C  CG2 . VAL A 1 75  ? 0.966   -4.795  0.644   1.00 10.89 ? 1366 VAL A CG2 1 
ATOM   442  N  N   . ARG A 1 76  ? -1.536  -7.146  3.698   1.00 9.90  ? 1367 ARG A N   1 
ATOM   443  C  CA  . ARG A 1 76  ? -2.282  -7.452  4.923   1.00 12.08 ? 1367 ARG A CA  1 
ATOM   444  C  C   . ARG A 1 76  ? -1.674  -8.645  5.665   1.00 11.28 ? 1367 ARG A C   1 
ATOM   445  O  O   . ARG A 1 76  ? -1.564  -8.612  6.910   1.00 11.69 ? 1367 ARG A O   1 
ATOM   446  C  CB  . ARG A 1 76  ? -3.737  -7.736  4.535   1.00 13.31 ? 1367 ARG A CB  1 
ATOM   447  C  CG  . ARG A 1 76  ? -4.657  -8.047  5.701   1.00 18.14 ? 1367 ARG A CG  1 
ATOM   448  C  CD  . ARG A 1 76  ? -6.065  -8.269  5.151   1.00 23.26 ? 1367 ARG A CD  1 
ATOM   449  N  NE  . ARG A 1 76  ? -6.921  -7.109  5.236   1.00 24.07 ? 1367 ARG A NE  1 
ATOM   450  C  CZ  . ARG A 1 76  ? -8.165  -7.041  4.731   1.00 22.85 ? 1367 ARG A CZ  1 
ATOM   451  N  NH1 . ARG A 1 76  ? -8.594  -7.949  3.869   1.00 21.04 ? 1367 ARG A NH1 1 
ATOM   452  N  NH2 . ARG A 1 76  ? -8.922  -6.005  5.024   1.00 25.83 ? 1367 ARG A NH2 1 
ATOM   453  N  N   . GLU A 1 77  ? -1.311  -9.695  4.941   1.00 11.49 ? 1368 GLU A N   1 
ATOM   454  C  CA  . GLU A 1 77  ? -0.729  -10.899 5.585   1.00 12.06 ? 1368 GLU A CA  1 
ATOM   455  C  C   . GLU A 1 77  ? 0.648   -10.563 6.181   1.00 11.74 ? 1368 GLU A C   1 
ATOM   456  O  O   . GLU A 1 77  ? 0.994   -11.115 7.242   1.00 11.68 ? 1368 GLU A O   1 
ATOM   457  C  CB  . GLU A 1 77  ? -0.646  -12.020 4.559   1.00 14.54 ? 1368 GLU A CB  1 
ATOM   458  C  CG  . GLU A 1 77  ? -1.993  -12.581 4.152   1.00 17.37 ? 1368 GLU A CG  1 
ATOM   459  C  CD  . GLU A 1 77  ? -1.997  -13.344 2.837   1.00 21.00 ? 1368 GLU A CD  1 
ATOM   460  O  OE1 . GLU A 1 77  ? -0.977  -14.017 2.530   1.00 23.95 ? 1368 GLU A OE1 1 
ATOM   461  O  OE2 . GLU A 1 77  ? -3.035  -13.300 2.130   1.00 24.40 ? 1368 GLU A OE2 1 
ATOM   462  N  N   . THR A 1 78  ? 1.459   -9.750  5.512   1.00 10.86 ? 1369 THR A N   1 
ATOM   463  C  CA  . THR A 1 78  ? 2.792   -9.360  6.049   1.00 11.04 ? 1369 THR A CA  1 
ATOM   464  C  C   . THR A 1 78  ? 2.575   -8.582  7.348   1.00 11.01 ? 1369 THR A C   1 
ATOM   465  O  O   . THR A 1 78  ? 3.289   -8.825  8.388   1.00 11.63 ? 1369 THR A O   1 
ATOM   466  C  CB  . THR A 1 78  ? 3.564   -8.553  5.002   1.00 10.75 ? 1369 THR A CB  1 
ATOM   467  O  OG1 . THR A 1 78  ? 3.709   -9.354  3.832   1.00 12.37 ? 1369 THR A OG1 1 
ATOM   468  C  CG2 . THR A 1 78  ? 4.931   -8.150  5.499   1.00 11.41 ? 1369 THR A CG2 1 
ATOM   469  N  N   . LEU A 1 79  ? 1.612   -7.660  7.372   1.00 10.04 ? 1370 LEU A N   1 
ATOM   470  C  CA  . LEU A 1 79  ? 1.290   -6.893  8.584   1.00 10.57 ? 1370 LEU A CA  1 
ATOM   471  C  C   . LEU A 1 79  ? 0.859   -7.819  9.708   1.00 11.41 ? 1370 LEU A C   1 
ATOM   472  O  O   . LEU A 1 79  ? 1.365   -7.716  10.880  1.00 11.54 ? 1370 LEU A O   1 
ATOM   473  C  CB  . LEU A 1 79  ? 0.242   -5.834  8.213   1.00 10.19 ? 1370 LEU A CB  1 
ATOM   474  C  CG  . LEU A 1 79  ? -0.126  -4.849  9.336   1.00 10.93 ? 1370 LEU A CG  1 
ATOM   475  C  CD1 . LEU A 1 79  ? 1.023   -3.945  9.696   1.00 10.52 ? 1370 LEU A CD1 1 
ATOM   476  C  CD2 . LEU A 1 79  ? -1.349  -4.003  8.908   1.00 11.90 ? 1370 LEU A CD2 1 
ATOM   477  N  N   . GLU A 1 80  ? -0.116  -8.690  9.436   1.00 12.12 ? 1371 GLU A N   1 
ATOM   478  C  CA  . GLU A 1 80  ? -0.693  -9.601  10.467  1.00 13.59 ? 1371 GLU A CA  1 
ATOM   479  C  C   . GLU A 1 80  ? 0.348   -10.607 10.968  1.00 13.27 ? 1371 GLU A C   1 
ATOM   480  O  O   . GLU A 1 80  ? 0.289   -10.990 12.145  1.00 14.19 ? 1371 GLU A O   1 
ATOM   481  C  CB  . GLU A 1 80  ? -1.959  -10.279 9.929   1.00 14.88 ? 1371 GLU A CB  1 
ATOM   482  C  CG  . GLU A 1 80  ? -3.143  -9.334  9.949   1.00 19.34 ? 1371 GLU A CG  1 
ATOM   483  C  CD  . GLU A 1 80  ? -3.179  -8.452  11.194  1.00 22.59 ? 1371 GLU A CD  1 
ATOM   484  O  OE1 . GLU A 1 80  ? -3.571  -8.971  12.249  1.00 25.83 ? 1371 GLU A OE1 1 
ATOM   485  O  OE2 . GLU A 1 80  ? -2.779  -7.251  11.120  1.00 24.61 ? 1371 GLU A OE2 1 
ATOM   486  N  N   . ALA A 1 81  ? 1.297   -10.998 10.144  1.00 12.60 ? 1372 ALA A N   1 
ATOM   487  C  CA  . ALA A 1 81  ? 2.376   -11.926 10.579  1.00 13.34 ? 1372 ALA A CA  1 
ATOM   488  C  C   . ALA A 1 81  ? 3.354   -11.239 11.532  1.00 13.15 ? 1372 ALA A C   1 
ATOM   489  O  O   . ALA A 1 81  ? 4.249   -11.879 12.093  1.00 13.89 ? 1372 ALA A O   1 
ATOM   490  C  CB  . ALA A 1 81  ? 3.116   -12.477 9.398   1.00 14.11 ? 1372 ALA A CB  1 
ATOM   491  N  N   . GLY A 1 82  ? 3.305   -9.885  11.656  1.00 12.22 ? 1373 GLY A N   1 
ATOM   492  C  CA  . GLY A 1 82  ? 4.345   -9.162  12.397  1.00 11.09 ? 1373 GLY A CA  1 
ATOM   493  C  C   . GLY A 1 82  ? 5.620   -9.063  11.653  1.00 12.26 ? 1373 GLY A C   1 
ATOM   494  O  O   . GLY A 1 82  ? 6.707   -9.112  12.257  1.00 12.23 ? 1373 GLY A O   1 
ATOM   495  N  N   . ASN A 1 83  ? 5.567   -8.892  10.338  1.00 10.79 ? 1374 ASN A N   1 
ATOM   496  C  CA  . ASN A 1 83  ? 6.748   -8.834  9.476   1.00 11.41 ? 1374 ASN A CA  1 
ATOM   497  C  C   . ASN A 1 83  ? 6.988   -7.444  8.853   1.00 10.51 ? 1374 ASN A C   1 
ATOM   498  O  O   . ASN A 1 83  ? 7.871   -7.298  8.012   1.00 11.59 ? 1374 ASN A O   1 
ATOM   499  C  CB  . ASN A 1 83  ? 6.702   -9.937  8.432   1.00 12.62 ? 1374 ASN A CB  1 
ATOM   500  C  CG  . ASN A 1 83  ? 6.898   -11.346 8.970   1.00 13.65 ? 1374 ASN A CG  1 
ATOM   501  O  OD1 . ASN A 1 83  ? 6.748   -12.292 8.182   1.00 17.70 ? 1374 ASN A OD1 1 
ATOM   502  N  ND2 . ASN A 1 83  ? 7.227   -11.582 10.224  1.00 13.69 ? 1374 ASN A ND2 1 
ATOM   503  N  N   . TYR A 1 84  ? 6.243   -6.424  9.313   1.00 10.99 ? 1375 TYR A N   1 
ATOM   504  C  CA  . TYR A 1 84  ? 6.617   -5.005  9.082   1.00 11.10 ? 1375 TYR A CA  1 
ATOM   505  C  C   . TYR A 1 84  ? 7.148   -4.454  10.413  1.00 11.30 ? 1375 TYR A C   1 
ATOM   506  O  O   . TYR A 1 84  ? 6.485   -4.656  11.430  1.00 13.06 ? 1375 TYR A O   1 
ATOM   507  C  CB  . TYR A 1 84  ? 5.458   -4.140  8.549   1.00 10.41 ? 1375 TYR A CB  1 
ATOM   508  C  CG  . TYR A 1 84  ? 5.035   -4.433  7.132   1.00 9.48  ? 1375 TYR A CG  1 
ATOM   509  C  CD1 . TYR A 1 84  ? 5.945   -4.422  6.094   1.00 10.05 ? 1375 TYR A CD1 1 
ATOM   510  C  CD2 . TYR A 1 84  ? 3.716   -4.711  6.808   1.00 9.51  ? 1375 TYR A CD2 1 
ATOM   511  C  CE1 . TYR A 1 84  ? 5.553   -4.628  4.786   1.00 9.84  ? 1375 TYR A CE1 1 
ATOM   512  C  CE2 . TYR A 1 84  ? 3.307   -4.934  5.525   1.00 10.02 ? 1375 TYR A CE2 1 
ATOM   513  C  CZ  . TYR A 1 84  ? 4.226   -4.902  4.514   1.00 9.93  ? 1375 TYR A CZ  1 
ATOM   514  O  OH  . TYR A 1 84  ? 3.797   -5.170  3.246   1.00 11.43 ? 1375 TYR A OH  1 
ATOM   515  N  N   . GLU A 1 85  ? 8.276   -3.752  10.354  1.00 12.11 ? 1376 GLU A N   1 
ATOM   516  C  CA  . GLU A 1 85  ? 8.786   -3.065  11.575  1.00 13.77 ? 1376 GLU A CA  1 
ATOM   517  C  C   . GLU A 1 85  ? 8.286   -1.626  11.672  1.00 13.25 ? 1376 GLU A C   1 
ATOM   518  O  O   . GLU A 1 85  ? 8.312   -1.050  12.787  1.00 18.33 ? 1376 GLU A O   1 
ATOM   519  C  CB  . GLU A 1 85  ? 10.297  -3.072  11.626  1.00 16.86 ? 1376 GLU A CB  1 
ATOM   520  C  CG  . GLU A 1 85  ? 10.786  -2.495  12.933  1.00 22.91 ? 1376 GLU A CG  1 
ATOM   521  C  CD  . GLU A 1 85  ? 12.276  -2.648  13.100  1.00 29.00 ? 1376 GLU A CD  1 
ATOM   522  O  OE1 . GLU A 1 85  ? 12.959  -2.848  12.062  1.00 34.72 ? 1376 GLU A OE1 1 
ATOM   523  O  OE2 . GLU A 1 85  ? 12.745  -2.592  14.290  1.00 33.07 ? 1376 GLU A OE2 1 
ATOM   524  N  N   . SER A 1 86  ? 7.787   -1.016  10.595  1.00 11.83 ? 1377 SER A N   1 
ATOM   525  C  CA  . SER A 1 86  ? 7.368   0.391   10.580  1.00 11.77 ? 1377 SER A CA  1 
ATOM   526  C  C   . SER A 1 86  ? 6.332   0.594   9.502   1.00 11.71 ? 1377 SER A C   1 
ATOM   527  O  O   . SER A 1 86  ? 6.247   -0.193  8.554   1.00 10.74 ? 1377 SER A O   1 
ATOM   528  C  CB  . SER A 1 86  ? 8.554   1.275   10.296  1.00 12.12 ? 1377 SER A CB  1 
ATOM   529  O  OG  . SER A 1 86  ? 8.968   1.149   8.967   1.00 13.07 ? 1377 SER A OG  1 
ATOM   530  N  N   . PRO A 1 87  ? 5.559   1.682   9.612   1.00 10.69 ? 1378 PRO A N   1 
ATOM   531  C  CA  . PRO A 1 87  ? 4.632   1.989   8.535   1.00 10.37 ? 1378 PRO A CA  1 
ATOM   532  C  C   . PRO A 1 87  ? 5.332   2.423   7.247   1.00 10.10 ? 1378 PRO A C   1 
ATOM   533  O  O   . PRO A 1 87  ? 4.731   2.289   6.174   1.00 10.67 ? 1378 PRO A O   1 
ATOM   534  C  CB  . PRO A 1 87  ? 3.775   3.158   9.098   1.00 11.30 ? 1378 PRO A CB  1 
ATOM   535  C  CG  . PRO A 1 87  ? 4.666   3.809   10.140  1.00 10.70 ? 1378 PRO A CG  1 
ATOM   536  C  CD  . PRO A 1 87  ? 5.447   2.642   10.739  1.00 11.56 ? 1378 PRO A CD  1 
ATOM   537  N  N   . MET A 1 88  ? 6.575   2.870   7.315   1.00 10.09 ? 1379 MET A N   1 
ATOM   538  C  CA  . MET A 1 88  ? 7.340   3.201   6.094   1.00 10.36 ? 1379 MET A CA  1 
ATOM   539  C  C   . MET A 1 88  ? 7.498   1.937   5.238   1.00 9.96  ? 1379 MET A C   1 
ATOM   540  O  O   . MET A 1 88  ? 7.450   2.003   4.017   1.00 9.89  ? 1379 MET A O   1 
ATOM   541  C  CB  . MET A 1 88  ? 8.719   3.802   6.399   1.00 10.81 ? 1379 MET A CB  1 
ATOM   542  C  CG  . MET A 1 88  ? 8.634   5.154   7.105   1.00 11.64 ? 1379 MET A CG  1 
ATOM   543  S  SD  . MET A 1 88  ? 8.370   5.111   8.915   1.00 13.60 ? 1379 MET A SD  1 
ATOM   544  C  CE  . MET A 1 88  ? 10.076  4.826   9.437   1.00 16.21 ? 1379 MET A CE  1 
ATOM   545  N  N   . GLU A 1 89  ? 7.777   0.777   5.847   1.00 10.01 ? 1380 GLU A N   1 
ATOM   546  C  CA  . GLU A 1 89  ? 7.924   -0.458  5.080   1.00 10.22 ? 1380 GLU A CA  1 
ATOM   547  C  C   . GLU A 1 89  ? 6.608   -0.844  4.409   1.00 9.72  ? 1380 GLU A C   1 
ATOM   548  O  O   . GLU A 1 89  ? 6.625   -1.279  3.253   1.00 10.79 ? 1380 GLU A O   1 
ATOM   549  C  CB  . GLU A 1 89  ? 8.386   -1.595  5.992   1.00 11.82 ? 1380 GLU A CB  1 
ATOM   550  C  CG  . GLU A 1 89  ? 9.806   -1.476  6.521   1.00 12.42 ? 1380 GLU A CG  1 
ATOM   551  C  CD  . GLU A 1 89  ? 10.197  -2.593  7.456   1.00 13.24 ? 1380 GLU A CD  1 
ATOM   552  O  OE1 . GLU A 1 89  ? 9.359   -3.381  7.832   1.00 14.02 ? 1380 GLU A OE1 1 
ATOM   553  O  OE2 . GLU A 1 89  ? 11.450  -2.666  7.762   1.00 18.48 ? 1380 GLU A OE2 1 
ATOM   554  N  N   . LEU A 1 90  ? 5.504   -0.768  5.123   1.00 9.55  ? 1381 LEU A N   1 
ATOM   555  C  CA  . LEU A 1 90  ? 4.173   -1.043  4.536   1.00 9.70  ? 1381 LEU A CA  1 
ATOM   556  C  C   . LEU A 1 90  ? 3.932   -0.104  3.355   1.00 9.87  ? 1381 LEU A C   1 
ATOM   557  O  O   . LEU A 1 90  ? 3.439   -0.525  2.289   1.00 9.89  ? 1381 LEU A O   1 
ATOM   558  C  CB  . LEU A 1 90  ? 3.099   -0.967  5.631   1.00 9.62  ? 1381 LEU A CB  1 
ATOM   559  C  CG  . LEU A 1 90  ? 1.661   -1.180  5.126   1.00 10.32 ? 1381 LEU A CG  1 
ATOM   560  C  CD1 . LEU A 1 90  ? 0.833   -1.889  6.171   1.00 11.07 ? 1381 LEU A CD1 1 
ATOM   561  C  CD2 . LEU A 1 90  ? 0.996   0.127   4.687   1.00 10.83 ? 1381 LEU A CD2 1 
ATOM   562  N  N   A CYS A 1 91  ? 4.238   1.179   3.548   0.35 10.12 ? 1382 CYS A N   1 
ATOM   563  N  N   B CYS A 1 91  ? 4.255   1.181   3.506   0.15 10.16 ? 1382 CYS A N   1 
ATOM   564  C  CA  A CYS A 1 91  ? 4.030   2.218   2.514   0.35 10.79 ? 1382 CYS A CA  1 
ATOM   565  C  CA  B CYS A 1 91  ? 4.071   2.178   2.419   0.15 10.50 ? 1382 CYS A CA  1 
ATOM   566  C  C   A CYS A 1 91  ? 4.859   1.878   1.258   0.35 10.64 ? 1382 CYS A C   1 
ATOM   567  C  C   B CYS A 1 91  ? 4.858   1.794   1.188   0.15 10.57 ? 1382 CYS A C   1 
ATOM   568  O  O   A CYS A 1 91  ? 4.330   2.035   0.138   0.35 11.75 ? 1382 CYS A O   1 
ATOM   569  O  O   B CYS A 1 91  ? 4.346   1.941   0.061   0.15 10.94 ? 1382 CYS A O   1 
ATOM   570  C  CB  A CYS A 1 91  ? 4.292   3.590   3.137   0.35 10.95 ? 1382 CYS A CB  1 
ATOM   571  C  CB  B CYS A 1 91  ? 4.553   3.552   2.831   0.15 10.82 ? 1382 CYS A CB  1 
ATOM   572  S  SG  A CYS A 1 91  ? 3.864   4.976   2.057   0.35 12.37 ? 1382 CYS A SG  1 
ATOM   573  S  SG  B CYS A 1 91  ? 3.281   4.277   3.869   0.15 11.28 ? 1382 CYS A SG  1 
ATOM   574  N  N   . LYS A 1 92  ? 6.089   1.369   1.408   1.00 10.62 ? 1383 LYS A N   1 
ATOM   575  C  CA  . LYS A 1 92  ? 6.894   1.011   0.262   1.00 11.07 ? 1383 LYS A CA  1 
ATOM   576  C  C   . LYS A 1 92  ? 6.188   -0.109  -0.522  1.00 10.67 ? 1383 LYS A C   1 
ATOM   577  O  O   . LYS A 1 92  ? 6.204   -0.065  -1.767  1.00 11.60 ? 1383 LYS A O   1 
ATOM   578  C  CB  . LYS A 1 92  ? 8.288   0.646   0.771   1.00 12.57 ? 1383 LYS A CB  1 
ATOM   579  C  CG  . LYS A 1 92  ? 9.243   0.196   -0.297  1.00 14.45 ? 1383 LYS A CG  1 
ATOM   580  C  CD  . LYS A 1 92  ? 10.633  -0.082  0.268   1.00 18.04 ? 1383 LYS A CD  1 
ATOM   581  C  CE  . LYS A 1 92  ? 11.596  -0.565  -0.792  1.00 23.37 ? 1383 LYS A CE  1 
ATOM   582  N  NZ  . LYS A 1 92  ? 12.964  -0.836  -0.252  1.00 29.51 ? 1383 LYS A NZ  1 
ATOM   583  N  N   . ASP A 1 93  ? 5.692   -1.122  0.150   1.00 10.33 ? 1384 ASP A N   1 
ATOM   584  C  CA  . ASP A 1 93  ? 5.007   -2.208  -0.576  1.00 10.01 ? 1384 ASP A CA  1 
ATOM   585  C  C   . ASP A 1 93  ? 3.716   -1.749  -1.268  1.00 9.13  ? 1384 ASP A C   1 
ATOM   586  O  O   . ASP A 1 93  ? 3.437   -2.157  -2.382  1.00 9.42  ? 1384 ASP A O   1 
ATOM   587  C  CB  . ASP A 1 93  ? 4.733   -3.380  0.347   1.00 11.19 ? 1384 ASP A CB  1 
ATOM   588  C  CG  . ASP A 1 93  ? 5.934   -4.265  0.649   1.00 13.96 ? 1384 ASP A CG  1 
ATOM   589  O  OD1 . ASP A 1 93  ? 7.003   -4.055  0.005   1.00 17.39 ? 1384 ASP A OD1 1 
ATOM   590  O  OD2 . ASP A 1 93  ? 5.796   -5.160  1.520   1.00 13.18 ? 1384 ASP A OD2 1 
ATOM   591  N  N   . VAL A 1 94  ? 2.925   -0.889  -0.606  1.00 9.59  ? 1385 VAL A N   1 
ATOM   592  C  CA  . VAL A 1 94  ? 1.692   -0.380  -1.277  1.00 8.97  ? 1385 VAL A CA  1 
ATOM   593  C  C   . VAL A 1 94  ? 2.081   0.448   -2.492  1.00 9.46  ? 1385 VAL A C   1 
ATOM   594  O  O   . VAL A 1 94  ? 1.478   0.305   -3.564  1.00 9.84  ? 1385 VAL A O   1 
ATOM   595  C  CB  . VAL A 1 94  ? 0.835   0.424   -0.283  1.00 9.39  ? 1385 VAL A CB  1 
ATOM   596  C  CG1 . VAL A 1 94  ? -0.297  1.149   -0.995  1.00 9.59  ? 1385 VAL A CG1 1 
ATOM   597  C  CG2 . VAL A 1 94  ? 0.281   -0.454  0.827   1.00 9.30  ? 1385 VAL A CG2 1 
ATOM   598  N  N   . ARG A 1 95  ? 3.109   1.298   -2.364  1.00 9.22  ? 1386 ARG A N   1 
ATOM   599  C  CA  . ARG A 1 95  ? 3.559   2.099   -3.507  1.00 9.55  ? 1386 ARG A CA  1 
ATOM   600  C  C   . ARG A 1 95  ? 4.034   1.194   -4.648  1.00 9.53  ? 1386 ARG A C   1 
ATOM   601  O  O   . ARG A 1 95  ? 3.888   1.583   -5.839  1.00 9.96  ? 1386 ARG A O   1 
ATOM   602  C  CB  . ARG A 1 95  ? 4.593   3.128   -3.057  1.00 10.01 ? 1386 ARG A CB  1 
ATOM   603  C  CG  . ARG A 1 95  ? 3.935   4.254   -2.256  1.00 11.06 ? 1386 ARG A CG  1 
ATOM   604  C  CD  . ARG A 1 95  ? 4.973   5.147   -1.632  1.00 12.32 ? 1386 ARG A CD  1 
ATOM   605  N  NE  . ARG A 1 95  ? 4.341   6.249   -0.928  1.00 13.17 ? 1386 ARG A NE  1 
ATOM   606  C  CZ  . ARG A 1 95  ? 5.010   7.181   -0.211  1.00 15.51 ? 1386 ARG A CZ  1 
ATOM   607  N  NH1 . ARG A 1 95  ? 6.320   7.080   0.037   1.00 16.89 ? 1386 ARG A NH1 1 
ATOM   608  N  NH2 . ARG A 1 95  ? 4.346   8.209   0.303   1.00 18.27 ? 1386 ARG A NH2 1 
ATOM   609  N  N   . LEU A 1 96  ? 4.582   0.032   -4.355  1.00 9.70  ? 1387 LEU A N   1 
ATOM   610  C  CA  . LEU A 1 96  ? 4.996   -0.961  -5.383  1.00 9.71  ? 1387 LEU A CA  1 
ATOM   611  C  C   . LEU A 1 96  ? 3.776   -1.493  -6.146  1.00 9.31  ? 1387 LEU A C   1 
ATOM   612  O  O   . LEU A 1 96  ? 3.869   -1.731  -7.358  1.00 10.08 ? 1387 LEU A O   1 
ATOM   613  C  CB  . LEU A 1 96  ? 5.769   -2.083  -4.706  1.00 10.73 ? 1387 LEU A CB  1 
ATOM   614  C  CG  . LEU A 1 96  ? 6.282   -3.199  -5.606  1.00 11.79 ? 1387 LEU A CG  1 
ATOM   615  C  CD1 . LEU A 1 96  ? 7.219   -2.688  -6.675  1.00 13.01 ? 1387 LEU A CD1 1 
ATOM   616  C  CD2 . LEU A 1 96  ? 7.000   -4.263  -4.787  1.00 12.38 ? 1387 LEU A CD2 1 
ATOM   617  N  N   . ILE A 1 97  ? 2.644   -1.691  -5.464  1.00 9.78  ? 1388 ILE A N   1 
ATOM   618  C  CA  . ILE A 1 97  ? 1.403   -2.119  -6.192  1.00 9.54  ? 1388 ILE A CA  1 
ATOM   619  C  C   . ILE A 1 97  ? 1.145   -1.074  -7.293  1.00 10.28 ? 1388 ILE A C   1 
ATOM   620  O  O   . ILE A 1 97  ? 0.851   -1.417  -8.454  1.00 10.46 ? 1388 ILE A O   1 
ATOM   621  C  CB  . ILE A 1 97  ? 0.204   -2.220  -5.229  1.00 9.83  ? 1388 ILE A CB  1 
ATOM   622  C  CG1 . ILE A 1 97  ? 0.456   -3.291  -4.169  1.00 10.15 ? 1388 ILE A CG1 1 
ATOM   623  C  CG2 . ILE A 1 97  ? -1.089  -2.480  -5.981  1.00 10.33 ? 1388 ILE A CG2 1 
ATOM   624  C  CD1 . ILE A 1 97  ? -0.554  -3.321  -3.024  1.00 10.44 ? 1388 ILE A CD1 1 
ATOM   625  N  N   . PHE A 1 98  ? 1.226   0.196   -6.947  1.00 9.90  ? 1389 PHE A N   1 
ATOM   626  C  CA  . PHE A 1 98  ? 0.860   1.270   -7.896  1.00 10.07 ? 1389 PHE A CA  1 
ATOM   627  C  C   . PHE A 1 98  ? 1.932   1.420   -8.969  1.00 10.25 ? 1389 PHE A C   1 
ATOM   628  O  O   . PHE A 1 98  ? 1.588   1.626   -10.155 1.00 11.17 ? 1389 PHE A O   1 
ATOM   629  C  CB  . PHE A 1 98  ? 0.564   2.570   -7.152  1.00 10.96 ? 1389 PHE A CB  1 
ATOM   630  C  CG  . PHE A 1 98  ? -0.538  2.457   -6.141  1.00 10.63 ? 1389 PHE A CG  1 
ATOM   631  C  CD1 . PHE A 1 98  ? -1.743  1.862   -6.449  1.00 12.15 ? 1389 PHE A CD1 1 
ATOM   632  C  CD2 . PHE A 1 98  ? -0.399  2.933   -4.845  1.00 12.21 ? 1389 PHE A CD2 1 
ATOM   633  C  CE1 . PHE A 1 98  ? -2.787  1.750   -5.518  1.00 14.27 ? 1389 PHE A CE1 1 
ATOM   634  C  CE2 . PHE A 1 98  ? -1.467  2.816   -3.929  1.00 13.10 ? 1389 PHE A CE2 1 
ATOM   635  C  CZ  . PHE A 1 98  ? -2.634  2.259   -4.292  1.00 13.53 ? 1389 PHE A CZ  1 
ATOM   636  N  N   . SER A 1 99  ? 3.224   1.344   -8.619  1.00 10.43 ? 1390 SER A N   1 
ATOM   637  C  CA  . SER A 1 99  ? 4.269   1.470   -9.661  1.00 10.86 ? 1390 SER A CA  1 
ATOM   638  C  C   . SER A 1 99  ? 4.212   0.275   -10.612 1.00 10.83 ? 1390 SER A C   1 
ATOM   639  O  O   . SER A 1 99  ? 4.490   0.456   -11.833 1.00 11.26 ? 1390 SER A O   1 
ATOM   640  C  CB  . SER A 1 99  ? 5.640   1.683   -9.047  1.00 12.00 ? 1390 SER A CB  1 
ATOM   641  O  OG  . SER A 1 99  ? 6.054   0.620   -8.271  1.00 13.43 ? 1390 SER A OG  1 
ATOM   642  N  N   . ASN A 1 100 ? 3.888   -0.906  -10.123 1.00 10.50 ? 1391 ASN A N   1 
ATOM   643  C  CA  . ASN A 1 100 ? 3.717   -2.066  -11.030 1.00 10.84 ? 1391 ASN A CA  1 
ATOM   644  C  C   . ASN A 1 100 ? 2.580   -1.780  -12.002 1.00 11.28 ? 1391 ASN A C   1 
ATOM   645  O  O   . ASN A 1 100 ? 2.695   -2.116  -13.220 1.00 12.62 ? 1391 ASN A O   1 
ATOM   646  C  CB  . ASN A 1 100 ? 3.468   -3.341  -10.251 1.00 11.10 ? 1391 ASN A CB  1 
ATOM   647  C  CG  . ASN A 1 100 ? 4.684   -3.915  -9.547  1.00 11.09 ? 1391 ASN A CG  1 
ATOM   648  O  OD1 . ASN A 1 100 ? 5.823   -3.505  -9.802  1.00 11.96 ? 1391 ASN A OD1 1 
ATOM   649  N  ND2 . ASN A 1 100 ? 4.455   -4.858  -8.692  1.00 11.82 ? 1391 ASN A ND2 1 
ATOM   650  N  N   . SER A 1 101 ? 1.446   -1.252  -11.546 1.00 10.72 ? 1392 SER A N   1 
ATOM   651  C  CA  . SER A 1 101 ? 0.322   -0.990  -12.473 1.00 11.44 ? 1392 SER A CA  1 
ATOM   652  C  C   . SER A 1 101 ? 0.782   0.011   -13.554 1.00 11.18 ? 1392 SER A C   1 
ATOM   653  O  O   . SER A 1 101 ? 0.456   -0.161  -14.740 1.00 11.89 ? 1392 SER A O   1 
ATOM   654  C  CB  . SER A 1 101 ? -0.877  -0.500  -11.677 1.00 10.38 ? 1392 SER A CB  1 
ATOM   655  O  OG  . SER A 1 101 ? -1.974  -0.246  -12.545 1.00 12.23 ? 1392 SER A OG  1 
ATOM   656  N  N   . LYS A 1 102 ? 1.543   1.031   -13.169 1.00 11.78 ? 1393 LYS A N   1 
ATOM   657  C  CA  . LYS A 1 102 ? 2.113   2.016   -14.128 1.00 12.36 ? 1393 LYS A CA  1 
ATOM   658  C  C   . LYS A 1 102 ? 3.087   1.306   -15.090 1.00 11.84 ? 1393 LYS A C   1 
ATOM   659  O  O   . LYS A 1 102 ? 2.984   1.523   -16.337 1.00 11.63 ? 1393 LYS A O   1 
ATOM   660  C  CB  . LYS A 1 102 ? 2.801   3.138   -13.339 1.00 12.37 ? 1393 LYS A CB  1 
ATOM   661  C  CG  . LYS A 1 102 ? 3.032   4.449   -14.098 1.00 13.29 ? 1393 LYS A CG  1 
ATOM   662  C  CD  . LYS A 1 102 ? 3.383   5.629   -13.203 1.00 13.61 ? 1393 LYS A CD  1 
ATOM   663  C  CE  . LYS A 1 102 ? 3.560   6.929   -13.969 1.00 13.97 ? 1393 LYS A CE  1 
ATOM   664  N  NZ  . LYS A 1 102 ? 4.003   8.032   -13.083 1.00 15.40 ? 1393 LYS A NZ  1 
ATOM   665  N  N   . ALA A 1 103 ? 3.978   0.459   -14.572 1.00 12.57 ? 1394 ALA A N   1 
ATOM   666  C  CA  . ALA A 1 103 ? 4.969   -0.259  -15.408 1.00 13.35 ? 1394 ALA A CA  1 
ATOM   667  C  C   . ALA A 1 103 ? 4.251   -1.159  -16.418 1.00 13.16 ? 1394 ALA A C   1 
ATOM   668  O  O   . ALA A 1 103 ? 4.781   -1.391  -17.536 1.00 14.31 ? 1394 ALA A O   1 
ATOM   669  C  CB  . ALA A 1 103 ? 5.927   -1.062  -14.557 1.00 13.33 ? 1394 ALA A CB  1 
ATOM   670  N  N   . TYR A 1 104 ? 3.067   -1.676  -16.096 1.00 13.17 ? 1395 TYR A N   1 
ATOM   671  C  CA  . TYR A 1 104 ? 2.408   -2.672  -16.975 1.00 13.27 ? 1395 TYR A CA  1 
ATOM   672  C  C   . TYR A 1 104 ? 1.384   -2.040  -17.916 1.00 13.19 ? 1395 TYR A C   1 
ATOM   673  O  O   . TYR A 1 104 ? 1.149   -2.589  -18.994 1.00 11.56 ? 1395 TYR A O   1 
ATOM   674  C  CB  . TYR A 1 104 ? 1.731   -3.772  -16.167 1.00 13.26 ? 1395 TYR A CB  1 
ATOM   675  C  CG  . TYR A 1 104 ? 1.269   -4.898  -17.048 1.00 13.86 ? 1395 TYR A CG  1 
ATOM   676  C  CD1 . TYR A 1 104 ? 2.175   -5.735  -17.682 1.00 14.22 ? 1395 TYR A CD1 1 
ATOM   677  C  CD2 . TYR A 1 104 ? -0.079  -5.103  -17.264 1.00 14.75 ? 1395 TYR A CD2 1 
ATOM   678  C  CE1 . TYR A 1 104 ? 1.750   -6.753  -18.521 1.00 13.69 ? 1395 TYR A CE1 1 
ATOM   679  C  CE2 . TYR A 1 104 ? -0.523  -6.120  -18.092 1.00 14.35 ? 1395 TYR A CE2 1 
ATOM   680  C  CZ  . TYR A 1 104 ? 0.396   -6.957  -18.706 1.00 14.09 ? 1395 TYR A CZ  1 
ATOM   681  O  OH  . TYR A 1 104 ? -0.033  -7.950  -19.532 1.00 13.75 ? 1395 TYR A OH  1 
ATOM   682  N  N   . THR A 1 105 ? 0.748   -0.936  -17.556 1.00 14.08 ? 1396 THR A N   1 
ATOM   683  C  CA  . THR A 1 105 ? -0.357  -0.417  -18.389 1.00 14.20 ? 1396 THR A CA  1 
ATOM   684  C  C   . THR A 1 105 ? 0.175   -0.337  -19.819 1.00 16.14 ? 1396 THR A C   1 
ATOM   685  O  O   . THR A 1 105 ? 1.308   0.100   -20.041 1.00 16.41 ? 1396 THR A O   1 
ATOM   686  C  CB  . THR A 1 105 ? -0.962  0.858   -17.783 1.00 14.56 ? 1396 THR A CB  1 
ATOM   687  O  OG1 . THR A 1 105 ? -2.149  1.236   -18.490 1.00 13.31 ? 1396 THR A OG1 1 
ATOM   688  C  CG2 . THR A 1 105 ? -0.012  2.028   -17.746 1.00 14.83 ? 1396 THR A CG2 1 
ATOM   689  N  N   . PRO A 1 106 ? -0.577  -0.865  -20.817 1.00 15.45 ? 1397 PRO A N   1 
ATOM   690  C  CA  . PRO A 1 106 ? -0.218  -0.642  -22.217 1.00 15.04 ? 1397 PRO A CA  1 
ATOM   691  C  C   . PRO A 1 106 ? -0.537  0.806   -22.616 1.00 15.00 ? 1397 PRO A C   1 
ATOM   692  O  O   . PRO A 1 106 ? -0.153  1.231   -23.701 1.00 16.52 ? 1397 PRO A O   1 
ATOM   693  C  CB  . PRO A 1 106 ? -1.100  -1.648  -22.977 1.00 15.63 ? 1397 PRO A CB  1 
ATOM   694  C  CG  . PRO A 1 106 ? -2.281  -1.918  -22.078 1.00 15.92 ? 1397 PRO A CG  1 
ATOM   695  C  CD  . PRO A 1 106 ? -1.750  -1.748  -20.669 1.00 15.87 ? 1397 PRO A CD  1 
ATOM   696  N  N   . SER A 1 107 ? -1.304  1.505   -21.770 1.00 15.58 ? 1398 SER A N   1 
ATOM   697  C  CA  . SER A 1 107 ? -1.830  2.868   -22.032 1.00 15.82 ? 1398 SER A CA  1 
ATOM   698  C  C   . SER A 1 107 ? -2.090  3.589   -20.704 1.00 16.12 ? 1398 SER A C   1 
ATOM   699  O  O   . SER A 1 107 ? -2.580  2.935   -19.740 1.00 15.92 ? 1398 SER A O   1 
ATOM   700  C  CB  . SER A 1 107 ? -3.095  2.790   -22.847 1.00 17.07 ? 1398 SER A CB  1 
ATOM   701  O  OG  . SER A 1 107 ? -3.878  3.963   -22.689 1.00 17.50 ? 1398 SER A OG  1 
ATOM   702  N  N   . LYS A 1 108 ? -1.831  4.899   -20.664 1.00 16.94 ? 1399 LYS A N   1 
ATOM   703  C  CA  . LYS A 1 108 ? -2.143  5.768   -19.494 1.00 19.15 ? 1399 LYS A CA  1 
ATOM   704  C  C   . LYS A 1 108 ? -3.665  5.894   -19.327 1.00 18.45 ? 1399 LYS A C   1 
ATOM   705  O  O   . LYS A 1 108 ? -4.089  6.321   -18.229 1.00 17.67 ? 1399 LYS A O   1 
ATOM   706  C  CB  . LYS A 1 108 ? -1.501  7.154   -19.629 1.00 22.41 ? 1399 LYS A CB  1 
ATOM   707  C  CG  . LYS A 1 108 ? 0.020   7.194   -19.727 1.00 24.48 ? 1399 LYS A CG  1 
ATOM   708  C  CD  . LYS A 1 108 ? 0.763   6.281   -18.769 1.00 25.08 ? 1399 LYS A CD  1 
ATOM   709  C  CE  . LYS A 1 108 ? 2.218   6.674   -18.592 1.00 26.82 ? 1399 LYS A CE  1 
ATOM   710  N  NZ  . LYS A 1 108 ? 2.450   7.388   -17.314 1.00 27.30 ? 1399 LYS A NZ  1 
ATOM   711  N  N   . ARG A 1 109 ? -4.454  5.521   -20.346 1.00 18.61 ? 1400 ARG A N   1 
ATOM   712  C  CA  . ARG A 1 109 ? -5.942  5.602   -20.367 1.00 20.64 ? 1400 ARG A CA  1 
ATOM   713  C  C   . ARG A 1 109 ? -6.578  4.220   -20.154 1.00 18.89 ? 1400 ARG A C   1 
ATOM   714  O  O   . ARG A 1 109 ? -7.798  4.073   -20.424 1.00 18.68 ? 1400 ARG A O   1 
ATOM   715  C  CB  . ARG A 1 109 ? -6.423  6.193   -21.696 1.00 24.03 ? 1400 ARG A CB  1 
ATOM   716  C  CG  . ARG A 1 109 ? -5.697  7.469   -22.099 1.00 26.81 ? 1400 ARG A CG  1 
ATOM   717  C  CD  . ARG A 1 109 ? -6.582  8.422   -22.872 1.00 29.68 ? 1400 ARG A CD  1 
ATOM   718  N  NE  . ARG A 1 109 ? -7.418  7.709   -23.822 1.00 29.68 ? 1400 ARG A NE  1 
ATOM   719  C  CZ  . ARG A 1 109 ? -8.256  8.277   -24.675 1.00 32.24 ? 1400 ARG A CZ  1 
ATOM   720  N  NH1 . ARG A 1 109 ? -8.378  9.595   -24.733 1.00 32.69 ? 1400 ARG A NH1 1 
ATOM   721  N  NH2 . ARG A 1 109 ? -8.966  7.512   -25.481 1.00 33.96 ? 1400 ARG A NH2 1 
ATOM   722  N  N   . SER A 1 110 ? -5.818  3.229   -19.692 1.00 18.17 ? 1401 SER A N   1 
ATOM   723  C  CA  . SER A 1 110 ? -6.400  1.912   -19.348 1.00 17.74 ? 1401 SER A CA  1 
ATOM   724  C  C   . SER A 1 110 ? -7.312  2.080   -18.124 1.00 15.75 ? 1401 SER A C   1 
ATOM   725  O  O   . SER A 1 110 ? -7.037  2.912   -17.227 1.00 16.15 ? 1401 SER A O   1 
ATOM   726  C  CB  . SER A 1 110 ? -5.365  0.838   -19.156 1.00 18.45 ? 1401 SER A CB  1 
ATOM   727  O  OG  . SER A 1 110 ? -5.339  0.381   -17.810 1.00 20.41 ? 1401 SER A OG  1 
ATOM   728  N  N   . ARG A 1 111 ? -8.408  1.333   -18.120 1.00 14.10 ? 1402 ARG A N   1 
ATOM   729  C  CA  . ARG A 1 111 ? -9.342  1.198   -16.982 1.00 13.95 ? 1402 ARG A CA  1 
ATOM   730  C  C   . ARG A 1 111 ? -8.551  0.922   -15.699 1.00 13.32 ? 1402 ARG A C   1 
ATOM   731  O  O   . ARG A 1 111 ? -8.699  1.689   -14.737 1.00 12.74 ? 1402 ARG A O   1 
ATOM   732  C  CB  . ARG A 1 111 ? -10.310 0.057   -17.304 1.00 14.39 ? 1402 ARG A CB  1 
ATOM   733  C  CG  . ARG A 1 111 ? -11.162 -0.405  -16.133 1.00 14.73 ? 1402 ARG A CG  1 
ATOM   734  C  CD  . ARG A 1 111 ? -12.238 0.623   -15.843 1.00 15.26 ? 1402 ARG A CD  1 
ATOM   735  N  NE  . ARG A 1 111 ? -12.913 0.419   -14.563 1.00 16.41 ? 1402 ARG A NE  1 
ATOM   736  C  CZ  . ARG A 1 111 ? -14.124 -0.116  -14.394 1.00 16.78 ? 1402 ARG A CZ  1 
ATOM   737  N  NH1 . ARG A 1 111 ? -14.865 -0.465  -15.437 1.00 18.32 ? 1402 ARG A NH1 1 
ATOM   738  N  NH2 . ARG A 1 111 ? -14.628 -0.249  -13.175 1.00 18.20 ? 1402 ARG A NH2 1 
ATOM   739  N  N   . ILE A 1 112 ? -7.796  -0.174  -15.671 1.00 11.49 ? 1403 ILE A N   1 
ATOM   740  C  CA  . ILE A 1 112 ? -7.149  -0.684  -14.413 1.00 11.63 ? 1403 ILE A CA  1 
ATOM   741  C  C   . ILE A 1 112 ? -6.099  0.327   -13.927 1.00 11.50 ? 1403 ILE A C   1 
ATOM   742  O  O   . ILE A 1 112 ? -6.107  0.705   -12.743 1.00 10.90 ? 1403 ILE A O   1 
ATOM   743  C  CB  . ILE A 1 112 ? -6.573  -2.111  -14.602 1.00 12.01 ? 1403 ILE A CB  1 
ATOM   744  C  CG1 . ILE A 1 112 ? -7.684  -3.123  -14.887 1.00 12.37 ? 1403 ILE A CG1 1 
ATOM   745  C  CG2 . ILE A 1 112 ? -5.750  -2.543  -13.388 1.00 12.90 ? 1403 ILE A CG2 1 
ATOM   746  C  CD1 . ILE A 1 112 ? -7.201  -4.472  -15.384 1.00 12.86 ? 1403 ILE A CD1 1 
ATOM   747  N  N   . TYR A 1 113 ? -5.225  0.834   -14.790 1.00 11.07 ? 1404 TYR A N   1 
ATOM   748  C  CA  . TYR A 1 113 ? -4.325  1.908   -14.359 1.00 11.08 ? 1404 TYR A CA  1 
ATOM   749  C  C   . TYR A 1 113 ? -5.102  3.090   -13.801 1.00 11.61 ? 1404 TYR A C   1 
ATOM   750  O  O   . TYR A 1 113 ? -4.698  3.694   -12.820 1.00 11.63 ? 1404 TYR A O   1 
ATOM   751  C  CB  . TYR A 1 113 ? -3.446  2.324   -15.533 1.00 12.96 ? 1404 TYR A CB  1 
ATOM   752  C  CG  . TYR A 1 113 ? -2.544  3.515   -15.241 1.00 10.87 ? 1404 TYR A CG  1 
ATOM   753  C  CD1 . TYR A 1 113 ? -1.561  3.414   -14.261 1.00 13.12 ? 1404 TYR A CD1 1 
ATOM   754  C  CD2 . TYR A 1 113 ? -2.658  4.721   -15.935 1.00 12.65 ? 1404 TYR A CD2 1 
ATOM   755  C  CE1 . TYR A 1 113 ? -0.701  4.475   -13.993 1.00 13.38 ? 1404 TYR A CE1 1 
ATOM   756  C  CE2 . TYR A 1 113 ? -1.803  5.776   -15.668 1.00 14.07 ? 1404 TYR A CE2 1 
ATOM   757  C  CZ  . TYR A 1 113 ? -0.828  5.652   -14.707 1.00 13.96 ? 1404 TYR A CZ  1 
ATOM   758  O  OH  . TYR A 1 113 ? 0.016   6.707   -14.422 1.00 15.26 ? 1404 TYR A OH  1 
ATOM   759  N  N   A SER A 1 114 ? -6.224  3.447   -14.430 0.25 11.81 ? 1405 SER A N   1 
ATOM   760  N  N   B SER A 1 114 ? -6.218  3.454   -14.426 0.25 12.22 ? 1405 SER A N   1 
ATOM   761  C  CA  A SER A 1 114 ? -7.046  4.597   -13.968 0.25 12.65 ? 1405 SER A CA  1 
ATOM   762  C  CA  B SER A 1 114 ? -7.017  4.614   -13.955 0.25 13.30 ? 1405 SER A CA  1 
ATOM   763  C  C   A SER A 1 114 ? -7.551  4.328   -12.538 0.25 12.12 ? 1405 SER A C   1 
ATOM   764  C  C   B SER A 1 114 ? -7.557  4.333   -12.536 0.25 12.48 ? 1405 SER A C   1 
ATOM   765  O  O   A SER A 1 114 ? -7.614  5.257   -11.724 0.25 12.27 ? 1405 SER A O   1 
ATOM   766  O  O   B SER A 1 114 ? -7.634  5.259   -11.719 0.25 12.59 ? 1405 SER A O   1 
ATOM   767  C  CB  A SER A 1 114 ? -8.194  4.926   -14.905 0.25 13.55 ? 1405 SER A CB  1 
ATOM   768  C  CB  B SER A 1 114 ? -8.114  4.968   -14.923 0.25 14.82 ? 1405 SER A CB  1 
ATOM   769  O  OG  A SER A 1 114 ? -9.255  3.985   -14.830 0.25 14.33 ? 1405 SER A OG  1 
ATOM   770  O  OG  B SER A 1 114 ? -7.552  5.436   -16.149 0.25 16.89 ? 1405 SER A OG  1 
ATOM   771  N  N   . MET A 1 115 ? -7.937  3.090   -12.241 1.00 11.32 ? 1406 MET A N   1 
ATOM   772  C  CA  . MET A 1 115 ? -8.402  2.680   -10.897 1.00 11.44 ? 1406 MET A CA  1 
ATOM   773  C  C   . MET A 1 115 ? -7.214  2.819   -9.936  1.00 10.40 ? 1406 MET A C   1 
ATOM   774  O  O   . MET A 1 115 ? -7.414  3.315   -8.792  1.00 10.84 ? 1406 MET A O   1 
ATOM   775  C  CB  . MET A 1 115 ? -8.886  1.239   -10.934 1.00 10.82 ? 1406 MET A CB  1 
ATOM   776  C  CG  . MET A 1 115 ? -10.169 1.043   -11.708 1.00 12.62 ? 1406 MET A CG  1 
ATOM   777  S  SD  . MET A 1 115 ? -10.605 -0.615  -12.174 1.00 14.35 ? 1406 MET A SD  1 
ATOM   778  C  CE  . MET A 1 115 ? -11.322 -1.110  -10.661 1.00 14.50 ? 1406 MET A CE  1 
ATOM   779  N  N   . SER A 1 116 ? -6.015  2.435   -10.371 1.00 10.56 ? 1407 SER A N   1 
ATOM   780  C  CA  . SER A 1 116 ? -4.820  2.538   -9.506  1.00 10.35 ? 1407 SER A CA  1 
ATOM   781  C  C   . SER A 1 116 ? -4.572  3.986   -9.114  1.00 9.56  ? 1407 SER A C   1 
ATOM   782  O  O   . SER A 1 116 ? -4.147  4.248   -7.983  1.00 10.96 ? 1407 SER A O   1 
ATOM   783  C  CB  . SER A 1 116 ? -3.568  1.933   -10.165 1.00 11.54 ? 1407 SER A CB  1 
ATOM   784  O  OG  . SER A 1 116 ? -2.887  2.811   -11.026 1.00 11.70 ? 1407 SER A OG  1 
ATOM   785  N  N   . LEU A 1 117 ? -4.781  4.936   -10.008 1.00 10.24 ? 1408 LEU A N   1 
ATOM   786  C  CA  . LEU A 1 117 ? -4.467  6.335   -9.696  1.00 11.20 ? 1408 LEU A CA  1 
ATOM   787  C  C   . LEU A 1 117 ? -5.427  6.879   -8.632  1.00 10.21 ? 1408 LEU A C   1 
ATOM   788  O  O   . LEU A 1 117 ? -4.999  7.648   -7.740  1.00 11.03 ? 1408 LEU A O   1 
ATOM   789  C  CB  . LEU A 1 117 ? -4.461  7.204   -10.946 1.00 12.19 ? 1408 LEU A CB  1 
ATOM   790  C  CG  . LEU A 1 117 ? -3.365  6.942   -11.983 1.00 13.91 ? 1408 LEU A CG  1 
ATOM   791  C  CD1 . LEU A 1 117 ? -3.556  7.913   -13.154 1.00 16.51 ? 1408 LEU A CD1 1 
ATOM   792  C  CD2 . LEU A 1 117 ? -1.968  7.063   -11.390 1.00 15.86 ? 1408 LEU A CD2 1 
ATOM   793  N  N   . ARG A 1 118 ? -6.723  6.544   -8.752  1.00 10.31 ? 1409 ARG A N   1 
ATOM   794  C  CA  . ARG A 1 118 ? -7.683  6.983   -7.713  1.00 10.31 ? 1409 ARG A CA  1 
ATOM   795  C  C   . ARG A 1 118 ? -7.332  6.329   -6.381  1.00 10.27 ? 1409 ARG A C   1 
ATOM   796  O  O   . ARG A 1 118 ? -7.358  6.991   -5.321  1.00 10.89 ? 1409 ARG A O   1 
ATOM   797  C  CB  . ARG A 1 118 ? -9.122  6.674   -8.128  1.00 10.33 ? 1409 ARG A CB  1 
ATOM   798  C  CG  . ARG A 1 118 ? -9.657  7.509   -9.304  1.00 11.57 ? 1409 ARG A CG  1 
ATOM   799  C  CD  . ARG A 1 118 ? -11.155 7.302   -9.491  1.00 12.11 ? 1409 ARG A CD  1 
ATOM   800  N  NE  . ARG A 1 118 ? -11.505 5.964   -9.861  1.00 12.29 ? 1409 ARG A NE  1 
ATOM   801  C  CZ  . ARG A 1 118 ? -11.677 5.510   -11.088 1.00 14.28 ? 1409 ARG A CZ  1 
ATOM   802  N  NH1 . ARG A 1 118 ? -11.594 6.314   -12.110 1.00 16.28 ? 1409 ARG A NH1 1 
ATOM   803  N  NH2 . ARG A 1 118 ? -11.972 4.231   -11.268 1.00 15.86 ? 1409 ARG A NH2 1 
ATOM   804  N  N   . LEU A 1 119 ? -7.043  5.036   -6.398  1.00 10.07 ? 1410 LEU A N   1 
ATOM   805  C  CA  . LEU A 1 119 ? -6.757  4.340   -5.146  1.00 10.71 ? 1410 LEU A CA  1 
ATOM   806  C  C   . LEU A 1 119 ? -5.476  4.848   -4.492  1.00 9.49  ? 1410 LEU A C   1 
ATOM   807  O  O   . LEU A 1 119 ? -5.444  5.016   -3.252  1.00 10.42 ? 1410 LEU A O   1 
ATOM   808  C  CB  . LEU A 1 119 ? -6.718  2.844   -5.407  1.00 11.00 ? 1410 LEU A CB  1 
ATOM   809  C  CG  . LEU A 1 119 ? -6.806  1.967   -4.146  1.00 12.35 ? 1410 LEU A CG  1 
ATOM   810  C  CD1 . LEU A 1 119 ? -8.196  2.079   -3.496  1.00 13.65 ? 1410 LEU A CD1 1 
ATOM   811  C  CD2 . LEU A 1 119 ? -6.538  0.539   -4.524  1.00 12.41 ? 1410 LEU A CD2 1 
ATOM   812  N  N   . SER A 1 120 ? -4.478  5.196   -5.285  1.00 9.69  ? 1411 SER A N   1 
ATOM   813  C  CA  . SER A 1 120 ? -3.217  5.778   -4.786  1.00 9.89  ? 1411 SER A CA  1 
ATOM   814  C  C   . SER A 1 120 ? -3.513  7.114   -4.114  1.00 10.31 ? 1411 SER A C   1 
ATOM   815  O  O   . SER A 1 120 ? -2.946  7.409   -3.042  1.00 10.27 ? 1411 SER A O   1 
ATOM   816  C  CB  . SER A 1 120 ? -2.252  5.938   -5.946  1.00 10.13 ? 1411 SER A CB  1 
ATOM   817  O  OG  . SER A 1 120 ? -1.066  6.624   -5.521  1.00 12.07 ? 1411 SER A OG  1 
ATOM   818  N  N   . ALA A 1 121 ? -4.309  7.988   -4.728  1.00 9.55  ? 1412 ALA A N   1 
ATOM   819  C  CA  . ALA A 1 121 ? -4.653  9.287   -4.120  1.00 10.34 ? 1412 ALA A CA  1 
ATOM   820  C  C   . ALA A 1 121 ? -5.304  9.086   -2.766  1.00 9.61  ? 1412 ALA A C   1 
ATOM   821  O  O   . ALA A 1 121 ? -4.993  9.771   -1.797  1.00 10.68 ? 1412 ALA A O   1 
ATOM   822  C  CB  . ALA A 1 121 ? -5.518  10.117  -5.040  1.00 10.72 ? 1412 ALA A CB  1 
ATOM   823  N  N   . PHE A 1 122 ? -6.241  8.140   -2.699  1.00 9.80  ? 1413 PHE A N   1 
ATOM   824  C  CA  . PHE A 1 122 ? -6.939  7.823   -1.425  1.00 9.70  ? 1413 PHE A CA  1 
ATOM   825  C  C   . PHE A 1 122 ? -5.918  7.352   -0.378  1.00 10.36 ? 1413 PHE A C   1 
ATOM   826  O  O   . PHE A 1 122 ? -5.915  7.783   0.795   1.00 10.78 ? 1413 PHE A O   1 
ATOM   827  C  CB  . PHE A 1 122 ? -8.049  6.803   -1.671  1.00 10.96 ? 1413 PHE A CB  1 
ATOM   828  C  CG  . PHE A 1 122 ? -8.730  6.361   -0.429  1.00 11.47 ? 1413 PHE A CG  1 
ATOM   829  C  CD1 . PHE A 1 122 ? -9.750  7.122   0.140   1.00 13.35 ? 1413 PHE A CD1 1 
ATOM   830  C  CD2 . PHE A 1 122 ? -8.387  5.154   0.173   1.00 12.86 ? 1413 PHE A CD2 1 
ATOM   831  C  CE1 . PHE A 1 122 ? -10.378 6.699   1.316   1.00 15.69 ? 1413 PHE A CE1 1 
ATOM   832  C  CE2 . PHE A 1 122 ? -9.076  4.720   1.308   1.00 14.07 ? 1413 PHE A CE2 1 
ATOM   833  C  CZ  . PHE A 1 122 ? -10.086 5.477   1.861   1.00 15.71 ? 1413 PHE A CZ  1 
ATOM   834  N  N   . PHE A 1 123 ? -5.064  6.373   -0.764  1.00 10.14 ? 1414 PHE A N   1 
ATOM   835  C  CA  . PHE A 1 123 ? -4.033  5.839   0.150   1.00 9.74  ? 1414 PHE A CA  1 
ATOM   836  C  C   . PHE A 1 123 ? -3.136  6.941   0.690   1.00 9.98  ? 1414 PHE A C   1 
ATOM   837  O  O   . PHE A 1 123 ? -2.893  7.039   1.901   1.00 10.57 ? 1414 PHE A O   1 
ATOM   838  C  CB  . PHE A 1 123 ? -3.208  4.750   -0.551  1.00 9.65  ? 1414 PHE A CB  1 
ATOM   839  C  CG  . PHE A 1 123 ? -2.061  4.227   0.294   1.00 10.26 ? 1414 PHE A CG  1 
ATOM   840  C  CD1 . PHE A 1 123 ? -2.298  3.405   1.366   1.00 10.85 ? 1414 PHE A CD1 1 
ATOM   841  C  CD2 . PHE A 1 123 ? -0.754  4.641   0.052   1.00 11.40 ? 1414 PHE A CD2 1 
ATOM   842  C  CE1 . PHE A 1 123 ? -1.221  3.005   2.174   1.00 11.26 ? 1414 PHE A CE1 1 
ATOM   843  C  CE2 . PHE A 1 123 ? 0.298   4.214   0.856   1.00 11.64 ? 1414 PHE A CE2 1 
ATOM   844  C  CZ  . PHE A 1 123 ? 0.030   3.410   1.897   1.00 11.85 ? 1414 PHE A CZ  1 
ATOM   845  N  N   . GLU A 1 124 ? -2.626  7.757   -0.199  1.00 9.56  ? 1415 GLU A N   1 
ATOM   846  C  CA  . GLU A 1 124 ? -1.670  8.803   0.191   1.00 10.55 ? 1415 GLU A CA  1 
ATOM   847  C  C   . GLU A 1 124 ? -2.324  9.819   1.132   1.00 11.09 ? 1415 GLU A C   1 
ATOM   848  O  O   . GLU A 1 124 ? -1.699  10.290  2.093   1.00 12.16 ? 1415 GLU A O   1 
ATOM   849  C  CB  . GLU A 1 124 ? -1.063  9.511   -1.024  1.00 11.87 ? 1415 GLU A CB  1 
ATOM   850  C  CG  . GLU A 1 124 ? -0.125  8.619   -1.856  1.00 13.18 ? 1415 GLU A CG  1 
ATOM   851  C  CD  . GLU A 1 124 ? 1.140   8.119   -1.172  1.00 13.99 ? 1415 GLU A CD  1 
ATOM   852  O  OE1 . GLU A 1 124 ? 1.617   8.825   -0.237  1.00 16.09 ? 1415 GLU A OE1 1 
ATOM   853  O  OE2 . GLU A 1 124 ? 1.613   7.052   -1.503  1.00 13.85 ? 1415 GLU A OE2 1 
ATOM   854  N  N   . GLU A 1 125 ? -3.598  10.155  0.877   1.00 10.72 ? 1416 GLU A N   1 
ATOM   855  C  CA  . GLU A 1 125 ? -4.336  11.107  1.737   1.00 11.73 ? 1416 GLU A CA  1 
ATOM   856  C  C   . GLU A 1 125 ? -4.410  10.574  3.158   1.00 11.87 ? 1416 GLU A C   1 
ATOM   857  O  O   . GLU A 1 125 ? -4.296  11.376  4.126   1.00 13.49 ? 1416 GLU A O   1 
ATOM   858  C  CB  . GLU A 1 125 ? -5.733  11.228  1.129   1.00 11.38 ? 1416 GLU A CB  1 
ATOM   859  C  CG  . GLU A 1 125 ? -6.714  12.080  1.927   1.00 12.92 ? 1416 GLU A CG  1 
ATOM   860  C  CD  . GLU A 1 125 ? -8.030  12.165  1.150   1.00 13.39 ? 1416 GLU A CD  1 
ATOM   861  O  OE1 . GLU A 1 125 ? -8.015  12.839  0.031   1.00 14.42 ? 1416 GLU A OE1 1 
ATOM   862  O  OE2 . GLU A 1 125 ? -9.021  11.537  1.526   1.00 15.91 ? 1416 GLU A OE2 1 
ATOM   863  N  N   . HIS A 1 126 ? -4.566  9.283   3.322   1.00 11.06 ? 1417 HIS A N   1 
ATOM   864  C  CA  . HIS A 1 126 ? -4.797  8.650   4.641   1.00 13.35 ? 1417 HIS A CA  1 
ATOM   865  C  C   . HIS A 1 126 ? -3.483  8.220   5.319   1.00 12.45 ? 1417 HIS A C   1 
ATOM   866  O  O   . HIS A 1 126 ? -3.389  8.260   6.553   1.00 14.87 ? 1417 HIS A O   1 
ATOM   867  C  CB  . HIS A 1 126 ? -5.774  7.483   4.499   1.00 13.75 ? 1417 HIS A CB  1 
ATOM   868  C  CG  . HIS A 1 126 ? -7.193  7.895   4.336   1.00 16.81 ? 1417 HIS A CG  1 
ATOM   869  N  ND1 . HIS A 1 126 ? -7.727  8.434   3.202   1.00 17.72 ? 1417 HIS A ND1 1 
ATOM   870  C  CD2 . HIS A 1 126 ? -8.192  7.738   5.217   1.00 21.49 ? 1417 HIS A CD2 1 
ATOM   871  C  CE1 . HIS A 1 126 ? -8.979  8.807   3.493   1.00 19.17 ? 1417 HIS A CE1 1 
ATOM   872  N  NE2 . HIS A 1 126 ? -9.314  8.259   4.626   1.00 25.69 ? 1417 HIS A NE2 1 
ATOM   873  N  N   . ILE A 1 127 ? -2.460  7.803   4.574   1.00 11.69 ? 1418 ILE A N   1 
ATOM   874  C  CA  . ILE A 1 127 ? -1.212  7.319   5.210   1.00 11.31 ? 1418 ILE A CA  1 
ATOM   875  C  C   . ILE A 1 127 ? -0.360  8.471   5.768   1.00 10.83 ? 1418 ILE A C   1 
ATOM   876  O  O   . ILE A 1 127 ? 0.473   8.252   6.656   1.00 10.88 ? 1418 ILE A O   1 
ATOM   877  C  CB  . ILE A 1 127 ? -0.397  6.449   4.226   1.00 11.73 ? 1418 ILE A CB  1 
ATOM   878  C  CG1 . ILE A 1 127 ? 0.577   5.485   4.918   1.00 11.96 ? 1418 ILE A CG1 1 
ATOM   879  C  CG2 . ILE A 1 127 ? 0.377   7.281   3.237   1.00 11.66 ? 1418 ILE A CG2 1 
ATOM   880  C  CD1 . ILE A 1 127 ? -0.063  4.425   5.755   1.00 13.78 ? 1418 ILE A CD1 1 
ATOM   881  N  N   A SER A 1 128 ? -0.506  9.706   5.273   0.25 10.81 ? 1419 SER A N   1 
ATOM   882  N  N   B SER A 1 128 ? -0.575  9.690   5.272   0.24 11.10 ? 1419 SER A N   1 
ATOM   883  C  CA  A SER A 1 128 ? 0.396   10.817  5.700   0.25 11.15 ? 1419 SER A CA  1 
ATOM   884  C  CA  B SER A 1 128 ? 0.226   10.879  5.666   0.24 11.80 ? 1419 SER A CA  1 
ATOM   885  C  C   A SER A 1 128 ? 0.351   11.016  7.236   0.25 11.05 ? 1419 SER A C   1 
ATOM   886  C  C   B SER A 1 128 ? 0.323   11.005  7.196   0.24 11.59 ? 1419 SER A C   1 
ATOM   887  O  O   A SER A 1 128 ? 1.430   11.165  7.844   0.25 10.91 ? 1419 SER A O   1 
ATOM   888  O  O   B SER A 1 128 ? 1.449   11.113  7.726   0.24 12.02 ? 1419 SER A O   1 
ATOM   889  C  CB  A SER A 1 128 ? 0.102   12.087  4.944   0.25 11.78 ? 1419 SER A CB  1 
ATOM   890  C  CB  B SER A 1 128 ? -0.351  12.126  5.057   0.24 12.88 ? 1419 SER A CB  1 
ATOM   891  O  OG  A SER A 1 128 ? -1.270  12.395  5.076   0.25 14.10 ? 1419 SER A OG  1 
ATOM   892  O  OG  B SER A 1 128 ? 0.417   13.244  5.450   0.24 16.11 ? 1419 SER A OG  1 
ATOM   893  N  N   . SER A 1 129 ? -0.814  10.985  7.878   1.00 11.22 ? 1420 SER A N   1 
ATOM   894  C  CA  . SER A 1 129 ? -0.874  11.200  9.339   1.00 12.45 ? 1420 SER A CA  1 
ATOM   895  C  C   . SER A 1 129 ? -0.296  9.980   10.066  1.00 11.32 ? 1420 SER A C   1 
ATOM   896  O  O   . SER A 1 129 ? 0.275   10.158  11.142  1.00 11.75 ? 1420 SER A O   1 
ATOM   897  C  CB  . SER A 1 129 ? -2.270  11.502  9.813   1.00 13.85 ? 1420 SER A CB  1 
ATOM   898  O  OG  . SER A 1 129 ? -3.154  10.451  9.583   1.00 20.57 ? 1420 SER A OG  1 
ATOM   899  N  N   . VAL A 1 130 ? -0.493  8.783   9.529   1.00 10.51 ? 1421 VAL A N   1 
ATOM   900  C  CA  . VAL A 1 130 ? 0.072   7.562   10.140  1.00 10.38 ? 1421 VAL A CA  1 
ATOM   901  C  C   . VAL A 1 130 ? 1.581   7.682   10.187  1.00 10.65 ? 1421 VAL A C   1 
ATOM   902  O  O   . VAL A 1 130 ? 2.221   7.422   11.252  1.00 10.96 ? 1421 VAL A O   1 
ATOM   903  C  CB  . VAL A 1 130 ? -0.352  6.316   9.385   1.00 9.98  ? 1421 VAL A CB  1 
ATOM   904  C  CG1 . VAL A 1 130 ? 0.272   5.064   9.980   1.00 10.56 ? 1421 VAL A CG1 1 
ATOM   905  C  CG2 . VAL A 1 130 ? -1.857  6.198   9.345   1.00 11.68 ? 1421 VAL A CG2 1 
ATOM   906  N  N   . LEU A 1 131 ? 2.202   8.089   9.083   1.00 10.77 ? 1422 LEU A N   1 
ATOM   907  C  CA  . LEU A 1 131 ? 3.665   8.245   9.029   1.00 10.84 ? 1422 LEU A CA  1 
ATOM   908  C  C   . LEU A 1 131 ? 4.113   9.353   9.952   1.00 10.00 ? 1422 LEU A C   1 
ATOM   909  O  O   . LEU A 1 131 ? 5.115   9.179   10.691  1.00 10.80 ? 1422 LEU A O   1 
ATOM   910  C  CB  . LEU A 1 131 ? 4.122   8.539   7.593   1.00 11.11 ? 1422 LEU A CB  1 
ATOM   911  C  CG  . LEU A 1 131 ? 3.942   7.417   6.587   1.00 12.50 ? 1422 LEU A CG  1 
ATOM   912  C  CD1 . LEU A 1 131 ? 4.118   7.912   5.162   1.00 13.45 ? 1422 LEU A CD1 1 
ATOM   913  C  CD2 . LEU A 1 131 ? 4.833   6.227   6.873   1.00 14.01 ? 1422 LEU A CD2 1 
ATOM   914  N  N   A SER A 1 132 ? 3.485   10.522  9.895   0.25 9.97  ? 1423 SER A N   1 
ATOM   915  N  N   B SER A 1 132 ? 3.450   10.498  9.889   0.24 11.83 ? 1423 SER A N   1 
ATOM   916  C  CA  A SER A 1 132 ? 3.900   11.667  10.745  0.25 9.81  ? 1423 SER A CA  1 
ATOM   917  C  CA  B SER A 1 132 ? 3.822   11.678  10.700  0.24 12.82 ? 1423 SER A CA  1 
ATOM   918  C  C   A SER A 1 132 ? 3.814   11.293  12.223  0.25 10.70 ? 1423 SER A C   1 
ATOM   919  C  C   B SER A 1 132 ? 3.782   11.325  12.192  0.24 12.46 ? 1423 SER A C   1 
ATOM   920  O  O   A SER A 1 132 ? 4.745   11.639  12.998  0.25 10.75 ? 1423 SER A O   1 
ATOM   921  O  O   B SER A 1 132 ? 4.743   11.665  12.926  0.24 12.83 ? 1423 SER A O   1 
ATOM   922  C  CB  A SER A 1 132 ? 3.076   12.902  10.501  0.25 9.92  ? 1423 SER A CB  1 
ATOM   923  C  CB  B SER A 1 132 ? 2.927   12.835  10.377  0.24 15.15 ? 1423 SER A CB  1 
ATOM   924  O  OG  A SER A 1 132 ? 3.222   13.375  9.182   0.25 9.42  ? 1423 SER A OG  1 
ATOM   925  O  OG  B SER A 1 132 ? 3.547   14.034  10.780  0.24 20.26 ? 1423 SER A OG  1 
ATOM   926  N  N   . ASP A 1 133 ? 2.718   10.660  12.636  1.00 11.53 ? 1424 ASP A N   1 
ATOM   927  C  CA  . ASP A 1 133 ? 2.555   10.315  14.063  1.00 12.21 ? 1424 ASP A CA  1 
ATOM   928  C  C   . ASP A 1 133 ? 3.590   9.304   14.505  1.00 11.74 ? 1424 ASP A C   1 
ATOM   929  O  O   . ASP A 1 133 ? 4.188   9.440   15.599  1.00 12.01 ? 1424 ASP A O   1 
ATOM   930  C  CB  . ASP A 1 133 ? 1.164   9.774   14.382  1.00 13.47 ? 1424 ASP A CB  1 
ATOM   931  C  CG  . ASP A 1 133 ? 0.020   10.754  14.345  1.00 17.07 ? 1424 ASP A CG  1 
ATOM   932  O  OD1 . ASP A 1 133 ? 0.211   11.944  14.091  1.00 17.82 ? 1424 ASP A OD1 1 
ATOM   933  O  OD2 . ASP A 1 133 ? -1.120  10.272  14.639  1.00 21.70 ? 1424 ASP A OD2 1 
ATOM   934  N  N   . TYR A 1 134 ? 3.896   8.306   13.676  1.00 10.45 ? 1425 TYR A N   1 
ATOM   935  C  CA  . TYR A 1 134 ? 4.909   7.305   14.014  1.00 10.51 ? 1425 TYR A CA  1 
ATOM   936  C  C   . TYR A 1 134 ? 6.241   7.990   14.190  1.00 10.76 ? 1425 TYR A C   1 
ATOM   937  O  O   . TYR A 1 134 ? 7.009   7.774   15.149  1.00 10.97 ? 1425 TYR A O   1 
ATOM   938  C  CB  . TYR A 1 134 ? 4.972   6.193   12.968  1.00 10.62 ? 1425 TYR A CB  1 
ATOM   939  C  CG  . TYR A 1 134 ? 6.078   5.217   13.203  1.00 10.86 ? 1425 TYR A CG  1 
ATOM   940  C  CD1 . TYR A 1 134 ? 5.964   4.239   14.170  1.00 12.10 ? 1425 TYR A CD1 1 
ATOM   941  C  CD2 . TYR A 1 134 ? 7.259   5.324   12.512  1.00 12.34 ? 1425 TYR A CD2 1 
ATOM   942  C  CE1 . TYR A 1 134 ? 6.991   3.349   14.421  1.00 13.85 ? 1425 TYR A CE1 1 
ATOM   943  C  CE2 . TYR A 1 134 ? 8.271   4.417   12.710  1.00 13.16 ? 1425 TYR A CE2 1 
ATOM   944  C  CZ  . TYR A 1 134 ? 8.131   3.446   13.656  1.00 13.48 ? 1425 TYR A CZ  1 
ATOM   945  O  OH  . TYR A 1 134 ? 9.161   2.522   13.868  1.00 17.47 ? 1425 TYR A OH  1 
ATOM   946  N  N   . LYS A 1 135 ? 6.614   8.839   13.221  1.00 10.85 ? 1426 LYS A N   1 
ATOM   947  C  CA  . LYS A 1 135 ? 7.962   9.435   13.263  1.00 10.63 ? 1426 LYS A CA  1 
ATOM   948  C  C   . LYS A 1 135 ? 8.098   10.367  14.469  1.00 10.36 ? 1426 LYS A C   1 
ATOM   949  O  O   . LYS A 1 135 ? 9.151   10.444  15.103  1.00 10.41 ? 1426 LYS A O   1 
ATOM   950  C  CB  . LYS A 1 135 ? 8.323   10.151  11.953  1.00 12.20 ? 1426 LYS A CB  1 
ATOM   951  C  CG  . LYS A 1 135 ? 8.446   9.160   10.787  1.00 13.05 ? 1426 LYS A CG  1 
ATOM   952  C  CD  . LYS A 1 135 ? 8.676   9.852   9.440   1.00 14.16 ? 1426 LYS A CD  1 
ATOM   953  C  CE  . LYS A 1 135 ? 8.891   8.882   8.279   1.00 17.10 ? 1426 LYS A CE  1 
ATOM   954  N  NZ  . LYS A 1 135 ? 9.594   9.491   7.120   1.00 21.09 ? 1426 LYS A NZ  1 
ATOM   955  N  N   A SER A 1 136 ? 7.035   11.098  14.759  0.25 10.16 ? 1427 SER A N   1 
ATOM   956  N  N   B SER A 1 136 ? 7.036   11.090  14.786  0.24 10.82 ? 1427 SER A N   1 
ATOM   957  C  CA  A SER A 1 136 ? 6.962   11.971  15.957  0.25 10.74 ? 1427 SER A CA  1 
ATOM   958  C  CA  B SER A 1 136 ? 7.035   11.992  15.965  0.24 11.75 ? 1427 SER A CA  1 
ATOM   959  C  C   A SER A 1 136 ? 7.171   11.130  17.231  0.25 10.93 ? 1427 SER A C   1 
ATOM   960  C  C   B SER A 1 136 ? 7.142   11.151  17.256  0.24 11.56 ? 1427 SER A C   1 
ATOM   961  O  O   A SER A 1 136 ? 7.945   11.523  18.130  0.25 10.27 ? 1427 SER A O   1 
ATOM   962  O  O   B SER A 1 136 ? 7.887   11.540  18.177  0.24 10.82 ? 1427 SER A O   1 
ATOM   963  C  CB  A SER A 1 136 ? 5.652   12.667  15.986  0.25 10.65 ? 1427 SER A CB  1 
ATOM   964  C  CB  B SER A 1 136 ? 5.840   12.906  15.927  0.24 12.53 ? 1427 SER A CB  1 
ATOM   965  O  OG  A SER A 1 136 ? 5.433   13.220  17.264  0.25 11.44 ? 1427 SER A OG  1 
ATOM   966  O  OG  B SER A 1 136 ? 4.743   12.383  16.645  0.24 14.73 ? 1427 SER A OG  1 
ATOM   967  N  N   . ALA A 1 137 ? 6.498   9.974   17.322  1.00 11.47 ? 1428 ALA A N   1 
ATOM   968  C  CA  . ALA A 1 137 ? 6.583   9.073   18.501  1.00 11.57 ? 1428 ALA A CA  1 
ATOM   969  C  C   . ALA A 1 137 ? 7.986   8.582   18.647  1.00 12.16 ? 1428 ALA A C   1 
ATOM   970  O  O   . ALA A 1 137 ? 8.533   8.510   19.789  1.00 13.87 ? 1428 ALA A O   1 
ATOM   971  C  CB  . ALA A 1 137 ? 5.615   7.901   18.365  1.00 12.70 ? 1428 ALA A CB  1 
ATOM   972  N  N   . LEU A 1 138 ? 8.692   8.217   17.603  1.00 12.14 ? 1429 LEU A N   1 
ATOM   973  C  CA  . LEU A 1 138 ? 10.067  7.747   17.713  1.00 14.24 ? 1429 LEU A CA  1 
ATOM   974  C  C   . LEU A 1 138 ? 10.946  8.883   18.166  1.00 12.18 ? 1429 LEU A C   1 
ATOM   975  O  O   . LEU A 1 138 ? 11.850  8.670   18.995  1.00 13.20 ? 1429 LEU A O   1 
ATOM   976  C  CB  . LEU A 1 138 ? 10.571  7.177   16.392  1.00 18.38 ? 1429 LEU A CB  1 
ATOM   977  C  CG  . LEU A 1 138 ? 11.124  5.765   16.406  1.00 26.09 ? 1429 LEU A CG  1 
ATOM   978  C  CD1 . LEU A 1 138 ? 10.356  4.768   17.269  1.00 25.77 ? 1429 LEU A CD1 1 
ATOM   979  C  CD2 . LEU A 1 138 ? 11.227  5.290   14.975  1.00 23.80 ? 1429 LEU A CD2 1 
ATOM   980  N  N   . ARG A 1 139 ? 10.707  10.094  17.639  1.00 10.81 ? 1430 ARG A N   1 
ATOM   981  C  CA  . ARG A 1 139 ? 11.556  11.211  18.079  1.00 11.24 ? 1430 ARG A CA  1 
ATOM   982  C  C   . ARG A 1 139 ? 11.320  11.446  19.581  1.00 9.71  ? 1430 ARG A C   1 
ATOM   983  O  O   . ARG A 1 139 ? 12.316  11.712  20.302  1.00 12.02 ? 1430 ARG A O   1 
ATOM   984  C  CB  . ARG A 1 139 ? 11.302  12.493  17.301  1.00 11.00 ? 1430 ARG A CB  1 
ATOM   985  C  CG  . ARG A 1 139 ? 11.758  12.455  15.846  1.00 11.37 ? 1430 ARG A CG  1 
ATOM   986  C  CD  . ARG A 1 139 ? 11.606  13.800  15.140  1.00 11.69 ? 1430 ARG A CD  1 
ATOM   987  N  NE  . ARG A 1 139 ? 10.260  14.264  14.954  1.00 12.07 ? 1430 ARG A NE  1 
ATOM   988  C  CZ  . ARG A 1 139 ? 9.469   14.085  13.884  1.00 11.43 ? 1430 ARG A CZ  1 
ATOM   989  N  NH1 . ARG A 1 139 ? 9.872   13.289  12.895  1.00 12.69 ? 1430 ARG A NH1 1 
ATOM   990  N  NH2 . ARG A 1 139 ? 8.312   14.691  13.828  1.00 12.18 ? 1430 ARG A NH2 1 
ATOM   991  N  N   . PHE A 1 140 ? 10.074  11.396  20.054  1.00 9.39  ? 1431 PHE A N   1 
ATOM   992  C  CA  . PHE A 1 140 ? 9.803   11.613  21.487  1.00 11.00 ? 1431 PHE A CA  1 
ATOM   993  C  C   . PHE A 1 140 ? 10.490  10.543  22.349  1.00 10.75 ? 1431 PHE A C   1 
ATOM   994  O  O   . PHE A 1 140 ? 11.076  10.829  23.381  1.00 11.96 ? 1431 PHE A O   1 
ATOM   995  C  CB  . PHE A 1 140 ? 8.308   11.652  21.737  1.00 10.75 ? 1431 PHE A CB  1 
ATOM   996  C  CG  . PHE A 1 140 ? 7.938   12.041  23.143  1.00 12.18 ? 1431 PHE A CG  1 
ATOM   997  C  CD1 . PHE A 1 140 ? 7.944   13.385  23.526  1.00 13.95 ? 1431 PHE A CD1 1 
ATOM   998  C  CD2 . PHE A 1 140 ? 7.634   11.098  24.093  1.00 13.81 ? 1431 PHE A CD2 1 
ATOM   999  C  CE1 . PHE A 1 140 ? 7.610   13.745  24.830  1.00 15.51 ? 1431 PHE A CE1 1 
ATOM   1000 C  CE2 . PHE A 1 140 ? 7.307   11.473  25.395  1.00 16.47 ? 1431 PHE A CE2 1 
ATOM   1001 C  CZ  . PHE A 1 140 ? 7.274   12.794  25.741  1.00 16.12 ? 1431 PHE A CZ  1 
ATOM   1002 N  N   . HIS A 1 141 ? 10.506  9.308   21.846  1.00 12.31 ? 1432 HIS A N   1 
ATOM   1003 C  CA  . HIS A 1 141 ? 11.197  8.199   22.561  1.00 13.44 ? 1432 HIS A CA  1 
ATOM   1004 C  C   . HIS A 1 141 ? 12.685  8.506   22.760  1.00 17.53 ? 1432 HIS A C   1 
ATOM   1005 O  O   . HIS A 1 141 ? 13.268  8.131   23.829  1.00 17.80 ? 1432 HIS A O   1 
ATOM   1006 C  CB  . HIS A 1 141 ? 11.036  6.889   21.818  1.00 14.31 ? 1432 HIS A CB  1 
ATOM   1007 C  CG  . HIS A 1 141 ? 11.411  5.692   22.637  1.00 14.08 ? 1432 HIS A CG  1 
ATOM   1008 N  ND1 . HIS A 1 141 ? 10.639  5.259   23.710  1.00 13.79 ? 1432 HIS A ND1 1 
ATOM   1009 C  CD2 . HIS A 1 141 ? 12.496  4.899   22.525  1.00 15.42 ? 1432 HIS A CD2 1 
ATOM   1010 C  CE1 . HIS A 1 141 ? 11.225  4.178   24.208  1.00 13.90 ? 1432 HIS A CE1 1 
ATOM   1011 N  NE2 . HIS A 1 141 ? 12.340  3.948   23.505  1.00 14.53 ? 1432 HIS A NE2 1 
ATOM   1012 N  N   . LYS A 1 142 ? 13.317  9.164   21.785  1.00 17.58 ? 1433 LYS A N   1 
ATOM   1013 C  CA  . LYS A 1 142 ? 14.777  9.462   21.774  1.00 19.67 ? 1433 LYS A CA  1 
ATOM   1014 C  C   . LYS A 1 142 ? 15.064  10.883  22.288  1.00 20.70 ? 1433 LYS A C   1 
ATOM   1015 O  O   . LYS A 1 142 ? 16.247  11.317  22.194  1.00 23.65 ? 1433 LYS A O   1 
ATOM   1016 C  CB  . LYS A 1 142 ? 15.308  9.262   20.347  1.00 21.57 ? 1433 LYS A CB  1 
ATOM   1017 C  CG  . LYS A 1 142 ? 15.133  7.847   19.809  1.00 22.02 ? 1433 LYS A CG  1 
ATOM   1018 C  CD  . LYS A 1 142 ? 15.108  7.719   18.300  1.00 22.80 ? 1433 LYS A CD  1 
ATOM   1019 C  CE  . LYS A 1 142 ? 14.379  6.474   17.850  1.00 22.79 ? 1433 LYS A CE  1 
ATOM   1020 N  NZ  . LYS A 1 142 ? 13.280  6.143   18.786  1.00 18.98 ? 1433 LYS A NZ  1 
ATOM   1021 N  N   . ARG A 1 143 ? 14.076  11.577  22.854  1.00 20.68 ? 1434 ARG A N   1 
ATOM   1022 C  CA  . ARG A 1 143 ? 14.200  13.016  23.229  1.00 22.79 ? 1434 ARG A CA  1 
ATOM   1023 C  C   . ARG A 1 143 ? 15.348  13.297  24.227  1.00 29.62 ? 1434 ARG A C   1 
ATOM   1024 O  O   . ARG A 1 143 ? 15.862  14.438  24.225  1.00 32.40 ? 1434 ARG A O   1 
ATOM   1025 C  CB  . ARG A 1 143 ? 12.879  13.576  23.747  1.00 20.54 ? 1434 ARG A CB  1 
ATOM   1026 C  CG  . ARG A 1 143 ? 12.494  13.072  25.126  1.00 18.60 ? 1434 ARG A CG  1 
ATOM   1027 C  CD  . ARG A 1 143 ? 11.064  13.382  25.421  1.00 19.45 ? 1434 ARG A CD  1 
ATOM   1028 N  NE  . ARG A 1 143 ? 10.698  12.933  26.740  1.00 19.01 ? 1434 ARG A NE  1 
ATOM   1029 C  CZ  . ARG A 1 143 ? 10.403  11.718  27.107  1.00 19.51 ? 1434 ARG A CZ  1 
ATOM   1030 N  NH1 . ARG A 1 143 ? 10.409  10.721  26.247  1.00 15.74 ? 1434 ARG A NH1 1 
ATOM   1031 N  NH2 . ARG A 1 143 ? 10.008  11.486  28.355  1.00 21.71 ? 1434 ARG A NH2 1 
ATOM   1032 N  N   . ASN A 1 144 ? 15.653  12.342  25.108  1.00 27.58 ? 1435 ASN A N   1 
ATOM   1033 C  CA  . ASN A 1 144 ? 16.697  12.462  26.166  1.00 30.75 ? 1435 ASN A CA  1 
ATOM   1034 C  C   . ASN A 1 144 ? 17.870  11.541  25.810  1.00 32.99 ? 1435 ASN A C   1 
ATOM   1035 O  O   . ASN A 1 144 ? 17.934  10.441  26.404  1.00 35.58 ? 1435 ASN A O   1 
ATOM   1036 C  CB  . ASN A 1 144 ? 16.151  12.124  27.560  1.00 31.03 ? 1435 ASN A CB  1 
ATOM   1037 C  CG  . ASN A 1 144 ? 15.037  13.045  28.012  1.00 30.65 ? 1435 ASN A CG  1 
ATOM   1038 O  OD1 . ASN A 1 144 ? 15.154  14.266  27.927  1.00 31.09 ? 1435 ASN A OD1 1 
ATOM   1039 N  ND2 . ASN A 1 144 ? 13.952  12.469  28.504  1.00 27.87 ? 1435 ASN A ND2 1 
HETATM 1040 N  N1  . ZMN B 2 .   ? -5.576  -8.226  -11.375 0.50 25.39 ? 1901 ZMN A N1  1 
HETATM 1041 N  N3  . ZMN B 2 .   ? -2.488  -5.070  -13.549 0.50 21.72 ? 1901 ZMN A N3  1 
HETATM 1042 C  C4  . ZMN B 2 .   ? -10.643 -12.608 -7.560  0.50 40.31 ? 1901 ZMN A C4  1 
HETATM 1043 C  C5  . ZMN B 2 .   ? -9.734  -11.677 -8.021  0.50 39.98 ? 1901 ZMN A C5  1 
HETATM 1044 C  C6  . ZMN B 2 .   ? -8.567  -12.119 -8.623  0.50 39.46 ? 1901 ZMN A C6  1 
HETATM 1045 C  C7  . ZMN B 2 .   ? -8.104  -10.273 -10.074 0.50 34.62 ? 1901 ZMN A C7  1 
HETATM 1046 C  C8  . ZMN B 2 .   ? -7.055  -10.185 -11.145 0.50 32.69 ? 1901 ZMN A C8  1 
HETATM 1047 C  C10 . ZMN B 2 .   ? -5.022  -8.192  -12.549 0.50 24.28 ? 1901 ZMN A C10 1 
HETATM 1048 C  C13 . ZMN B 2 .   ? -2.590  -6.230  -14.431 0.50 22.63 ? 1901 ZMN A C13 1 
HETATM 1049 C  C15 . ZMN B 2 .   ? -2.396  -3.779  -13.878 0.50 21.19 ? 1901 ZMN A C15 1 
HETATM 1050 C  C17 . ZMN B 2 .   ? -2.451  -1.982  -15.658 0.50 22.43 ? 1901 ZMN A C17 1 
HETATM 1051 C  C20 . ZMN B 2 .   ? -8.312  -13.473 -8.766  0.50 40.41 ? 1901 ZMN A C20 1 
HETATM 1052 C  C1  . ZMN B 2 .   ? -8.958  -15.886 -8.454  0.50 41.61 ? 1901 ZMN A C1  1 
HETATM 1053 C  C11 . ZMN B 2 .   ? -4.013  -6.015  -11.934 0.50 21.32 ? 1901 ZMN A C11 1 
HETATM 1054 C  C12 . ZMN B 2 .   ? -2.621  -5.464  -12.148 0.50 21.89 ? 1901 ZMN A C12 1 
HETATM 1055 C  C14 . ZMN B 2 .   ? -3.981  -6.817  -14.288 0.50 23.15 ? 1901 ZMN A C14 1 
HETATM 1056 C  C16 . ZMN B 2 .   ? -2.737  -3.205  -15.165 0.50 22.55 ? 1901 ZMN A C16 1 
HETATM 1057 C  C18 . ZMN B 2 .   ? -3.068  -1.885  -16.909 0.50 22.45 ? 1901 ZMN A C18 1 
HETATM 1058 C  C19 . ZMN B 2 .   ? -3.687  -3.043  -17.129 0.50 24.96 ? 1901 ZMN A C19 1 
HETATM 1059 C  C2  . ZMN B 2 .   ? -9.230  -14.412 -8.305  0.50 41.04 ? 1901 ZMN A C2  1 
HETATM 1060 C  C3  . ZMN B 2 .   ? -10.385 -13.959 -7.702  0.50 41.13 ? 1901 ZMN A C3  1 
HETATM 1061 C  C9  . ZMN B 2 .   ? -5.805  -9.478  -10.663 0.50 29.37 ? 1901 ZMN A C9  1 
HETATM 1062 N  N2  . ZMN B 2 .   ? -4.336  -7.082  -12.889 0.50 22.94 ? 1901 ZMN A N2  1 
HETATM 1063 O  O1  . ZMN B 2 .   ? -7.657  -11.203 -9.086  0.50 36.78 ? 1901 ZMN A O1  1 
HETATM 1064 O  O2  . ZMN B 2 .   ? -5.113  -9.156  -13.321 0.50 22.00 ? 1901 ZMN A O2  1 
HETATM 1065 O  O3  . ZMN B 2 .   ? -2.143  -2.987  -12.982 0.50 19.47 ? 1901 ZMN A O3  1 
HETATM 1066 O  O4  . ZMN B 2 .   ? -3.511  -3.891  -16.071 0.50 22.49 ? 1901 ZMN A O4  1 
HETATM 1067 BR BR1 . ZMN B 2 .   ? -4.707  -3.646  -18.549 0.50 38.93 ? 1901 ZMN A BR1 1 
HETATM 1068 O  O   . HOH C 3 .   ? 7.569   -14.382 -18.340 1.00 35.02 ? 2001 HOH A O   1 
HETATM 1069 O  O   . HOH C 3 .   ? -4.990  -11.433 -13.155 0.50 28.29 ? 2002 HOH A O   1 
HETATM 1070 O  O   . HOH C 3 .   ? -9.733  -15.674 -15.493 1.00 53.75 ? 2003 HOH A O   1 
HETATM 1071 O  O   . HOH C 3 .   ? 15.014  -2.482  15.125  1.00 39.53 ? 2004 HOH A O   1 
HETATM 1072 O  O   . HOH C 3 .   ? 8.967   0.710   15.479  1.00 32.85 ? 2005 HOH A O   1 
HETATM 1073 O  O   . HOH C 3 .   ? -13.486 -5.611  -10.533 1.00 32.79 ? 2006 HOH A O   1 
HETATM 1074 O  O   . HOH C 3 .   ? 13.754  9.960   28.466  1.00 44.65 ? 2007 HOH A O   1 
HETATM 1075 O  O   . HOH C 3 .   ? -0.385  8.262   20.376  1.00 21.49 ? 2008 HOH A O   1 
HETATM 1076 O  O   . HOH C 3 .   ? -4.064  -13.995 -2.051  0.50 29.23 ? 2009 HOH A O   1 
HETATM 1077 O  O   . HOH C 3 .   ? 7.010   -0.710  -18.564 1.00 19.33 ? 2010 HOH A O   1 
HETATM 1078 O  O   . HOH C 3 .   ? -11.630 3.391   -14.117 1.00 28.21 ? 2011 HOH A O   1 
HETATM 1079 O  O   . HOH C 3 .   ? 3.508   17.049  24.060  0.48 24.59 ? 2012 HOH A O   1 
HETATM 1080 O  O   . HOH C 3 .   ? 1.808   -6.712  -8.917  1.00 15.93 ? 2013 HOH A O   1 
HETATM 1081 O  O   . HOH C 3 .   ? -8.718  6.851   -18.013 1.00 35.32 ? 2014 HOH A O   1 
HETATM 1082 O  O   . HOH C 3 .   ? -8.882  -10.792 -14.072 1.00 31.64 ? 2015 HOH A O   1 
HETATM 1083 O  O   . HOH C 3 .   ? 0.852   -9.770  14.409  1.00 15.92 ? 2016 HOH A O   1 
HETATM 1084 O  O   . HOH C 3 .   ? 5.333   -8.113  -23.232 0.50 18.20 ? 2017 HOH A O   1 
HETATM 1085 O  O   . HOH C 3 .   ? 7.658   -6.798  2.412   1.00 37.86 ? 2018 HOH A O   1 
HETATM 1086 O  O   . HOH C 3 .   ? -5.245  8.427   8.435   1.00 27.85 ? 2019 HOH A O   1 
HETATM 1087 O  O   . HOH C 3 .   ? 6.121   15.648  18.087  1.00 22.12 ? 2020 HOH A O   1 
HETATM 1088 O  O   . HOH C 3 .   ? -3.321  -7.130  8.520   0.50 17.93 ? 2021 HOH A O   1 
HETATM 1089 O  O   . HOH C 3 .   ? -0.496  9.133   -15.380 1.00 30.85 ? 2022 HOH A O   1 
HETATM 1090 O  O   . HOH C 3 .   ? 0.849   5.752   -3.706  1.00 17.28 ? 2023 HOH A O   1 
HETATM 1091 O  O   . HOH C 3 .   ? -1.053  -5.863  -8.013  1.00 18.18 ? 2024 HOH A O   1 
HETATM 1092 O  O   . HOH C 3 .   ? 14.091  16.254  26.483  1.00 42.73 ? 2025 HOH A O   1 
HETATM 1093 O  O   . HOH C 3 .   ? 6.681   -10.398 -4.479  1.00 27.75 ? 2026 HOH A O   1 
HETATM 1094 O  O   . HOH C 3 .   ? 14.320  9.665   25.756  1.00 34.96 ? 2027 HOH A O   1 
HETATM 1095 O  O   . HOH C 3 .   ? 11.602  1.528   8.645   1.00 26.90 ? 2028 HOH A O   1 
HETATM 1096 O  O   . HOH C 3 .   ? 7.261   -10.108 -23.393 1.00 28.37 ? 2029 HOH A O   1 
HETATM 1097 O  O   . HOH C 3 .   ? 0.395   -4.424  -12.079 1.00 15.14 ? 2030 HOH A O   1 
HETATM 1098 O  O   . HOH C 3 .   ? 1.359   14.242  13.292  1.00 30.64 ? 2031 HOH A O   1 
HETATM 1099 O  O   . HOH C 3 .   ? -6.182  14.735  -0.509  1.00 22.02 ? 2032 HOH A O   1 
HETATM 1100 O  O   . HOH C 3 .   ? -1.970  13.800  2.885   1.00 28.92 ? 2033 HOH A O   1 
HETATM 1101 O  O   . HOH C 3 .   ? -9.914  -10.141 -1.121  0.50 22.42 ? 2034 HOH A O   1 
HETATM 1102 O  O   . HOH C 3 .   ? 1.113   10.590  1.749   1.00 16.00 ? 2035 HOH A O   1 
HETATM 1103 O  O   . HOH C 3 .   ? 1.484   -10.039 -5.854  1.00 18.60 ? 2036 HOH A O   1 
HETATM 1104 O  O   . HOH C 3 .   ? 8.478   6.759   24.355  1.00 13.86 ? 2037 HOH A O   1 
HETATM 1105 O  O   . HOH C 3 .   ? 7.190   -1.148  -9.986  1.00 16.44 ? 2038 HOH A O   1 
HETATM 1106 O  O   . HOH C 3 .   ? -7.320  -9.016  -7.442  0.50 13.92 ? 2039 HOH A O   1 
HETATM 1107 O  O   . HOH C 3 .   ? 11.563  2.589   12.564  1.00 25.78 ? 2040 HOH A O   1 
HETATM 1108 O  O   . HOH C 3 .   ? 7.587   1.546   -6.195  1.00 15.25 ? 2041 HOH A O   1 
HETATM 1109 O  O   . HOH C 3 .   ? -10.421 10.573  -0.637  1.00 13.88 ? 2042 HOH A O   1 
HETATM 1110 O  O   . HOH C 3 .   ? 7.169   7.881   22.171  1.00 14.33 ? 2043 HOH A O   1 
HETATM 1111 O  O   . HOH C 3 .   ? -6.985  -5.115  7.359   1.00 26.73 ? 2044 HOH A O   1 
HETATM 1112 O  O   . HOH C 3 .   ? -2.805  -5.349  15.652  1.00 27.46 ? 2045 HOH A O   1 
HETATM 1113 O  O   . HOH C 3 .   ? 5.381   -13.614 -17.450 1.00 30.52 ? 2046 HOH A O   1 
HETATM 1114 O  O   . HOH C 3 .   ? -1.555  -0.693  16.813  1.00 12.55 ? 2047 HOH A O   1 
HETATM 1115 O  O   . HOH C 3 .   ? 7.997   1.015   -3.581  1.00 14.53 ? 2048 HOH A O   1 
HETATM 1116 O  O   . HOH C 3 .   ? -13.503 6.030   -6.959  0.48 15.19 ? 2049 HOH A O   1 
HETATM 1117 O  O   . HOH C 3 .   ? -3.097  -7.538  -8.543  1.00 14.42 ? 2050 HOH A O   1 
HETATM 1118 O  O   . HOH C 3 .   ? 4.208   4.217   -6.674  1.00 12.91 ? 2051 HOH A O   1 
HETATM 1119 O  O   . HOH C 3 .   ? 0.693   7.090   -7.625  1.00 26.39 ? 2052 HOH A O   1 
HETATM 1120 O  O   . HOH C 3 .   ? 3.557   12.179  6.253   1.00 18.33 ? 2053 HOH A O   1 
HETATM 1121 O  O   . HOH C 3 .   ? -2.866  9.432   -7.908  1.00 22.23 ? 2054 HOH A O   1 
HETATM 1122 O  O   . HOH C 3 .   ? -7.793  7.928   -12.520 1.00 16.35 ? 2055 HOH A O   1 
HETATM 1123 O  O   . HOH C 3 .   ? -0.272  3.676   -10.575 1.00 14.04 ? 2056 HOH A O   1 
HETATM 1124 O  O   . HOH C 3 .   ? 1.111   6.212   13.656  1.00 11.86 ? 2057 HOH A O   1 
HETATM 1125 O  O   . HOH C 3 .   ? -3.532  11.679  6.797   1.00 18.48 ? 2058 HOH A O   1 
HETATM 1126 O  O   . HOH C 3 .   ? -13.402 -6.690  -0.462  0.50 18.12 ? 2059 HOH A O   1 
HETATM 1127 O  O   . HOH C 3 .   ? 8.943   -3.141  -1.789  1.00 26.57 ? 2060 HOH A O   1 
HETATM 1128 O  O   . HOH C 3 .   ? 6.007   -9.509  2.245   1.00 26.02 ? 2061 HOH A O   1 
HETATM 1129 O  O   . HOH C 3 .   ? 14.476  13.299  19.497  1.00 24.80 ? 2062 HOH A O   1 
HETATM 1130 O  O   . HOH C 3 .   ? -3.817  2.644   16.760  1.00 21.29 ? 2063 HOH A O   1 
HETATM 1131 O  O   . HOH C 3 .   ? 8.527   -6.998  5.307   1.00 22.86 ? 2064 HOH A O   1 
HETATM 1132 O  O   . HOH C 3 .   ? 1.535   -11.805 -10.032 1.00 23.21 ? 2065 HOH A O   1 
HETATM 1133 O  O   . HOH C 3 .   ? -6.511  4.407   9.691   1.00 24.48 ? 2066 HOH A O   1 
HETATM 1134 O  O   . HOH C 3 .   ? 10.297  7.640   5.134   1.00 24.41 ? 2067 HOH A O   1 
HETATM 1135 O  O   . HOH C 3 .   ? -3.847  14.122  3.753   1.00 24.03 ? 2068 HOH A O   1 
HETATM 1136 O  O   . HOH C 3 .   ? -0.245  -13.549 13.176  1.00 41.06 ? 2069 HOH A O   1 
HETATM 1137 O  O   . HOH C 3 .   ? -1.698  -7.937  -21.798 1.00 46.82 ? 2070 HOH A O   1 
HETATM 1138 O  O   . HOH C 3 .   ? 7.482   10.972  6.001   1.00 29.50 ? 2071 HOH A O   1 
HETATM 1139 O  O   . HOH C 3 .   ? -2.855  4.745   20.883  1.00 39.60 ? 2072 HOH A O   1 
HETATM 1140 O  O   . HOH C 3 .   ? 0.852   14.600  8.286   1.00 21.55 ? 2073 HOH A O   1 
HETATM 1141 O  O   . HOH C 3 .   ? 10.489  -11.196 -13.217 1.00 27.67 ? 2074 HOH A O   1 
HETATM 1142 O  O   . HOH C 3 .   ? 8.691   -2.981  2.382   1.00 20.99 ? 2075 HOH A O   1 
HETATM 1143 O  O   . HOH C 3 .   ? 9.651   15.800  17.237  1.00 17.54 ? 2076 HOH A O   1 
HETATM 1144 O  O   . HOH C 3 .   ? 5.166   -12.150 5.852   1.00 33.38 ? 2077 HOH A O   1 
HETATM 1145 O  O   . HOH C 3 .   ? -9.824  12.774  3.932   1.00 24.86 ? 2078 HOH A O   1 
HETATM 1146 O  O   . HOH C 3 .   ? 6.514   -14.983 9.010   1.00 32.18 ? 2079 HOH A O   1 
HETATM 1147 O  O   . HOH C 3 .   ? -19.656 -3.154  -4.863  1.00 20.90 ? 2080 HOH A O   1 
HETATM 1148 O  O   . HOH C 3 .   ? 3.613   1.595   -19.339 1.00 18.19 ? 2081 HOH A O   1 
HETATM 1149 O  O   . HOH C 3 .   ? -9.771  8.323   -4.653  1.00 18.05 ? 2082 HOH A O   1 
HETATM 1150 O  O   . HOH C 3 .   ? 7.234   8.525   2.300   1.00 29.53 ? 2083 HOH A O   1 
HETATM 1151 O  O   . HOH C 3 .   ? -13.190 -4.184  4.291   1.00 26.41 ? 2084 HOH A O   1 
HETATM 1152 O  O   . HOH C 3 .   ? 11.411  9.413   13.725  1.00 17.05 ? 2085 HOH A O   1 
HETATM 1153 O  O   . HOH C 3 .   ? 12.557  -10.820 -9.476  1.00 38.60 ? 2086 HOH A O   1 
HETATM 1154 O  O   . HOH C 3 .   ? -0.321  -3.750  -9.581  1.00 16.58 ? 2087 HOH A O   1 
HETATM 1155 O  O   . HOH C 3 .   ? -3.711  12.261  -2.304  1.00 22.25 ? 2088 HOH A O   1 
HETATM 1156 O  O   . HOH C 3 .   ? 1.380   7.832   -11.992 1.00 25.61 ? 2089 HOH A O   1 
HETATM 1157 O  O   . HOH C 3 .   ? -13.902 1.184   -10.566 1.00 31.12 ? 2090 HOH A O   1 
HETATM 1158 O  O   . HOH C 3 .   ? 0.576   -6.847  17.270  1.00 17.74 ? 2091 HOH A O   1 
HETATM 1159 O  O   . HOH C 3 .   ? 8.408   4.286   2.592   1.00 19.29 ? 2092 HOH A O   1 
HETATM 1160 O  O   . HOH C 3 .   ? -17.601 -2.601  -2.765  1.00 23.70 ? 2093 HOH A O   1 
HETATM 1161 O  O   . HOH C 3 .   ? -10.458 8.893   -12.576 1.00 15.54 ? 2094 HOH A O   1 
HETATM 1162 O  O   . HOH C 3 .   ? 3.755   -6.151  11.012  1.00 11.67 ? 2095 HOH A O   1 
HETATM 1163 O  O   . HOH C 3 .   ? -1.295  9.474   -5.610  1.00 20.74 ? 2096 HOH A O   1 
HETATM 1164 O  O   . HOH C 3 .   ? 6.217   2.598   -12.615 1.00 20.87 ? 2097 HOH A O   1 
HETATM 1165 O  O   . HOH C 3 .   ? 8.411   -4.723  -9.827  1.00 17.79 ? 2098 HOH A O   1 
HETATM 1166 O  O   . HOH C 3 .   ? -4.753  5.288   16.888  1.00 37.48 ? 2099 HOH A O   1 
HETATM 1167 O  O   . HOH C 3 .   ? 1.376   7.618   17.496  1.00 17.54 ? 2100 HOH A O   1 
HETATM 1168 O  O   . HOH C 3 .   ? 2.834   -12.912 -1.929  1.00 36.88 ? 2101 HOH A O   1 
HETATM 1169 O  O   . HOH C 3 .   ? -0.501  -13.316 8.325   0.50 16.58 ? 2102 HOH A O   1 
HETATM 1170 O  O   . HOH C 3 .   ? 13.783  1.511   -1.694  1.00 31.67 ? 2103 HOH A O   1 
HETATM 1171 O  O   . HOH C 3 .   ? 8.471   -12.541 5.891   1.00 29.24 ? 2104 HOH A O   1 
HETATM 1172 O  O   . HOH C 3 .   ? 9.136   8.154   26.589  1.00 19.50 ? 2105 HOH A O   1 
HETATM 1173 O  O   . HOH C 3 .   ? -14.093 -3.174  -9.416  1.00 21.53 ? 2106 HOH A O   1 
HETATM 1174 O  O   . HOH C 3 .   ? -11.741 0.456   8.470   1.00 28.79 ? 2107 HOH A O   1 
HETATM 1175 O  O   . HOH C 3 .   ? -10.282 5.098   -5.010  1.00 22.65 ? 2108 HOH A O   1 
HETATM 1176 O  O   . HOH C 3 .   ? -1.149  7.912   16.325  1.00 19.00 ? 2109 HOH A O   1 
HETATM 1177 O  O   . HOH C 3 .   ? 12.249  11.672  12.426  1.00 16.90 ? 2110 HOH A O   1 
HETATM 1178 O  O   . HOH C 3 .   ? -0.857  0.896   19.798  1.00 17.03 ? 2111 HOH A O   1 
HETATM 1179 O  O   . HOH C 3 .   ? 12.468  -9.486  -19.188 1.00 36.50 ? 2112 HOH A O   1 
HETATM 1180 O  O   . HOH C 3 .   ? -16.350 1.864   -3.971  1.00 24.91 ? 2113 HOH A O   1 
HETATM 1181 O  O   . HOH C 3 .   ? 2.228   9.760   -15.595 1.00 35.35 ? 2114 HOH A O   1 
HETATM 1182 O  O   . HOH C 3 .   ? -13.614 2.681   -5.270  0.50 16.12 ? 2115 HOH A O   1 
HETATM 1183 O  O   . HOH C 3 .   ? 8.351   14.298  19.086  1.00 13.94 ? 2116 HOH A O   1 
HETATM 1184 O  O   . HOH C 3 .   ? -12.739 -9.508  -3.956  1.00 31.34 ? 2117 HOH A O   1 
HETATM 1185 O  O   . HOH C 3 .   ? 8.615   -6.363  -0.844  1.00 36.62 ? 2118 HOH A O   1 
HETATM 1186 O  O   . HOH C 3 .   ? -7.808  -8.388  -14.791 0.50 24.41 ? 2119 HOH A O   1 
HETATM 1187 O  O   . HOH C 3 .   ? 7.682   -1.102  18.706  1.00 21.02 ? 2120 HOH A O   1 
HETATM 1188 O  O   . HOH C 3 .   ? -0.128  9.822   23.273  0.48 25.41 ? 2121 HOH A O   1 
HETATM 1189 O  O   . HOH C 3 .   ? 6.184   -14.046 11.578  0.48 16.88 ? 2122 HOH A O   1 
HETATM 1190 O  O   . HOH C 3 .   ? -9.562  -8.593  -10.817 1.00 27.75 ? 2123 HOH A O   1 
HETATM 1191 O  O   . HOH C 3 .   ? -1.209  -13.153 -0.869  1.00 36.50 ? 2124 HOH A O   1 
HETATM 1192 O  O   . HOH C 3 .   ? 0.860   -9.398  -8.465  1.00 18.25 ? 2125 HOH A O   1 
HETATM 1193 O  O   . HOH C 3 .   ? 3.524   -16.975 -19.081 1.00 29.83 ? 2126 HOH A O   1 
HETATM 1194 O  O   . HOH C 3 .   ? 2.639   4.785   15.616  1.00 12.21 ? 2127 HOH A O   1 
HETATM 1195 O  O   . HOH C 3 .   ? -1.160  -15.986 -10.785 1.00 38.11 ? 2128 HOH A O   1 
HETATM 1196 O  O   . HOH C 3 .   ? -15.670 -1.736  -10.809 1.00 31.96 ? 2129 HOH A O   1 
HETATM 1197 O  O   . HOH C 3 .   ? 2.694   -2.098  16.458  1.00 15.09 ? 2130 HOH A O   1 
HETATM 1198 O  O   . HOH C 3 .   ? 2.271   4.244   -17.375 0.50 30.21 ? 2131 HOH A O   1 
HETATM 1199 O  O   . HOH C 3 .   ? 5.381   10.317  2.168   1.00 22.51 ? 2132 HOH A O   1 
HETATM 1200 O  O   . HOH C 3 .   ? -11.311 -8.904  3.011   1.00 27.61 ? 2133 HOH A O   1 
HETATM 1201 O  O   . HOH C 3 .   ? 14.727  6.485   16.172  0.50 22.70 ? 2134 HOH A O   1 
HETATM 1202 O  O   . HOH C 3 .   ? -4.769  -11.187 3.398   1.00 33.02 ? 2135 HOH A O   1 
HETATM 1203 O  O   . HOH C 3 .   ? -7.178  -10.181 2.421   1.00 33.67 ? 2136 HOH A O   1 
HETATM 1204 O  O   . HOH C 3 .   ? -7.452  -1.718  -18.294 0.50 18.85 ? 2137 HOH A O   1 
HETATM 1205 O  O   . HOH C 3 .   ? -2.080  14.354  7.228   1.00 29.66 ? 2138 HOH A O   1 
HETATM 1206 O  O   . HOH C 3 .   ? 5.447   -1.310  16.438  1.00 18.62 ? 2139 HOH A O   1 
HETATM 1207 O  O   . HOH C 3 .   ? 13.053  -0.849  9.585   1.00 27.16 ? 2140 HOH A O   1 
HETATM 1208 O  O   . HOH C 3 .   ? 1.109   15.950  4.267   1.00 42.42 ? 2141 HOH A O   1 
HETATM 1209 O  O   . HOH C 3 .   ? -8.246  -3.571  13.137  1.00 37.35 ? 2142 HOH A O   1 
HETATM 1210 O  O   . HOH C 3 .   ? -16.026 -6.882  -4.223  0.50 25.28 ? 2143 HOH A O   1 
HETATM 1211 O  O   . HOH C 3 .   ? -15.924 -4.346  -3.485  1.00 35.43 ? 2144 HOH A O   1 
HETATM 1212 O  O   . HOH C 3 .   ? -13.830 2.856   1.619   1.00 33.66 ? 2145 HOH A O   1 
HETATM 1213 O  O   . HOH C 3 .   ? -2.436  8.625   12.367  1.00 29.51 ? 2146 HOH A O   1 
HETATM 1214 O  O   . HOH C 3 .   ? 5.538   7.709   -17.506 0.50 23.21 ? 2147 HOH A O   1 
HETATM 1215 O  O   . HOH C 3 .   ? -17.397 -1.684  -14.100 0.50 17.63 ? 2148 HOH A O   1 
HETATM 1216 O  O   . HOH C 3 .   ? 8.131   4.518   -0.168  1.00 15.16 ? 2149 HOH A O   1 
HETATM 1217 O  O   . HOH C 3 .   ? 2.817   14.093  3.595   1.00 36.10 ? 2150 HOH A O   1 
HETATM 1218 O  O   . HOH C 3 .   ? 9.606   -4.234  -12.297 1.00 31.67 ? 2151 HOH A O   1 
HETATM 1219 O  O   . HOH C 3 .   ? -8.266  -7.304  -12.839 1.00 21.64 ? 2152 HOH A O   1 
HETATM 1220 O  O   . HOH C 3 .   ? -7.447  -14.947 -4.896  0.50 36.96 ? 2153 HOH A O   1 
HETATM 1221 O  O   . HOH C 3 .   ? -15.846 -6.576  -1.721  1.00 25.21 ? 2154 HOH A O   1 
HETATM 1222 O  O   . HOH C 3 .   ? -14.437 -5.143  2.360   0.50 28.16 ? 2155 HOH A O   1 
HETATM 1223 O  O   . HOH C 3 .   ? 10.934  1.553   4.319   1.00 30.18 ? 2156 HOH A O   1 
HETATM 1224 O  O   . HOH C 3 .   ? -1.943  13.201  -0.014  1.00 37.41 ? 2157 HOH A O   1 
HETATM 1225 O  O   . HOH C 3 .   ? 3.718   4.812   -9.353  1.00 15.21 ? 2158 HOH A O   1 
HETATM 1226 O  O   . HOH C 3 .   ? 10.365  14.850  21.089  1.00 14.76 ? 2159 HOH A O   1 
HETATM 1227 O  O   . HOH C 3 .   ? -15.140 3.834   -6.805  1.00 40.23 ? 2160 HOH A O   1 
HETATM 1228 O  O   . HOH C 3 .   ? -14.289 -1.038  6.130   1.00 38.88 ? 2161 HOH A O   1 
HETATM 1229 O  O   . HOH C 3 .   ? -6.848  8.852   -14.910 1.00 23.24 ? 2162 HOH A O   1 
HETATM 1230 O  O   . HOH C 3 .   ? 12.235  8.184   9.412   1.00 35.60 ? 2163 HOH A O   1 
HETATM 1231 O  O   . HOH C 3 .   ? 13.551  8.844   15.469  1.00 28.17 ? 2164 HOH A O   1 
HETATM 1232 O  O   . HOH C 3 .   ? 6.418   3.072   -15.841 0.50 30.53 ? 2165 HOH A O   1 
HETATM 1233 O  O   . HOH C 3 .   ? -7.001  10.801  -8.447  1.00 27.51 ? 2166 HOH A O   1 
HETATM 1234 O  O   . HOH C 3 .   ? -0.446  14.140  17.154  1.00 38.59 ? 2167 HOH A O   1 
HETATM 1235 O  O   . HOH C 3 .   ? 10.488  -3.456  -8.199  1.00 31.79 ? 2168 HOH A O   1 
HETATM 1236 O  O   . HOH C 3 .   ? 12.923  15.523  20.197  1.00 34.79 ? 2169 HOH A O   1 
HETATM 1237 O  O   . HOH C 3 .   ? -15.922 -9.039  -2.898  1.00 26.03 ? 2170 HOH A O   1 
HETATM 1238 O  O   . HOH C 3 .   ? 3.171   11.322  3.474   1.00 17.39 ? 2171 HOH A O   1 
HETATM 1239 O  O   . HOH C 3 .   ? 11.333  6.639   27.300  1.00 32.87 ? 2172 HOH A O   1 
HETATM 1240 O  O   . HOH C 3 .   ? 2.854   6.249   -5.459  1.00 20.37 ? 2173 HOH A O   1 
HETATM 1241 O  O   . HOH C 3 .   ? 6.897   7.924   -3.787  0.50 23.65 ? 2174 HOH A O   1 
HETATM 1242 O  O   . HOH C 3 .   ? 12.666  0.206   -4.074  1.00 27.04 ? 2175 HOH A O   1 
HETATM 1243 O  O   . HOH C 3 .   ? -0.005  15.778  11.288  1.00 28.37 ? 2176 HOH A O   1 
HETATM 1244 O  O   . HOH C 3 .   ? -12.141 -4.430  15.888  1.00 46.45 ? 2177 HOH A O   1 
HETATM 1245 O  O   . HOH C 3 .   ? -14.456 -4.124  8.784   1.00 34.18 ? 2178 HOH A O   1 
HETATM 1246 O  O   . HOH C 3 .   ? -13.510 -2.510  11.661  1.00 33.69 ? 2179 HOH A O   1 
HETATM 1247 O  O   . HOH C 3 .   ? 6.938   4.317   -6.323  0.50 12.70 ? 2180 HOH A O   1 
HETATM 1248 O  O   . HOH C 3 .   ? 7.626   6.541   3.913   1.00 25.92 ? 2181 HOH A O   1 
HETATM 1249 O  O   . HOH C 3 .   ? -6.613  10.141  -10.848 1.00 34.33 ? 2182 HOH A O   1 
HETATM 1250 O  O   . HOH C 3 .   ? -6.332  13.154  9.844   1.00 33.57 ? 2183 HOH A O   1 
HETATM 1251 O  O   . HOH C 3 .   ? 9.813   -1.141  -3.674  1.00 22.70 ? 2184 HOH A O   1 
HETATM 1252 O  O   . HOH C 3 .   ? -10.582 -10.399 1.035   0.50 25.26 ? 2185 HOH A O   1 
HETATM 1253 O  O   . HOH C 3 .   ? -6.836  -15.981 -10.876 0.50 30.86 ? 2186 HOH A O   1 
HETATM 1254 O  O   . HOH C 3 .   ? 1.230   5.873   -9.928  1.00 14.58 ? 2187 HOH A O   1 
HETATM 1255 O  O   . HOH C 3 .   ? -1.604  -3.427  17.227  1.00 20.16 ? 2188 HOH A O   1 
HETATM 1256 O  O   . HOH C 3 .   ? -6.995  6.180   7.546   1.00 27.34 ? 2189 HOH A O   1 
HETATM 1257 O  O   . HOH C 3 .   ? -3.338  0.620   18.566  1.00 23.50 ? 2190 HOH A O   1 
HETATM 1258 O  O   . HOH C 3 .   ? -17.750 -2.444  1.818   0.50 16.89 ? 2191 HOH A O   1 
HETATM 1259 O  O   . HOH C 3 .   ? 12.041  2.553   6.237   1.00 35.37 ? 2192 HOH A O   1 
HETATM 1260 O  O   . HOH C 3 .   ? 10.143  8.339   -1.653  0.50 23.95 ? 2193 HOH A O   1 
HETATM 1261 O  O   . HOH C 3 .   ? 2.803   -12.526 -5.627  1.00 32.68 ? 2194 HOH A O   1 
HETATM 1262 O  O   . HOH C 3 .   ? 9.728   9.547   1.234   1.00 45.21 ? 2195 HOH A O   1 
HETATM 1263 O  O   . HOH C 3 .   ? 0.153   10.214  -11.731 1.00 37.22 ? 2196 HOH A O   1 
HETATM 1264 O  O   . HOH C 3 .   ? -3.766  14.257  -0.925  1.00 29.53 ? 2197 HOH A O   1 
HETATM 1265 O  O   . HOH C 3 .   ? 8.743   3.552   -2.630  0.50 19.52 ? 2198 HOH A O   1 
HETATM 1266 O  O   . HOH C 3 .   ? -6.029  -1.795  -21.740 1.00 50.68 ? 2199 HOH A O   1 
HETATM 1267 O  O   . HOH C 3 .   ? -12.899 -3.056  17.945  1.00 24.18 ? 2200 HOH A O   1 
HETATM 1268 O  O   . HOH C 3 .   ? -2.680  10.146  -16.152 1.00 33.73 ? 2201 HOH A O   1 
HETATM 1269 O  O   . HOH C 3 .   ? 15.137  10.983  16.768  1.00 39.54 ? 2202 HOH A O   1 
HETATM 1270 O  O   . HOH C 3 .   ? -1.181  -15.052 -2.478  0.50 33.44 ? 2203 HOH A O   1 
HETATM 1271 O  O   . HOH C 3 .   ? 1.416   -3.933  18.547  0.50 10.06 ? 2204 HOH A O   1 
HETATM 1272 O  O   . HOH C 3 .   ? 6.399   -10.008 0.030   1.00 39.20 ? 2205 HOH A O   1 
HETATM 1273 O  O   . HOH C 3 .   ? -1.233  11.708  -4.084  1.00 30.12 ? 2206 HOH A O   1 
HETATM 1274 O  O   . HOH C 3 .   ? 14.631  12.729  13.209  1.00 29.44 ? 2207 HOH A O   1 
HETATM 1275 O  O   . HOH C 3 .   ? -4.183  15.129  9.165   1.00 33.55 ? 2208 HOH A O   1 
HETATM 1276 O  O   . HOH C 3 .   ? 4.508   -17.980 -16.795 1.00 43.12 ? 2209 HOH A O   1 
HETATM 1277 O  O   . HOH C 3 .   ? -1.889  10.835  -10.012 1.00 42.49 ? 2210 HOH A O   1 
HETATM 1278 O  O   . HOH C 3 .   ? 11.268  7.272   11.798  1.00 22.18 ? 2211 HOH A O   1 
# 
